data_5TCA
#
_entry.id   5TCA
#
_cell.length_a   99.361
_cell.length_b   143.654
_cell.length_c   347.592
_cell.angle_alpha   90.000
_cell.angle_beta   90.000
_cell.angle_gamma   90.000
#
_symmetry.space_group_name_H-M   'C 2 2 21'
#
loop_
_entity.id
_entity.type
_entity.pdbx_description
1 polymer 'Complement factor D'
2 non-polymer 1-(2-{(2S)-2-[(6-bromopyridin-2-yl)carbamoyl]-1,3-thiazolidin-3-yl}-2-oxoethyl)-1H-pyrazolo[3,4-b]pyridine-3-carboxamide
3 water water
#
_entity_poly.entity_id   1
_entity_poly.type   'polypeptide(L)'
_entity_poly.pdbx_seq_one_letter_code
;ILGGREAEAHARPYMASVQLNGAHLCGGVLVAEQWVLSAAHCLEDAADGKVQVLLGAHSLSQPEPSKRLYDVLRAVPHPD
SQPDTIDHDLLLLQLSEKATLGPAVRPLPWQRVDRDVAPGTLCDVAGWGIVNHAGRRPDSLQHVLLPVLDRATCNRRTHH
DGAITERLMCAESNRRDSCKGDSGGPLVCGGVLEGVVTSGSRVCGNRKKPGIYTRVASYAAWIDSVLA
;
_entity_poly.pdbx_strand_id   A,B,C,D,E,F,G
#
# COMPACT_ATOMS: atom_id res chain seq x y z
N ILE A 1 35.62 16.46 -7.85
CA ILE A 1 34.76 17.33 -7.07
C ILE A 1 33.38 17.37 -7.76
N LEU A 2 32.35 16.83 -7.08
CA LEU A 2 30.97 16.83 -7.57
C LEU A 2 30.31 18.17 -7.20
N GLY A 3 29.59 18.79 -8.12
CA GLY A 3 28.91 20.07 -7.86
C GLY A 3 29.80 21.28 -7.59
N GLY A 4 31.00 21.26 -8.16
CA GLY A 4 31.95 22.33 -7.97
C GLY A 4 32.07 23.27 -9.14
N ARG A 5 33.11 24.07 -9.06
CA ARG A 5 33.45 25.13 -9.97
C ARG A 5 34.90 24.95 -10.37
N GLU A 6 35.30 25.41 -11.56
CA GLU A 6 36.72 25.36 -11.90
C GLU A 6 37.38 26.42 -11.06
N ALA A 7 38.46 26.07 -10.40
CA ALA A 7 39.19 26.98 -9.52
C ALA A 7 39.94 28.03 -10.32
N GLU A 8 40.20 29.19 -9.70
CA GLU A 8 41.01 30.27 -10.28
C GLU A 8 42.43 29.73 -10.40
N ALA A 9 43.00 29.72 -11.62
CA ALA A 9 44.34 29.18 -11.87
C ALA A 9 45.39 29.71 -10.89
N HIS A 10 46.14 28.77 -10.28
CA HIS A 10 47.24 29.00 -9.34
C HIS A 10 46.86 29.85 -8.10
N ALA A 11 45.57 29.85 -7.71
CA ALA A 11 45.09 30.57 -6.52
C ALA A 11 45.31 29.74 -5.25
N ARG A 12 45.59 28.43 -5.43
CA ARG A 12 45.89 27.47 -4.37
C ARG A 12 47.29 26.91 -4.64
N PRO A 13 48.36 27.68 -4.37
CA PRO A 13 49.71 27.22 -4.73
C PRO A 13 50.23 25.97 -4.00
N TYR A 14 49.46 25.51 -2.98
CA TYR A 14 49.78 24.36 -2.16
C TYR A 14 49.31 23.06 -2.79
N MET A 15 48.38 23.16 -3.74
CA MET A 15 47.77 22.05 -4.42
C MET A 15 48.80 21.27 -5.23
N ALA A 16 48.79 19.92 -5.08
CA ALA A 16 49.69 18.97 -5.73
C ALA A 16 48.89 17.83 -6.33
N SER A 17 49.34 17.29 -7.49
CA SER A 17 48.68 16.15 -8.14
C SER A 17 49.63 14.95 -8.07
N VAL A 18 49.24 13.96 -7.23
CA VAL A 18 50.00 12.72 -7.06
C VAL A 18 49.64 11.85 -8.27
N GLN A 19 50.63 11.63 -9.16
CA GLN A 19 50.44 10.90 -10.41
C GLN A 19 51.21 9.59 -10.55
N LEU A 20 50.65 8.67 -11.33
CA LEU A 20 51.25 7.40 -11.65
C LEU A 20 51.16 7.18 -13.14
N ASN A 21 52.33 7.06 -13.82
CA ASN A 21 52.47 6.86 -15.26
C ASN A 21 51.77 8.00 -16.03
N GLY A 22 52.03 9.24 -15.55
CA GLY A 22 51.49 10.49 -16.04
C GLY A 22 49.98 10.47 -16.13
N ALA A 23 49.33 10.04 -15.05
CA ALA A 23 47.90 9.94 -14.86
C ALA A 23 47.61 10.23 -13.38
N HIS A 24 46.71 11.21 -13.16
CA HIS A 24 46.35 11.66 -11.83
C HIS A 24 45.68 10.52 -11.04
N LEU A 25 46.06 10.40 -9.78
CA LEU A 25 45.59 9.38 -8.86
C LEU A 25 44.91 10.04 -7.68
N CYS A 26 45.64 10.97 -7.05
CA CYS A 26 45.27 11.67 -5.84
C CYS A 26 45.72 13.07 -5.85
N GLY A 27 45.09 13.88 -5.00
CA GLY A 27 45.52 15.23 -4.72
C GLY A 27 46.54 15.12 -3.61
N GLY A 28 47.23 16.21 -3.34
CA GLY A 28 48.23 16.30 -2.28
C GLY A 28 48.36 17.75 -1.88
N VAL A 29 49.06 18.02 -0.79
CA VAL A 29 49.20 19.41 -0.35
C VAL A 29 50.63 19.64 0.14
N LEU A 30 51.30 20.67 -0.46
CA LEU A 30 52.65 21.11 -0.11
C LEU A 30 52.62 21.70 1.33
N VAL A 31 53.26 21.02 2.28
CA VAL A 31 53.24 21.41 3.68
C VAL A 31 54.61 21.97 4.09
N ALA A 32 55.64 21.65 3.30
CA ALA A 32 57.02 22.10 3.47
C ALA A 32 57.67 22.19 2.10
N GLU A 33 58.85 22.83 1.98
CA GLU A 33 59.58 22.96 0.70
C GLU A 33 59.82 21.61 0.04
N GLN A 34 60.02 20.53 0.82
CA GLN A 34 60.31 19.23 0.20
C GLN A 34 59.36 18.13 0.65
N TRP A 35 58.17 18.50 1.14
CA TRP A 35 57.22 17.53 1.64
C TRP A 35 55.81 17.79 1.19
N VAL A 36 55.15 16.74 0.67
CA VAL A 36 53.75 16.79 0.22
C VAL A 36 52.97 15.79 1.07
N LEU A 37 51.90 16.28 1.70
CA LEU A 37 51.02 15.45 2.52
C LEU A 37 49.86 14.96 1.64
N SER A 38 49.57 13.65 1.71
CA SER A 38 48.50 13.00 0.94
C SER A 38 47.85 11.87 1.79
N ALA A 39 46.93 11.09 1.19
CA ALA A 39 46.23 9.94 1.79
C ALA A 39 47.06 8.66 1.63
N ALA A 40 46.96 7.75 2.62
CA ALA A 40 47.73 6.52 2.74
C ALA A 40 47.66 5.56 1.53
N HIS A 41 46.44 5.23 1.06
CA HIS A 41 46.15 4.21 0.03
C HIS A 41 46.15 4.76 -1.39
N CYS A 42 46.89 5.84 -1.66
CA CYS A 42 46.95 6.42 -3.00
C CYS A 42 47.88 5.62 -3.90
N LEU A 43 49.08 5.24 -3.38
CA LEU A 43 50.11 4.44 -4.07
C LEU A 43 49.77 2.91 -4.16
N GLU A 44 48.58 2.49 -3.71
CA GLU A 44 48.08 1.12 -3.80
C GLU A 44 47.95 0.76 -5.27
N ASP A 45 48.29 -0.50 -5.62
CA ASP A 45 48.28 -1.06 -6.98
C ASP A 45 49.25 -0.30 -7.94
N ALA A 46 50.08 0.66 -7.42
CA ALA A 46 51.03 1.43 -8.23
C ALA A 46 52.13 0.54 -8.75
N ALA A 47 52.83 -0.16 -7.82
CA ALA A 47 53.89 -1.14 -8.04
C ALA A 47 54.87 -0.71 -9.11
N ASP A 48 54.86 -1.44 -10.25
CA ASP A 48 55.65 -1.16 -11.44
C ASP A 48 55.01 0.07 -12.15
N GLY A 49 55.63 1.23 -11.93
CA GLY A 49 55.13 2.48 -12.48
C GLY A 49 55.83 3.70 -11.93
N LYS A 50 55.85 4.77 -12.75
CA LYS A 50 56.48 6.03 -12.41
C LYS A 50 55.57 6.93 -11.52
N VAL A 51 55.93 7.06 -10.20
CA VAL A 51 55.19 7.91 -9.26
C VAL A 51 55.87 9.24 -9.22
N GLN A 52 55.10 10.31 -9.40
CA GLN A 52 55.62 11.67 -9.43
C GLN A 52 54.63 12.63 -8.89
N VAL A 53 55.09 13.74 -8.36
CA VAL A 53 54.26 14.76 -7.70
C VAL A 53 54.30 16.03 -8.58
N LEU A 54 53.13 16.43 -9.12
CA LEU A 54 53.07 17.60 -10.00
C LEU A 54 52.72 18.85 -9.21
N LEU A 55 53.64 19.82 -9.28
CA LEU A 55 53.52 21.12 -8.61
C LEU A 55 53.28 22.33 -9.58
N GLY A 56 52.66 23.39 -9.07
CA GLY A 56 52.40 24.59 -9.87
C GLY A 56 51.42 24.42 -11.03
N ALA A 57 50.53 23.42 -10.95
CA ALA A 57 49.59 23.12 -12.02
C ALA A 57 48.18 23.66 -11.82
N HIS A 58 47.48 23.81 -12.93
CA HIS A 58 46.07 24.14 -13.02
C HIS A 58 45.48 23.14 -14.00
N SER A 59 45.98 23.15 -15.26
CA SER A 59 45.62 22.13 -16.25
C SER A 59 46.60 21.01 -16.09
N LEU A 60 46.08 19.78 -16.08
CA LEU A 60 46.94 18.63 -15.95
C LEU A 60 47.75 18.37 -17.22
N SER A 61 47.17 18.70 -18.41
CA SER A 61 47.73 18.39 -19.72
C SER A 61 48.45 19.50 -20.43
N GLN A 62 47.98 20.75 -20.28
CA GLN A 62 48.50 21.90 -21.00
C GLN A 62 49.78 22.45 -20.40
N PRO A 63 50.68 23.03 -21.23
CA PRO A 63 51.93 23.59 -20.70
C PRO A 63 51.70 24.87 -19.87
N GLU A 64 52.38 24.96 -18.72
CA GLU A 64 52.28 26.07 -17.80
C GLU A 64 53.68 26.39 -17.25
N PRO A 65 54.07 27.67 -17.15
CA PRO A 65 55.42 27.99 -16.70
C PRO A 65 55.72 27.47 -15.30
N SER A 66 54.73 27.59 -14.39
CA SER A 66 54.78 27.18 -12.99
C SER A 66 54.87 25.65 -12.81
N LYS A 67 54.30 24.85 -13.76
CA LYS A 67 54.28 23.37 -13.69
C LYS A 67 55.68 22.78 -13.60
N ARG A 68 55.93 21.96 -12.55
CA ARG A 68 57.20 21.23 -12.30
C ARG A 68 56.94 19.80 -11.72
N LEU A 69 57.74 18.78 -12.13
CA LEU A 69 57.57 17.39 -11.69
C LEU A 69 58.66 16.92 -10.79
N TYR A 70 58.26 16.23 -9.71
CA TYR A 70 59.25 15.77 -8.72
C TYR A 70 59.18 14.31 -8.50
N ASP A 71 60.34 13.70 -8.36
CA ASP A 71 60.46 12.28 -8.04
C ASP A 71 60.24 12.11 -6.52
N VAL A 72 59.70 10.99 -6.10
CA VAL A 72 59.48 10.80 -4.66
C VAL A 72 60.71 10.08 -4.08
N LEU A 73 61.47 10.80 -3.27
CA LEU A 73 62.68 10.26 -2.66
C LEU A 73 62.35 9.34 -1.51
N ARG A 74 61.24 9.61 -0.81
CA ARG A 74 60.86 8.86 0.39
C ARG A 74 59.34 8.91 0.59
N ALA A 75 58.70 7.74 0.82
CA ALA A 75 57.23 7.71 1.04
C ALA A 75 56.95 7.18 2.42
N VAL A 76 56.59 8.07 3.34
CA VAL A 76 56.38 7.73 4.75
C VAL A 76 54.89 7.64 5.06
N PRO A 77 54.29 6.41 5.06
CA PRO A 77 52.86 6.31 5.43
C PRO A 77 52.75 6.27 6.95
N HIS A 78 51.56 6.58 7.47
CA HIS A 78 51.35 6.51 8.92
C HIS A 78 51.53 5.05 9.36
N PRO A 79 52.28 4.82 10.46
CA PRO A 79 52.50 3.44 10.93
C PRO A 79 51.24 2.59 11.11
N ASP A 80 50.16 3.19 11.60
CA ASP A 80 48.94 2.47 11.89
C ASP A 80 47.90 2.49 10.74
N SER A 81 48.33 2.82 9.50
CA SER A 81 47.37 2.87 8.39
C SER A 81 47.21 1.51 7.74
N GLN A 82 45.96 1.13 7.47
CA GLN A 82 45.64 -0.15 6.84
C GLN A 82 44.54 0.01 5.83
N PRO A 83 44.54 -0.75 4.70
CA PRO A 83 43.51 -0.55 3.68
C PRO A 83 42.10 -0.91 4.11
N ASP A 84 41.93 -1.67 5.21
CA ASP A 84 40.61 -2.08 5.72
C ASP A 84 39.93 -0.97 6.53
N THR A 85 40.72 -0.05 7.10
CA THR A 85 40.20 1.05 7.90
C THR A 85 40.40 2.38 7.20
N ILE A 86 39.60 3.36 7.59
CA ILE A 86 39.71 4.73 7.09
C ILE A 86 40.58 5.56 8.08
N ASP A 87 41.15 4.88 9.07
CA ASP A 87 41.94 5.48 10.13
C ASP A 87 43.40 5.64 9.74
N HIS A 88 43.98 6.77 10.20
CA HIS A 88 45.39 7.18 10.04
C HIS A 88 45.76 7.18 8.56
N ASP A 89 44.82 7.68 7.76
CA ASP A 89 44.88 7.78 6.31
C ASP A 89 45.74 8.94 5.86
N LEU A 90 47.03 8.90 6.27
CA LEU A 90 47.99 9.92 5.89
C LEU A 90 49.26 9.30 5.30
N LEU A 91 49.89 10.07 4.41
CA LEU A 91 51.09 9.70 3.71
C LEU A 91 51.93 10.95 3.50
N LEU A 92 53.21 10.87 3.89
CA LEU A 92 54.12 11.98 3.73
C LEU A 92 55.16 11.65 2.67
N LEU A 93 55.09 12.39 1.54
CA LEU A 93 55.97 12.21 0.39
C LEU A 93 57.08 13.24 0.39
N GLN A 94 58.33 12.77 0.46
CA GLN A 94 59.48 13.65 0.38
C GLN A 94 59.90 13.74 -1.08
N LEU A 95 59.94 14.98 -1.63
CA LEU A 95 60.36 15.12 -3.01
C LEU A 95 61.87 14.86 -3.16
N SER A 96 62.31 14.58 -4.37
CA SER A 96 63.72 14.32 -4.73
C SER A 96 64.59 15.54 -4.42
N GLU A 97 64.02 16.77 -4.57
CA GLU A 97 64.65 18.05 -4.27
C GLU A 97 63.59 19.04 -3.78
N LYS A 98 64.02 20.17 -3.13
CA LYS A 98 63.12 21.22 -2.63
C LYS A 98 62.38 21.87 -3.78
N ALA A 99 61.10 22.19 -3.57
CA ALA A 99 60.25 22.82 -4.57
C ALA A 99 60.71 24.26 -4.88
N THR A 100 60.72 24.64 -6.19
CA THR A 100 61.03 26.01 -6.58
C THR A 100 59.81 26.84 -6.24
N LEU A 101 59.94 27.66 -5.19
CA LEU A 101 58.82 28.45 -4.69
C LEU A 101 58.60 29.71 -5.51
N GLY A 102 57.33 30.05 -5.64
CA GLY A 102 56.86 31.19 -6.39
C GLY A 102 55.40 31.47 -6.14
N PRO A 103 54.80 32.34 -6.97
CA PRO A 103 53.39 32.69 -6.76
C PRO A 103 52.41 31.51 -6.94
N ALA A 104 52.85 30.48 -7.70
CA ALA A 104 52.04 29.33 -8.06
C ALA A 104 52.42 28.09 -7.28
N VAL A 105 53.54 28.14 -6.53
CA VAL A 105 54.06 27.05 -5.69
C VAL A 105 54.43 27.63 -4.32
N ARG A 106 53.59 27.35 -3.30
CA ARG A 106 53.80 27.85 -1.94
C ARG A 106 53.22 26.86 -0.91
N PRO A 107 53.98 26.48 0.14
CA PRO A 107 53.44 25.54 1.13
C PRO A 107 52.29 26.16 1.93
N LEU A 108 51.33 25.31 2.35
CA LEU A 108 50.17 25.74 3.14
C LEU A 108 50.39 25.50 4.63
N PRO A 109 50.17 26.52 5.51
CA PRO A 109 50.27 26.28 6.95
C PRO A 109 49.16 25.35 7.39
N TRP A 110 49.54 24.28 8.09
CA TRP A 110 48.58 23.27 8.54
C TRP A 110 48.31 23.45 10.03
N GLN A 111 47.13 22.99 10.47
CA GLN A 111 46.68 23.12 11.87
C GLN A 111 47.51 22.28 12.82
N ARG A 112 48.17 22.94 13.78
CA ARG A 112 49.08 22.33 14.74
C ARG A 112 48.49 22.26 16.19
N VAL A 113 47.23 22.77 16.41
CA VAL A 113 46.42 22.78 17.64
C VAL A 113 45.21 21.86 17.46
N ASP A 114 45.18 20.75 18.23
CA ASP A 114 44.13 19.75 18.13
C ASP A 114 42.79 20.24 18.69
N ARG A 115 42.02 20.99 17.90
CA ARG A 115 40.69 21.46 18.27
C ARG A 115 39.79 21.37 17.05
N ASP A 116 38.64 20.70 17.18
CA ASP A 116 37.69 20.47 16.07
C ASP A 116 37.25 21.79 15.40
N VAL A 117 37.09 21.75 14.07
CA VAL A 117 36.54 22.85 13.30
C VAL A 117 35.07 22.86 13.63
N ALA A 118 34.57 24.01 14.09
CA ALA A 118 33.18 24.20 14.47
C ALA A 118 32.20 23.79 13.36
N PRO A 119 31.20 22.88 13.63
CA PRO A 119 30.22 22.55 12.58
C PRO A 119 29.62 23.80 11.94
N GLY A 120 29.31 23.72 10.66
CA GLY A 120 28.79 24.86 9.92
C GLY A 120 29.85 25.78 9.36
N THR A 121 31.15 25.55 9.67
CA THR A 121 32.22 26.36 9.11
C THR A 121 32.38 25.98 7.64
N LEU A 122 32.50 26.97 6.75
CA LEU A 122 32.67 26.73 5.32
C LEU A 122 34.12 26.48 5.02
N CYS A 123 34.39 25.29 4.45
CA CYS A 123 35.75 24.88 4.11
C CYS A 123 35.84 24.62 2.65
N ASP A 124 37.02 24.91 2.09
CA ASP A 124 37.31 24.77 0.68
C ASP A 124 38.05 23.46 0.40
N VAL A 125 37.49 22.60 -0.46
CA VAL A 125 38.15 21.37 -0.89
C VAL A 125 38.36 21.46 -2.40
N ALA A 126 39.62 21.21 -2.85
CA ALA A 126 40.00 21.29 -4.27
C ALA A 126 40.66 20.02 -4.74
N GLY A 127 40.59 19.78 -6.04
CA GLY A 127 41.21 18.61 -6.64
C GLY A 127 40.77 18.33 -8.06
N TRP A 128 41.48 17.36 -8.67
CA TRP A 128 41.26 16.91 -10.04
C TRP A 128 40.46 15.57 -10.07
N GLY A 129 39.71 15.31 -9.01
CA GLY A 129 38.85 14.13 -8.89
C GLY A 129 37.64 14.21 -9.81
N ILE A 130 36.92 13.07 -9.98
CA ILE A 130 35.78 12.96 -10.90
C ILE A 130 34.73 14.05 -10.61
N VAL A 131 34.16 14.63 -11.70
CA VAL A 131 33.22 15.76 -11.65
C VAL A 131 31.76 15.33 -11.83
N ASN A 132 31.52 14.07 -12.21
CA ASN A 132 30.18 13.51 -12.33
C ASN A 132 30.22 12.00 -12.05
N HIS A 133 29.05 11.40 -11.75
CA HIS A 133 28.95 9.98 -11.42
C HIS A 133 29.39 9.08 -12.55
N ALA A 134 29.24 9.50 -13.82
CA ALA A 134 29.78 8.72 -14.95
C ALA A 134 31.28 8.53 -14.79
N GLY A 135 31.96 9.53 -14.21
CA GLY A 135 33.38 9.49 -13.95
C GLY A 135 34.28 10.41 -14.76
N ARG A 136 33.72 11.56 -15.24
CA ARG A 136 34.48 12.54 -16.03
C ARG A 136 35.68 13.06 -15.22
N ARG A 137 36.88 12.83 -15.75
CA ARG A 137 38.12 13.30 -15.16
C ARG A 137 38.36 14.77 -15.63
N PRO A 138 38.34 15.78 -14.73
CA PRO A 138 38.59 17.16 -15.20
C PRO A 138 40.06 17.43 -15.49
N ASP A 139 40.35 18.24 -16.53
CA ASP A 139 41.70 18.62 -16.88
C ASP A 139 42.18 19.74 -15.94
N SER A 140 41.31 20.70 -15.63
CA SER A 140 41.66 21.82 -14.76
C SER A 140 41.18 21.59 -13.34
N LEU A 141 41.87 22.24 -12.37
CA LEU A 141 41.55 22.16 -10.95
C LEU A 141 40.15 22.67 -10.67
N GLN A 142 39.39 21.87 -9.93
CA GLN A 142 38.03 22.12 -9.46
C GLN A 142 38.10 22.38 -7.97
N HIS A 143 37.05 22.95 -7.41
CA HIS A 143 36.94 23.22 -5.98
C HIS A 143 35.45 23.39 -5.60
N VAL A 144 35.15 23.26 -4.31
CA VAL A 144 33.79 23.39 -3.78
C VAL A 144 33.91 23.88 -2.32
N LEU A 145 32.94 24.69 -1.87
CA LEU A 145 32.86 25.20 -0.50
C LEU A 145 31.81 24.40 0.23
N LEU A 146 32.24 23.64 1.24
CA LEU A 146 31.33 22.77 1.98
C LEU A 146 31.35 23.11 3.45
N PRO A 147 30.16 23.07 4.10
CA PRO A 147 30.12 23.30 5.56
C PRO A 147 30.46 22.01 6.33
N VAL A 148 31.25 22.17 7.39
CA VAL A 148 31.68 21.10 8.29
C VAL A 148 30.44 20.53 9.01
N LEU A 149 30.29 19.23 9.01
CA LEU A 149 29.15 18.57 9.64
C LEU A 149 29.49 18.08 11.06
N ASP A 150 28.51 18.16 11.97
CA ASP A 150 28.60 17.73 13.37
C ASP A 150 28.90 16.22 13.41
N ARG A 151 29.97 15.82 14.14
CA ARG A 151 30.39 14.39 14.15
C ARG A 151 29.26 13.47 14.57
N ALA A 152 28.45 13.89 15.55
CA ALA A 152 27.35 13.12 16.08
C ALA A 152 26.37 12.73 14.98
N THR A 153 26.04 13.66 14.06
CA THR A 153 25.14 13.46 12.91
C THR A 153 25.77 12.52 11.90
N CYS A 154 27.06 12.73 11.68
CA CYS A 154 27.88 11.98 10.76
C CYS A 154 27.99 10.50 11.15
N ASN A 155 28.03 10.22 12.49
CA ASN A 155 28.14 8.88 13.08
C ASN A 155 26.80 8.12 13.18
N ARG A 156 25.69 8.75 12.83
CA ARG A 156 24.37 8.10 12.83
C ARG A 156 24.43 6.82 12.01
N ARG A 157 23.60 5.84 12.36
CA ARG A 157 23.55 4.55 11.66
C ARG A 157 23.22 4.74 10.19
N THR A 158 22.37 5.74 9.87
CA THR A 158 21.95 6.06 8.49
C THR A 158 23.11 6.68 7.74
N HIS A 159 24.05 7.25 8.48
CA HIS A 159 25.23 7.91 7.95
C HIS A 159 26.44 6.98 8.05
N HIS A 160 27.53 7.35 8.73
CA HIS A 160 28.72 6.51 8.77
C HIS A 160 28.81 5.54 9.97
N ASP A 161 27.68 5.34 10.65
CA ASP A 161 27.47 4.39 11.76
C ASP A 161 28.70 4.22 12.69
N GLY A 162 29.12 5.33 13.32
CA GLY A 162 30.19 5.31 14.31
C GLY A 162 31.61 5.31 13.82
N ALA A 163 31.81 5.12 12.51
CA ALA A 163 33.13 5.09 11.88
C ALA A 163 33.93 6.40 12.07
N ILE A 164 33.26 7.54 12.31
CA ILE A 164 33.97 8.81 12.42
C ILE A 164 34.51 9.01 13.85
N THR A 165 35.84 8.82 13.98
CA THR A 165 36.57 8.93 15.22
C THR A 165 36.85 10.40 15.50
N GLU A 166 37.51 10.71 16.62
CA GLU A 166 37.88 12.07 17.01
C GLU A 166 39.01 12.62 16.11
N ARG A 167 39.68 11.71 15.38
CA ARG A 167 40.81 12.01 14.50
C ARG A 167 40.32 12.28 13.06
N LEU A 168 39.01 12.09 12.82
CA LEU A 168 38.38 12.33 11.52
C LEU A 168 37.36 13.48 11.64
N MET A 169 36.98 14.06 10.50
CA MET A 169 35.99 15.14 10.44
C MET A 169 35.09 14.96 9.20
N CYS A 170 33.93 15.58 9.26
CA CYS A 170 32.93 15.49 8.22
C CYS A 170 32.57 16.82 7.67
N ALA A 171 32.06 16.78 6.42
CA ALA A 171 31.55 17.92 5.68
C ALA A 171 30.31 17.45 4.96
N GLU A 172 29.39 18.38 4.65
CA GLU A 172 28.14 18.07 3.97
C GLU A 172 28.41 17.51 2.56
N SER A 173 27.57 16.56 2.10
CA SER A 173 27.75 15.92 0.79
C SER A 173 26.45 15.87 -0.03
N ASN A 174 25.63 16.93 0.06
CA ASN A 174 24.36 16.99 -0.67
C ASN A 174 24.61 17.51 -2.09
N ARG A 175 24.86 16.56 -3.02
CA ARG A 175 25.18 16.77 -4.42
C ARG A 175 26.60 17.34 -4.54
N ARG A 176 26.88 18.50 -3.92
CA ARG A 176 28.24 19.08 -3.85
C ARG A 176 29.06 18.24 -2.85
N ASP A 177 30.16 17.60 -3.30
CA ASP A 177 30.98 16.74 -2.44
C ASP A 177 32.38 16.52 -3.05
N SER A 178 33.26 15.77 -2.33
CA SER A 178 34.57 15.30 -2.78
C SER A 178 34.37 13.86 -3.30
N CYS A 179 35.24 13.37 -4.20
CA CYS A 179 35.02 12.05 -4.74
C CYS A 179 36.33 11.39 -5.19
N LYS A 180 36.21 10.22 -5.87
CA LYS A 180 37.31 9.45 -6.43
C LYS A 180 38.30 10.44 -7.08
N GLY A 181 39.57 10.37 -6.67
CA GLY A 181 40.62 11.23 -7.18
C GLY A 181 40.90 12.48 -6.37
N ASP A 182 39.93 12.86 -5.51
CA ASP A 182 40.07 14.05 -4.65
C ASP A 182 40.83 13.64 -3.42
N SER A 183 40.99 12.32 -3.21
CA SER A 183 41.74 11.69 -2.14
C SER A 183 43.10 12.34 -1.91
N GLY A 184 43.49 12.49 -0.66
CA GLY A 184 44.78 13.10 -0.37
C GLY A 184 44.82 14.60 -0.56
N GLY A 185 43.73 15.16 -1.11
CA GLY A 185 43.55 16.59 -1.34
C GLY A 185 43.26 17.36 -0.05
N PRO A 186 43.45 18.71 -0.08
CA PRO A 186 43.24 19.51 1.12
C PRO A 186 41.81 20.00 1.36
N LEU A 187 41.45 20.13 2.64
CA LEU A 187 40.22 20.73 3.17
C LEU A 187 40.74 21.93 3.96
N VAL A 188 40.53 23.13 3.41
CA VAL A 188 41.09 24.35 3.99
C VAL A 188 40.00 25.22 4.60
N CYS A 189 40.18 25.62 5.87
CA CYS A 189 39.27 26.48 6.63
C CYS A 189 40.09 27.64 7.18
N GLY A 190 39.67 28.85 6.81
CA GLY A 190 40.34 30.07 7.24
C GLY A 190 41.79 30.12 6.84
N GLY A 191 42.05 29.73 5.56
CA GLY A 191 43.37 29.69 4.93
C GLY A 191 44.37 28.75 5.58
N VAL A 192 43.88 27.83 6.45
CA VAL A 192 44.69 26.85 7.18
C VAL A 192 44.23 25.45 6.80
N LEU A 193 45.18 24.53 6.58
CA LEU A 193 44.86 23.15 6.27
C LEU A 193 44.26 22.49 7.51
N GLU A 194 43.02 21.97 7.39
CA GLU A 194 42.33 21.31 8.50
C GLU A 194 42.20 19.81 8.27
N GLY A 195 41.77 19.43 7.07
CA GLY A 195 41.59 18.02 6.73
C GLY A 195 42.28 17.56 5.45
N VAL A 196 42.35 16.24 5.27
CA VAL A 196 42.94 15.60 4.09
C VAL A 196 41.92 14.57 3.62
N VAL A 197 41.38 14.75 2.41
CA VAL A 197 40.36 13.85 1.82
C VAL A 197 40.83 12.39 1.95
N THR A 198 40.00 11.50 2.53
CA THR A 198 40.39 10.08 2.71
C THR A 198 40.53 9.38 1.35
N SER A 199 41.34 8.29 1.32
CA SER A 199 41.55 7.48 0.13
C SER A 199 40.71 6.18 0.15
N GLY A 200 39.80 6.08 1.10
CA GLY A 200 38.93 4.92 1.25
C GLY A 200 37.76 5.04 0.31
N SER A 201 37.49 4.01 -0.49
CA SER A 201 36.34 3.98 -1.39
C SER A 201 35.08 4.34 -0.60
N ARG A 202 34.20 5.12 -1.24
CA ARG A 202 32.95 5.57 -0.65
C ARG A 202 31.95 6.01 -1.70
N VAL A 203 30.70 6.23 -1.27
CA VAL A 203 29.63 6.71 -2.14
C VAL A 203 29.69 8.25 -2.19
N CYS A 204 29.67 8.86 -3.40
CA CYS A 204 29.73 10.32 -3.46
C CYS A 204 28.38 10.94 -3.75
N GLY A 205 28.25 12.22 -3.35
CA GLY A 205 27.12 13.09 -3.64
C GLY A 205 25.80 12.81 -2.99
N ASN A 206 25.74 11.76 -2.16
CA ASN A 206 24.58 11.36 -1.34
C ASN A 206 24.70 12.09 0.01
N ARG A 207 23.70 12.92 0.38
CA ARG A 207 23.71 13.71 1.61
C ARG A 207 23.79 12.87 2.92
N LYS A 208 23.33 11.62 2.89
CA LYS A 208 23.30 10.74 4.07
C LYS A 208 24.64 10.00 4.25
N LYS A 209 25.58 10.20 3.34
CA LYS A 209 26.90 9.58 3.45
C LYS A 209 27.90 10.72 3.32
N PRO A 210 28.14 11.49 4.41
CA PRO A 210 28.99 12.69 4.31
C PRO A 210 30.43 12.42 3.88
N GLY A 211 31.09 13.47 3.40
CA GLY A 211 32.49 13.40 3.00
C GLY A 211 33.34 13.22 4.24
N ILE A 212 34.33 12.32 4.19
CA ILE A 212 35.22 12.00 5.31
C ILE A 212 36.59 12.61 5.04
N TYR A 213 37.15 13.35 6.03
CA TYR A 213 38.46 14.02 5.93
C TYR A 213 39.28 13.77 7.21
N THR A 214 40.56 13.41 7.06
CA THR A 214 41.46 13.17 8.18
C THR A 214 41.90 14.51 8.77
N ARG A 215 41.72 14.71 10.08
CA ARG A 215 42.10 15.93 10.78
C ARG A 215 43.61 15.99 10.91
N VAL A 216 44.29 16.95 10.24
CA VAL A 216 45.77 17.05 10.29
C VAL A 216 46.24 17.36 11.70
N ALA A 217 45.52 18.23 12.45
CA ALA A 217 45.88 18.57 13.83
C ALA A 217 45.98 17.33 14.70
N SER A 218 45.15 16.33 14.41
CA SER A 218 45.15 15.07 15.15
C SER A 218 46.45 14.27 14.98
N TYR A 219 47.22 14.55 13.89
CA TYR A 219 48.46 13.86 13.55
C TYR A 219 49.65 14.80 13.53
N ALA A 220 49.49 16.04 14.06
CA ALA A 220 50.50 17.11 14.13
C ALA A 220 51.84 16.64 14.66
N ALA A 221 51.85 15.87 15.75
CA ALA A 221 53.07 15.37 16.35
C ALA A 221 53.82 14.43 15.40
N TRP A 222 53.08 13.52 14.70
CA TRP A 222 53.66 12.57 13.75
C TRP A 222 54.26 13.32 12.57
N ILE A 223 53.51 14.27 11.97
CA ILE A 223 53.93 15.08 10.83
C ILE A 223 55.22 15.80 11.19
N ASP A 224 55.26 16.47 12.35
CA ASP A 224 56.44 17.17 12.84
C ASP A 224 57.63 16.21 12.92
N SER A 225 57.41 15.03 13.51
CA SER A 225 58.41 13.98 13.67
C SER A 225 59.05 13.62 12.33
N VAL A 226 58.23 13.39 11.28
CA VAL A 226 58.68 12.99 9.94
C VAL A 226 59.44 14.16 9.27
N LEU A 227 58.82 15.34 9.20
CA LEU A 227 59.40 16.53 8.58
C LEU A 227 60.77 16.92 9.20
N ALA A 228 60.95 16.71 10.52
CA ALA A 228 62.20 17.00 11.23
C ALA A 228 63.24 15.93 10.97
N ILE B 1 47.49 16.47 -35.61
CA ILE B 1 47.19 15.95 -36.94
C ILE B 1 45.91 16.62 -37.44
N LEU B 2 46.04 17.40 -38.53
CA LEU B 2 44.92 18.08 -39.17
C LEU B 2 44.25 17.11 -40.17
N GLY B 3 42.92 17.09 -40.20
CA GLY B 3 42.15 16.26 -41.12
C GLY B 3 42.28 14.77 -40.90
N GLY B 4 42.59 14.36 -39.67
CA GLY B 4 42.75 12.94 -39.38
C GLY B 4 41.65 12.33 -38.58
N ARG B 5 41.86 11.08 -38.21
CA ARG B 5 40.98 10.27 -37.41
C ARG B 5 41.65 9.92 -36.11
N GLU B 6 40.88 9.47 -35.11
CA GLU B 6 41.48 8.93 -33.91
C GLU B 6 42.00 7.54 -34.28
N ALA B 7 43.25 7.25 -33.93
CA ALA B 7 43.87 5.98 -34.24
C ALA B 7 43.27 4.85 -33.38
N GLU B 8 43.38 3.59 -33.89
CA GLU B 8 42.95 2.37 -33.17
C GLU B 8 43.89 2.23 -31.99
N ALA B 9 43.38 2.20 -30.76
CA ALA B 9 44.22 2.15 -29.56
C ALA B 9 45.27 1.05 -29.63
N HIS B 10 46.54 1.43 -29.37
CA HIS B 10 47.74 0.59 -29.30
C HIS B 10 48.04 -0.19 -30.61
N ALA B 11 47.57 0.33 -31.76
CA ALA B 11 47.82 -0.28 -33.07
C ALA B 11 49.21 0.16 -33.60
N ARG B 12 49.79 1.22 -32.99
CA ARG B 12 51.13 1.74 -33.33
C ARG B 12 51.97 1.67 -32.07
N PRO B 13 52.47 0.48 -31.71
CA PRO B 13 53.19 0.35 -30.43
C PRO B 13 54.50 1.11 -30.33
N TYR B 14 54.97 1.69 -31.44
CA TYR B 14 56.25 2.42 -31.54
C TYR B 14 56.09 3.88 -31.16
N MET B 15 54.84 4.34 -31.14
CA MET B 15 54.46 5.71 -30.86
C MET B 15 54.82 6.08 -29.42
N ALA B 16 55.49 7.25 -29.27
CA ALA B 16 55.94 7.82 -27.99
C ALA B 16 55.54 9.30 -27.87
N SER B 17 55.29 9.77 -26.63
CA SER B 17 54.93 11.15 -26.38
C SER B 17 56.04 11.81 -25.61
N VAL B 18 56.79 12.69 -26.28
CA VAL B 18 57.88 13.43 -25.66
C VAL B 18 57.25 14.58 -24.88
N GLN B 19 57.40 14.53 -23.56
CA GLN B 19 56.80 15.49 -22.66
C GLN B 19 57.82 16.31 -21.89
N LEU B 20 57.43 17.54 -21.57
CA LEU B 20 58.24 18.44 -20.76
C LEU B 20 57.36 19.02 -19.69
N ASN B 21 57.71 18.75 -18.43
CA ASN B 21 56.99 19.17 -17.23
C ASN B 21 55.50 18.78 -17.30
N GLY B 22 55.29 17.51 -17.63
CA GLY B 22 53.95 16.91 -17.71
C GLY B 22 53.06 17.62 -18.69
N ALA B 23 53.58 17.80 -19.89
CA ALA B 23 52.88 18.43 -21.00
C ALA B 23 53.45 17.84 -22.27
N HIS B 24 52.56 17.29 -23.14
CA HIS B 24 52.98 16.78 -24.46
C HIS B 24 53.56 17.94 -25.29
N LEU B 25 54.71 17.70 -25.90
CA LEU B 25 55.46 18.66 -26.70
C LEU B 25 55.58 18.15 -28.13
N CYS B 26 56.04 16.91 -28.26
CA CYS B 26 56.34 16.26 -29.50
C CYS B 26 56.00 14.79 -29.46
N GLY B 27 55.91 14.22 -30.63
CA GLY B 27 55.77 12.78 -30.80
C GLY B 27 57.19 12.24 -30.86
N GLY B 28 57.33 10.93 -30.78
CA GLY B 28 58.60 10.24 -30.83
C GLY B 28 58.36 8.83 -31.34
N VAL B 29 59.43 8.11 -31.66
CA VAL B 29 59.25 6.74 -32.15
C VAL B 29 60.31 5.84 -31.51
N LEU B 30 59.85 4.74 -30.90
CA LEU B 30 60.70 3.73 -30.25
C LEU B 30 61.48 3.00 -31.34
N VAL B 31 62.81 3.19 -31.39
CA VAL B 31 63.68 2.60 -32.44
C VAL B 31 64.54 1.44 -31.87
N ALA B 32 64.66 1.41 -30.54
CA ALA B 32 65.38 0.42 -29.74
C ALA B 32 64.71 0.29 -28.38
N GLU B 33 65.06 -0.76 -27.61
CA GLU B 33 64.51 -0.98 -26.27
C GLU B 33 64.71 0.22 -25.34
N GLN B 34 65.80 0.96 -25.48
CA GLN B 34 66.06 2.08 -24.57
C GLN B 34 66.28 3.41 -25.32
N TRP B 35 65.81 3.50 -26.59
CA TRP B 35 66.01 4.69 -27.42
C TRP B 35 64.76 5.12 -28.18
N VAL B 36 64.43 6.40 -28.05
CA VAL B 36 63.30 7.01 -28.75
C VAL B 36 63.86 8.10 -29.68
N LEU B 37 63.52 8.01 -30.97
CA LEU B 37 63.93 8.98 -31.97
C LEU B 37 62.87 10.05 -32.10
N SER B 38 63.28 11.31 -32.07
CA SER B 38 62.39 12.47 -32.18
C SER B 38 63.09 13.62 -32.97
N ALA B 39 62.51 14.84 -32.94
CA ALA B 39 63.05 16.01 -33.64
C ALA B 39 63.86 16.85 -32.68
N ALA B 40 64.98 17.41 -33.16
CA ALA B 40 65.92 18.16 -32.32
C ALA B 40 65.35 19.41 -31.67
N HIS B 41 64.53 20.21 -32.35
CA HIS B 41 64.09 21.45 -31.72
C HIS B 41 62.89 21.29 -30.87
N CYS B 42 62.59 20.08 -30.40
CA CYS B 42 61.47 19.83 -29.49
C CYS B 42 61.84 20.37 -28.14
N LEU B 43 63.12 20.17 -27.79
CA LEU B 43 63.72 20.53 -26.53
C LEU B 43 64.46 21.89 -26.59
N GLU B 44 64.14 22.73 -27.61
CA GLU B 44 64.71 24.07 -27.82
C GLU B 44 64.69 24.90 -26.53
N ASP B 45 63.50 25.35 -26.13
CA ASP B 45 63.32 26.16 -24.92
C ASP B 45 62.90 25.27 -23.70
N ALA B 46 63.41 24.02 -23.65
CA ALA B 46 63.11 23.11 -22.54
C ALA B 46 63.83 23.60 -21.28
N ALA B 47 65.16 23.83 -21.42
CA ALA B 47 66.11 24.33 -20.42
C ALA B 47 65.86 23.66 -19.04
N ASP B 48 65.45 24.45 -18.05
CA ASP B 48 65.07 24.00 -16.71
C ASP B 48 63.71 23.32 -16.83
N GLY B 49 63.74 21.98 -16.82
CA GLY B 49 62.53 21.19 -16.95
C GLY B 49 62.77 19.71 -17.14
N LYS B 50 61.80 18.91 -16.67
CA LYS B 50 61.81 17.46 -16.69
C LYS B 50 61.31 16.92 -18.04
N VAL B 51 62.25 16.35 -18.83
CA VAL B 51 61.93 15.73 -20.12
C VAL B 51 61.63 14.24 -19.88
N GLN B 52 60.47 13.76 -20.42
CA GLN B 52 60.01 12.39 -20.22
C GLN B 52 59.38 11.82 -21.45
N VAL B 53 59.37 10.49 -21.58
CA VAL B 53 58.80 9.77 -22.71
C VAL B 53 57.71 8.81 -22.22
N LEU B 54 56.48 8.98 -22.75
CA LEU B 54 55.35 8.15 -22.40
C LEU B 54 55.11 7.07 -23.49
N LEU B 55 55.31 5.79 -23.09
CA LEU B 55 55.13 4.63 -23.98
C LEU B 55 53.86 3.86 -23.66
N GLY B 56 53.38 3.07 -24.60
CA GLY B 56 52.17 2.25 -24.48
C GLY B 56 50.88 3.03 -24.32
N ALA B 57 50.88 4.30 -24.75
CA ALA B 57 49.74 5.20 -24.58
C ALA B 57 48.85 5.33 -25.81
N HIS B 58 47.62 5.67 -25.53
CA HIS B 58 46.59 6.03 -26.48
C HIS B 58 46.01 7.34 -25.95
N SER B 59 45.43 7.32 -24.73
CA SER B 59 44.99 8.54 -24.06
C SER B 59 46.16 9.05 -23.26
N LEU B 60 46.42 10.36 -23.35
CA LEU B 60 47.52 10.95 -22.60
C LEU B 60 47.22 11.01 -21.10
N SER B 61 45.94 11.14 -20.70
CA SER B 61 45.47 11.36 -19.32
C SER B 61 44.86 10.16 -18.61
N GLN B 62 44.13 9.31 -19.36
CA GLN B 62 43.39 8.19 -18.78
C GLN B 62 44.25 6.96 -18.48
N PRO B 63 43.88 6.15 -17.44
CA PRO B 63 44.66 4.95 -17.11
C PRO B 63 44.55 3.83 -18.16
N GLU B 64 45.70 3.21 -18.45
CA GLU B 64 45.87 2.15 -19.43
C GLU B 64 46.90 1.15 -18.94
N PRO B 65 46.63 -0.18 -19.07
CA PRO B 65 47.60 -1.17 -18.54
C PRO B 65 49.00 -1.06 -19.18
N SER B 66 49.05 -0.86 -20.51
CA SER B 66 50.25 -0.68 -21.32
C SER B 66 51.04 0.60 -21.05
N LYS B 67 50.37 1.76 -20.78
CA LYS B 67 50.99 3.08 -20.54
C LYS B 67 52.05 2.99 -19.45
N ARG B 68 53.25 3.52 -19.68
CA ARG B 68 54.36 3.60 -18.76
C ARG B 68 55.22 4.84 -19.09
N LEU B 69 55.50 5.68 -18.07
CA LEU B 69 56.24 6.91 -18.20
C LEU B 69 57.71 6.69 -17.83
N TYR B 70 58.65 7.04 -18.75
CA TYR B 70 60.09 6.84 -18.56
C TYR B 70 60.85 8.15 -18.49
N ASP B 71 61.86 8.18 -17.63
CA ASP B 71 62.73 9.34 -17.51
C ASP B 71 63.78 9.31 -18.62
N VAL B 72 64.23 10.49 -19.08
CA VAL B 72 65.23 10.53 -20.13
C VAL B 72 66.60 10.66 -19.46
N LEU B 73 67.37 9.61 -19.59
CA LEU B 73 68.70 9.55 -19.01
C LEU B 73 69.70 10.40 -19.80
N ARG B 74 69.50 10.50 -21.14
CA ARG B 74 70.41 11.21 -22.02
C ARG B 74 69.66 11.75 -23.25
N ALA B 75 69.90 13.04 -23.64
CA ALA B 75 69.28 13.61 -24.86
C ALA B 75 70.35 13.96 -25.88
N VAL B 76 70.47 13.15 -26.94
CA VAL B 76 71.50 13.30 -27.96
C VAL B 76 70.93 13.97 -29.23
N PRO B 77 71.07 15.33 -29.39
CA PRO B 77 70.63 15.93 -30.66
C PRO B 77 71.68 15.71 -31.74
N HIS B 78 71.31 15.83 -33.03
CA HIS B 78 72.27 15.70 -34.10
C HIS B 78 73.30 16.83 -33.96
N PRO B 79 74.60 16.51 -34.04
CA PRO B 79 75.64 17.53 -33.87
C PRO B 79 75.49 18.76 -34.75
N ASP B 80 75.02 18.60 -36.00
CA ASP B 80 74.90 19.69 -36.95
C ASP B 80 73.50 20.33 -36.95
N SER B 81 72.68 20.07 -35.89
CA SER B 81 71.39 20.74 -35.80
C SER B 81 71.63 22.16 -35.26
N GLN B 82 70.77 23.11 -35.68
CA GLN B 82 70.77 24.52 -35.32
C GLN B 82 69.33 25.01 -35.34
N PRO B 83 68.90 25.94 -34.47
CA PRO B 83 67.50 26.42 -34.56
C PRO B 83 67.16 27.18 -35.84
N ASP B 84 68.17 27.69 -36.58
CA ASP B 84 68.00 28.49 -37.81
C ASP B 84 67.72 27.63 -39.03
N THR B 85 68.14 26.34 -39.01
CA THR B 85 67.93 25.46 -40.15
C THR B 85 66.93 24.37 -39.84
N ILE B 86 66.31 23.79 -40.92
CA ILE B 86 65.40 22.63 -40.83
C ILE B 86 66.21 21.35 -41.06
N ASP B 87 67.53 21.52 -41.19
CA ASP B 87 68.47 20.45 -41.45
C ASP B 87 68.92 19.74 -40.19
N HIS B 88 69.12 18.41 -40.33
CA HIS B 88 69.58 17.47 -39.30
C HIS B 88 68.73 17.59 -38.05
N ASP B 89 67.41 17.77 -38.24
CA ASP B 89 66.42 17.95 -37.17
C ASP B 89 66.04 16.62 -36.52
N LEU B 90 67.04 15.94 -35.94
CA LEU B 90 66.87 14.68 -35.24
C LEU B 90 67.39 14.78 -33.81
N LEU B 91 66.79 13.97 -32.92
CA LEU B 91 67.09 13.90 -31.50
C LEU B 91 66.93 12.46 -31.02
N LEU B 92 67.94 11.94 -30.33
CA LEU B 92 67.88 10.59 -29.80
C LEU B 92 67.84 10.62 -28.29
N LEU B 93 66.70 10.15 -27.74
CA LEU B 93 66.44 10.14 -26.29
C LEU B 93 66.66 8.77 -25.70
N GLN B 94 67.60 8.66 -24.75
CA GLN B 94 67.88 7.41 -24.06
C GLN B 94 67.05 7.32 -22.82
N LEU B 95 66.21 6.27 -22.73
CA LEU B 95 65.34 6.07 -21.56
C LEU B 95 66.17 5.64 -20.33
N SER B 96 65.66 5.96 -19.12
CA SER B 96 66.28 5.67 -17.82
C SER B 96 66.58 4.16 -17.68
N GLU B 97 65.70 3.32 -18.23
CA GLU B 97 65.84 1.89 -18.27
C GLU B 97 65.22 1.34 -19.57
N LYS B 98 65.54 0.08 -19.96
CA LYS B 98 64.95 -0.53 -21.16
C LYS B 98 63.41 -0.63 -21.02
N ALA B 99 62.69 -0.30 -22.08
CA ALA B 99 61.23 -0.32 -22.12
C ALA B 99 60.68 -1.71 -22.00
N THR B 100 59.59 -1.87 -21.25
CA THR B 100 58.92 -3.16 -21.07
C THR B 100 58.17 -3.41 -22.37
N LEU B 101 58.65 -4.36 -23.16
CA LEU B 101 58.03 -4.65 -24.46
C LEU B 101 56.81 -5.55 -24.32
N GLY B 102 55.85 -5.35 -25.22
CA GLY B 102 54.59 -6.07 -25.26
C GLY B 102 53.80 -5.73 -26.51
N PRO B 103 52.51 -6.12 -26.58
CA PRO B 103 51.72 -5.83 -27.79
C PRO B 103 51.47 -4.33 -28.03
N ALA B 104 51.58 -3.51 -26.96
CA ALA B 104 51.32 -2.08 -27.03
C ALA B 104 52.58 -1.26 -27.01
N VAL B 105 53.76 -1.89 -26.78
CA VAL B 105 55.09 -1.26 -26.77
C VAL B 105 56.03 -2.13 -27.57
N ARG B 106 56.39 -1.68 -28.79
CA ARG B 106 57.30 -2.41 -29.68
C ARG B 106 58.12 -1.44 -30.53
N PRO B 107 59.47 -1.61 -30.61
CA PRO B 107 60.25 -0.71 -31.48
C PRO B 107 59.93 -0.91 -32.95
N LEU B 108 60.01 0.18 -33.73
CA LEU B 108 59.74 0.18 -35.16
C LEU B 108 61.04 0.06 -35.96
N PRO B 109 61.13 -0.91 -36.93
CA PRO B 109 62.32 -0.98 -37.80
C PRO B 109 62.36 0.27 -38.68
N TRP B 110 63.50 0.95 -38.64
CA TRP B 110 63.69 2.17 -39.40
C TRP B 110 64.52 1.89 -40.66
N GLN B 111 64.32 2.70 -41.70
CA GLN B 111 64.98 2.54 -42.98
C GLN B 111 66.49 2.78 -42.91
N ARG B 112 67.25 1.78 -43.37
CA ARG B 112 68.70 1.77 -43.35
C ARG B 112 69.28 2.09 -44.74
N VAL B 113 68.55 1.65 -45.77
CA VAL B 113 68.90 1.81 -47.18
C VAL B 113 68.47 3.21 -47.66
N ASP B 114 69.46 4.05 -48.05
CA ASP B 114 69.22 5.42 -48.50
C ASP B 114 68.59 5.42 -49.91
N ARG B 115 67.29 5.32 -49.97
CA ARG B 115 66.50 5.35 -51.20
C ARG B 115 65.27 6.23 -50.95
N ASP B 116 65.00 7.22 -51.82
CA ASP B 116 63.83 8.09 -51.68
C ASP B 116 62.55 7.31 -51.81
N VAL B 117 61.54 7.62 -51.01
CA VAL B 117 60.25 6.92 -51.09
C VAL B 117 59.60 7.45 -52.36
N ALA B 118 59.14 6.52 -53.22
CA ALA B 118 58.50 6.84 -54.49
C ALA B 118 57.30 7.80 -54.32
N PRO B 119 57.26 8.94 -55.04
CA PRO B 119 56.13 9.85 -54.91
C PRO B 119 54.82 9.09 -55.10
N GLY B 120 53.78 9.55 -54.41
CA GLY B 120 52.47 8.91 -54.47
C GLY B 120 52.32 7.73 -53.52
N THR B 121 53.40 7.34 -52.79
CA THR B 121 53.31 6.26 -51.81
C THR B 121 52.53 6.80 -50.62
N LEU B 122 51.56 6.01 -50.12
CA LEU B 122 50.76 6.40 -48.98
C LEU B 122 51.50 6.06 -47.71
N CYS B 123 51.77 7.09 -46.90
CA CYS B 123 52.48 6.92 -45.63
C CYS B 123 51.60 7.35 -44.48
N ASP B 124 51.78 6.67 -43.33
CA ASP B 124 51.00 6.94 -42.15
C ASP B 124 51.78 7.83 -41.18
N VAL B 125 51.18 8.96 -40.76
CA VAL B 125 51.77 9.85 -39.75
C VAL B 125 50.78 9.94 -38.57
N ALA B 126 51.27 9.70 -37.35
CA ALA B 126 50.45 9.72 -36.12
C ALA B 126 51.03 10.65 -35.07
N GLY B 127 50.15 11.19 -34.21
CA GLY B 127 50.58 12.07 -33.14
C GLY B 127 49.48 12.71 -32.33
N TRP B 128 49.88 13.36 -31.21
CA TRP B 128 48.98 14.07 -30.29
C TRP B 128 49.05 15.61 -30.52
N GLY B 129 49.51 15.99 -31.73
CA GLY B 129 49.59 17.37 -32.17
C GLY B 129 48.22 17.98 -32.38
N ILE B 130 48.14 19.31 -32.54
CA ILE B 130 46.87 20.03 -32.68
C ILE B 130 46.02 19.47 -33.84
N VAL B 131 44.70 19.37 -33.61
CA VAL B 131 43.73 18.80 -34.56
C VAL B 131 42.95 19.87 -35.37
N ASN B 132 43.13 21.16 -35.05
CA ASN B 132 42.52 22.26 -35.79
C ASN B 132 43.38 23.53 -35.66
N HIS B 133 43.08 24.57 -36.48
CA HIS B 133 43.86 25.81 -36.46
C HIS B 133 43.65 26.59 -35.19
N ALA B 134 42.51 26.36 -34.51
CA ALA B 134 42.22 26.97 -33.21
C ALA B 134 43.18 26.41 -32.13
N GLY B 135 43.81 25.28 -32.44
CA GLY B 135 44.80 24.67 -31.57
C GLY B 135 44.32 23.62 -30.58
N ARG B 136 43.20 22.92 -30.89
CA ARG B 136 42.68 21.87 -30.02
C ARG B 136 43.73 20.76 -29.84
N ARG B 137 44.13 20.53 -28.58
CA ARG B 137 45.06 19.49 -28.19
C ARG B 137 44.28 18.15 -28.00
N PRO B 138 44.48 17.10 -28.83
CA PRO B 138 43.72 15.85 -28.60
C PRO B 138 44.28 15.04 -27.42
N ASP B 139 43.39 14.35 -26.67
CA ASP B 139 43.81 13.49 -25.56
C ASP B 139 44.26 12.12 -26.11
N SER B 140 43.56 11.62 -27.12
CA SER B 140 43.87 10.32 -27.74
C SER B 140 44.66 10.50 -29.03
N LEU B 141 45.44 9.46 -29.37
CA LEU B 141 46.27 9.43 -30.56
C LEU B 141 45.43 9.55 -31.84
N GLN B 142 45.87 10.46 -32.72
CA GLN B 142 45.32 10.75 -34.04
C GLN B 142 46.29 10.24 -35.07
N HIS B 143 45.83 10.07 -36.31
CA HIS B 143 46.67 9.64 -37.42
C HIS B 143 46.04 10.06 -38.74
N VAL B 144 46.83 9.96 -39.84
CA VAL B 144 46.43 10.34 -41.21
C VAL B 144 47.35 9.60 -42.23
N LEU B 145 46.77 9.28 -43.41
CA LEU B 145 47.47 8.63 -44.52
C LEU B 145 47.72 9.68 -45.56
N LEU B 146 49.00 9.98 -45.82
CA LEU B 146 49.36 11.03 -46.76
C LEU B 146 50.22 10.48 -47.87
N PRO B 147 49.98 10.90 -49.13
CA PRO B 147 50.87 10.49 -50.22
C PRO B 147 52.15 11.37 -50.28
N VAL B 148 53.29 10.71 -50.50
CA VAL B 148 54.61 11.34 -50.62
C VAL B 148 54.62 12.22 -51.88
N LEU B 149 55.09 13.45 -51.75
CA LEU B 149 55.22 14.40 -52.84
C LEU B 149 56.63 14.29 -53.48
N ASP B 150 56.73 14.54 -54.80
CA ASP B 150 57.99 14.59 -55.53
C ASP B 150 58.79 15.82 -55.02
N ARG B 151 60.08 15.64 -54.64
CA ARG B 151 60.89 16.73 -54.10
C ARG B 151 60.92 17.94 -55.00
N ALA B 152 60.98 17.73 -56.34
CA ALA B 152 61.03 18.82 -57.32
C ALA B 152 59.82 19.70 -57.17
N THR B 153 58.62 19.10 -56.97
CA THR B 153 57.39 19.85 -56.76
C THR B 153 57.45 20.60 -55.44
N CYS B 154 57.98 19.93 -54.44
CA CYS B 154 58.03 20.45 -53.11
C CYS B 154 58.93 21.70 -53.05
N ASN B 155 60.00 21.73 -53.88
CA ASN B 155 60.99 22.80 -53.93
C ASN B 155 60.57 23.99 -54.79
N ARG B 156 59.39 23.91 -55.45
CA ARG B 156 58.87 25.03 -56.26
C ARG B 156 58.80 26.30 -55.43
N ARG B 157 58.96 27.44 -56.07
CA ARG B 157 58.96 28.73 -55.40
C ARG B 157 57.62 28.98 -54.69
N THR B 158 56.50 28.46 -55.26
CA THR B 158 55.16 28.57 -54.67
C THR B 158 55.04 27.69 -53.44
N HIS B 159 55.88 26.64 -53.38
CA HIS B 159 55.94 25.67 -52.30
C HIS B 159 57.11 26.01 -51.35
N HIS B 160 58.08 25.11 -51.15
CA HIS B 160 59.11 25.35 -50.17
C HIS B 160 60.38 26.01 -50.71
N ASP B 161 60.28 26.54 -51.94
CA ASP B 161 61.34 27.29 -52.61
C ASP B 161 62.79 26.80 -52.32
N GLY B 162 63.09 25.55 -52.67
CA GLY B 162 64.42 24.98 -52.54
C GLY B 162 64.88 24.48 -51.19
N ALA B 163 64.11 24.76 -50.14
CA ALA B 163 64.43 24.32 -48.79
C ALA B 163 64.56 22.78 -48.62
N ILE B 164 63.90 21.99 -49.47
CA ILE B 164 63.92 20.54 -49.33
C ILE B 164 65.20 19.93 -49.96
N THR B 165 66.13 19.53 -49.07
CA THR B 165 67.40 18.89 -49.39
C THR B 165 67.18 17.39 -49.68
N GLU B 166 68.22 16.66 -50.05
CA GLU B 166 68.18 15.22 -50.36
C GLU B 166 67.98 14.41 -49.08
N ARG B 167 68.21 15.06 -47.91
CA ARG B 167 68.11 14.45 -46.57
C ARG B 167 66.69 14.65 -45.99
N LEU B 168 65.84 15.44 -46.68
CA LEU B 168 64.43 15.71 -46.31
C LEU B 168 63.47 15.09 -47.35
N MET B 169 62.19 14.94 -46.96
CA MET B 169 61.12 14.41 -47.82
C MET B 169 59.83 15.13 -47.53
N CYS B 170 58.89 15.08 -48.50
CA CYS B 170 57.59 15.74 -48.37
C CYS B 170 56.45 14.80 -48.57
N ALA B 171 55.31 15.18 -48.00
CA ALA B 171 54.04 14.51 -48.15
C ALA B 171 52.98 15.60 -48.39
N GLU B 172 51.87 15.26 -49.05
CA GLU B 172 50.78 16.19 -49.38
C GLU B 172 50.15 16.82 -48.11
N SER B 173 49.67 18.08 -48.20
CA SER B 173 49.08 18.77 -47.06
C SER B 173 47.80 19.51 -47.43
N ASN B 174 46.94 18.90 -48.22
CA ASN B 174 45.67 19.57 -48.54
C ASN B 174 44.64 19.24 -47.44
N ARG B 175 44.54 20.10 -46.38
CA ARG B 175 43.64 19.95 -45.25
C ARG B 175 44.14 18.83 -44.33
N ARG B 176 44.42 17.65 -44.86
CA ARG B 176 45.02 16.53 -44.12
C ARG B 176 46.53 16.77 -44.06
N ASP B 177 47.12 16.92 -42.85
CA ASP B 177 48.53 17.27 -42.65
C ASP B 177 49.02 17.08 -41.19
N SER B 178 50.34 17.14 -40.98
CA SER B 178 50.98 17.09 -39.66
C SER B 178 51.06 18.53 -39.13
N CYS B 179 51.13 18.76 -37.81
CA CYS B 179 51.15 20.11 -37.30
C CYS B 179 51.84 20.21 -35.94
N LYS B 180 51.77 21.39 -35.31
CA LYS B 180 52.31 21.73 -33.98
C LYS B 180 52.05 20.57 -33.05
N GLY B 181 53.09 20.01 -32.46
CA GLY B 181 52.95 18.86 -31.57
C GLY B 181 53.19 17.51 -32.24
N ASP B 182 53.07 17.43 -33.60
CA ASP B 182 53.33 16.18 -34.31
C ASP B 182 54.83 16.01 -34.51
N SER B 183 55.60 17.12 -34.40
CA SER B 183 57.05 17.16 -34.51
C SER B 183 57.69 15.99 -33.81
N GLY B 184 58.70 15.40 -34.45
CA GLY B 184 59.37 14.25 -33.87
C GLY B 184 58.61 12.95 -34.04
N GLY B 185 57.39 13.04 -34.54
CA GLY B 185 56.53 11.89 -34.81
C GLY B 185 56.96 11.09 -36.02
N PRO B 186 56.47 9.84 -36.14
CA PRO B 186 56.87 8.99 -37.27
C PRO B 186 56.04 9.14 -38.54
N LEU B 187 56.70 8.97 -39.70
CA LEU B 187 56.12 8.88 -41.05
C LEU B 187 56.48 7.48 -41.47
N VAL B 188 55.48 6.59 -41.47
CA VAL B 188 55.69 5.16 -41.74
C VAL B 188 55.13 4.77 -43.10
N CYS B 189 55.98 4.13 -43.93
CA CYS B 189 55.61 3.63 -45.26
C CYS B 189 55.97 2.16 -45.32
N GLY B 190 54.95 1.34 -45.57
CA GLY B 190 55.11 -0.10 -45.64
C GLY B 190 55.63 -0.70 -44.35
N GLY B 191 55.07 -0.24 -43.23
CA GLY B 191 55.45 -0.70 -41.91
C GLY B 191 56.88 -0.43 -41.49
N VAL B 192 57.59 0.46 -42.24
CA VAL B 192 58.96 0.86 -41.96
C VAL B 192 59.01 2.37 -41.73
N LEU B 193 59.79 2.82 -40.72
CA LEU B 193 59.96 4.24 -40.44
C LEU B 193 60.76 4.86 -41.59
N GLU B 194 60.18 5.86 -42.28
CA GLU B 194 60.86 6.55 -43.38
C GLU B 194 61.26 7.99 -42.98
N GLY B 195 60.34 8.72 -42.39
CA GLY B 195 60.59 10.09 -41.97
C GLY B 195 60.26 10.42 -40.53
N VAL B 196 60.74 11.57 -40.07
CA VAL B 196 60.48 12.08 -38.72
C VAL B 196 59.99 13.54 -38.87
N VAL B 197 58.74 13.80 -38.48
CA VAL B 197 58.13 15.14 -38.59
C VAL B 197 59.11 16.22 -38.03
N THR B 198 59.29 17.35 -38.77
CA THR B 198 60.21 18.44 -38.39
C THR B 198 59.68 19.20 -37.18
N SER B 199 60.57 19.79 -36.35
CA SER B 199 60.18 20.55 -35.14
C SER B 199 60.25 22.07 -35.36
N GLY B 200 60.48 22.49 -36.58
CA GLY B 200 60.49 23.90 -36.90
C GLY B 200 59.10 24.35 -37.23
N SER B 201 58.73 25.56 -36.78
CA SER B 201 57.45 26.21 -37.03
C SER B 201 57.11 26.25 -38.55
N ARG B 202 55.83 26.04 -38.86
CA ARG B 202 55.34 26.05 -40.22
C ARG B 202 53.83 26.28 -40.32
N VAL B 203 53.32 26.50 -41.55
CA VAL B 203 51.92 26.65 -41.88
C VAL B 203 51.35 25.24 -42.10
N CYS B 204 50.25 24.89 -41.43
CA CYS B 204 49.66 23.56 -41.60
C CYS B 204 48.41 23.61 -42.45
N GLY B 205 48.08 22.45 -43.03
CA GLY B 205 46.86 22.26 -43.80
C GLY B 205 46.78 22.85 -45.18
N ASN B 206 47.71 23.77 -45.52
CA ASN B 206 47.77 24.46 -46.81
C ASN B 206 48.49 23.56 -47.81
N ARG B 207 47.81 23.17 -48.92
CA ARG B 207 48.35 22.24 -49.92
C ARG B 207 49.63 22.73 -50.62
N LYS B 208 49.85 24.06 -50.69
CA LYS B 208 51.00 24.62 -51.37
C LYS B 208 52.22 24.71 -50.45
N LYS B 209 52.06 24.34 -49.18
CA LYS B 209 53.15 24.30 -48.21
C LYS B 209 53.19 22.88 -47.62
N PRO B 210 53.76 21.90 -48.36
CA PRO B 210 53.69 20.51 -47.90
C PRO B 210 54.38 20.23 -46.57
N GLY B 211 54.01 19.10 -45.99
CA GLY B 211 54.62 18.66 -44.75
C GLY B 211 56.06 18.25 -45.01
N ILE B 212 56.97 18.66 -44.12
CA ILE B 212 58.40 18.36 -44.21
C ILE B 212 58.74 17.30 -43.17
N TYR B 213 59.46 16.23 -43.59
CA TYR B 213 59.86 15.08 -42.77
C TYR B 213 61.34 14.73 -43.02
N THR B 214 62.13 14.57 -41.96
CA THR B 214 63.55 14.20 -42.04
C THR B 214 63.68 12.70 -42.40
N ARG B 215 64.41 12.38 -43.49
CA ARG B 215 64.62 11.01 -43.95
C ARG B 215 65.59 10.29 -43.02
N VAL B 216 65.11 9.24 -42.31
CA VAL B 216 65.95 8.54 -41.32
C VAL B 216 67.15 7.82 -42.01
N ALA B 217 66.92 7.20 -43.20
CA ALA B 217 67.97 6.49 -43.96
C ALA B 217 69.17 7.42 -44.26
N SER B 218 68.89 8.70 -44.40
CA SER B 218 69.87 9.71 -44.66
C SER B 218 70.80 9.90 -43.44
N TYR B 219 70.37 9.52 -42.21
CA TYR B 219 71.14 9.69 -40.95
C TYR B 219 71.46 8.35 -40.24
N ALA B 220 71.24 7.20 -40.97
CA ALA B 220 71.42 5.82 -40.53
C ALA B 220 72.73 5.61 -39.78
N ALA B 221 73.86 6.12 -40.30
CA ALA B 221 75.19 5.99 -39.69
C ALA B 221 75.25 6.63 -38.32
N TRP B 222 74.69 7.85 -38.18
CA TRP B 222 74.67 8.59 -36.92
C TRP B 222 73.83 7.85 -35.88
N ILE B 223 72.59 7.44 -36.27
CA ILE B 223 71.64 6.72 -35.40
C ILE B 223 72.35 5.48 -34.85
N ASP B 224 72.96 4.67 -35.74
CA ASP B 224 73.73 3.48 -35.38
C ASP B 224 74.80 3.80 -34.36
N SER B 225 75.56 4.88 -34.61
CA SER B 225 76.65 5.32 -33.76
C SER B 225 76.18 5.57 -32.33
N VAL B 226 75.07 6.30 -32.18
CA VAL B 226 74.50 6.71 -30.88
C VAL B 226 73.96 5.46 -30.15
N LEU B 227 73.09 4.68 -30.82
CA LEU B 227 72.46 3.48 -30.29
C LEU B 227 73.47 2.43 -29.81
N ALA B 228 74.62 2.29 -30.52
CA ALA B 228 75.69 1.36 -30.13
C ALA B 228 76.50 1.95 -28.93
N ILE C 1 33.27 -4.92 -14.72
CA ILE C 1 33.59 -6.08 -13.88
C ILE C 1 35.03 -5.94 -13.31
N LEU C 2 35.15 -5.92 -11.96
CA LEU C 2 36.40 -5.91 -11.22
C LEU C 2 36.87 -7.36 -11.01
N GLY C 3 38.15 -7.62 -11.26
CA GLY C 3 38.79 -8.90 -11.04
C GLY C 3 38.30 -10.08 -11.85
N GLY C 4 37.76 -9.82 -13.04
CA GLY C 4 37.29 -10.86 -13.95
C GLY C 4 38.21 -11.06 -15.16
N ARG C 5 37.63 -11.41 -16.30
CA ARG C 5 38.38 -11.66 -17.51
C ARG C 5 37.48 -11.35 -18.71
N GLU C 6 38.07 -11.16 -19.92
CA GLU C 6 37.25 -10.88 -21.10
C GLU C 6 36.45 -12.13 -21.44
N ALA C 7 35.16 -11.97 -21.66
CA ALA C 7 34.27 -13.09 -21.97
C ALA C 7 34.52 -13.59 -23.40
N GLU C 8 34.22 -14.87 -23.67
CA GLU C 8 34.30 -15.48 -24.99
C GLU C 8 33.23 -14.80 -25.84
N ALA C 9 33.61 -14.19 -26.95
CA ALA C 9 32.68 -13.46 -27.82
C ALA C 9 31.43 -14.28 -28.18
N HIS C 10 30.25 -13.66 -27.96
CA HIS C 10 28.91 -14.14 -28.25
C HIS C 10 28.59 -15.50 -27.57
N ALA C 11 29.27 -15.86 -26.46
CA ALA C 11 29.02 -17.08 -25.66
C ALA C 11 27.81 -16.85 -24.71
N ARG C 12 27.44 -15.58 -24.50
CA ARG C 12 26.30 -15.17 -23.69
C ARG C 12 25.35 -14.38 -24.60
N PRO C 13 24.58 -15.07 -25.48
CA PRO C 13 23.73 -14.35 -26.46
C PRO C 13 22.59 -13.51 -25.86
N TYR C 14 22.35 -13.66 -24.54
CA TYR C 14 21.30 -12.97 -23.79
C TYR C 14 21.74 -11.59 -23.35
N MET C 15 23.07 -11.37 -23.36
CA MET C 15 23.69 -10.14 -22.89
C MET C 15 23.28 -8.94 -23.77
N ALA C 16 22.86 -7.86 -23.14
CA ALA C 16 22.40 -6.63 -23.78
C ALA C 16 23.08 -5.40 -23.16
N SER C 17 23.31 -4.36 -23.97
CA SER C 17 23.91 -3.13 -23.48
C SER C 17 22.89 -2.01 -23.55
N VAL C 18 22.39 -1.58 -22.38
CA VAL C 18 21.42 -0.50 -22.29
C VAL C 18 22.21 0.79 -22.44
N GLN C 19 21.92 1.46 -23.55
CA GLN C 19 22.65 2.66 -23.91
C GLN C 19 21.79 3.90 -23.92
N LEU C 20 22.43 5.03 -23.61
CA LEU C 20 21.82 6.34 -23.65
C LEU C 20 22.71 7.21 -24.51
N ASN C 21 22.16 7.71 -25.64
CA ASN C 21 22.84 8.57 -26.61
C ASN C 21 24.12 7.90 -27.15
N GLY C 22 23.98 6.61 -27.49
CA GLY C 22 25.08 5.81 -27.98
C GLY C 22 26.27 5.75 -27.04
N ALA C 23 26.00 5.51 -25.76
CA ALA C 23 26.95 5.39 -24.67
C ALA C 23 26.39 4.38 -23.69
N HIS C 24 27.18 3.34 -23.38
CA HIS C 24 26.79 2.30 -22.47
C HIS C 24 26.54 2.88 -21.07
N LEU C 25 25.46 2.46 -20.46
CA LEU C 25 25.03 2.88 -19.14
C LEU C 25 24.95 1.69 -18.21
N CYS C 26 24.27 0.64 -18.68
CA CYS C 26 23.96 -0.57 -17.95
C CYS C 26 23.95 -1.76 -18.83
N GLY C 27 24.05 -2.91 -18.19
CA GLY C 27 23.88 -4.19 -18.83
C GLY C 27 22.41 -4.51 -18.78
N GLY C 28 22.00 -5.53 -19.51
CA GLY C 28 20.62 -5.97 -19.59
C GLY C 28 20.60 -7.43 -19.99
N VAL C 29 19.44 -8.07 -19.94
CA VAL C 29 19.36 -9.48 -20.31
C VAL C 29 18.07 -9.75 -21.10
N LEU C 30 18.22 -10.34 -22.31
CA LEU C 30 17.11 -10.68 -23.20
C LEU C 30 16.34 -11.84 -22.56
N VAL C 31 15.09 -11.57 -22.15
CA VAL C 31 14.23 -12.55 -21.44
C VAL C 31 13.12 -13.08 -22.36
N ALA C 32 12.84 -12.32 -23.43
CA ALA C 32 11.85 -12.60 -24.48
C ALA C 32 12.33 -12.00 -25.81
N GLU C 33 11.72 -12.37 -26.96
CA GLU C 33 12.06 -11.82 -28.28
C GLU C 33 12.02 -10.29 -28.34
N GLN C 34 11.14 -9.65 -27.58
CA GLN C 34 11.01 -8.19 -27.63
C GLN C 34 11.14 -7.53 -26.25
N TRP C 35 11.75 -8.25 -25.27
CA TRP C 35 11.88 -7.72 -23.93
C TRP C 35 13.26 -7.94 -23.32
N VAL C 36 13.84 -6.85 -22.79
CA VAL C 36 15.14 -6.87 -22.13
C VAL C 36 14.93 -6.45 -20.66
N LEU C 37 15.39 -7.29 -19.73
CA LEU C 37 15.29 -7.03 -18.31
C LEU C 37 16.57 -6.34 -17.85
N SER C 38 16.44 -5.27 -17.07
CA SER C 38 17.57 -4.50 -16.53
C SER C 38 17.19 -3.94 -15.14
N ALA C 39 17.97 -2.96 -14.59
CA ALA C 39 17.67 -2.35 -13.29
C ALA C 39 16.99 -1.00 -13.48
N ALA C 40 15.98 -0.74 -12.65
CA ALA C 40 15.22 0.50 -12.58
C ALA C 40 16.06 1.72 -12.79
N HIS C 41 16.99 2.00 -11.86
CA HIS C 41 17.72 3.26 -11.77
C HIS C 41 18.83 3.47 -12.78
N CYS C 42 18.81 2.71 -13.90
CA CYS C 42 19.75 2.91 -15.00
C CYS C 42 19.38 4.18 -15.73
N LEU C 43 18.06 4.37 -15.89
CA LEU C 43 17.45 5.46 -16.64
C LEU C 43 16.98 6.59 -15.70
N GLU C 44 17.58 6.66 -14.52
CA GLU C 44 17.23 7.67 -13.51
C GLU C 44 17.30 9.07 -14.05
N ASP C 45 18.48 9.50 -14.49
CA ASP C 45 18.69 10.84 -15.02
C ASP C 45 18.90 10.78 -16.55
N ALA C 46 18.21 9.84 -17.23
CA ALA C 46 18.26 9.70 -18.70
C ALA C 46 17.59 10.94 -19.36
N ALA C 47 16.34 11.26 -18.92
CA ALA C 47 15.49 12.38 -19.30
C ALA C 47 15.57 12.64 -20.81
N ASP C 48 16.17 13.80 -21.20
CA ASP C 48 16.41 14.21 -22.59
C ASP C 48 17.54 13.32 -23.15
N GLY C 49 17.16 12.30 -23.93
CA GLY C 49 18.13 11.37 -24.51
C GLY C 49 17.55 10.09 -25.06
N LYS C 50 18.19 9.56 -26.10
CA LYS C 50 17.80 8.34 -26.81
C LYS C 50 18.25 7.05 -26.08
N VAL C 51 17.28 6.31 -25.54
CA VAL C 51 17.55 5.03 -24.87
C VAL C 51 17.45 3.91 -25.90
N GLN C 52 18.52 3.09 -26.01
CA GLN C 52 18.60 1.95 -26.93
C GLN C 52 19.26 0.74 -26.30
N VAL C 53 18.94 -0.44 -26.85
CA VAL C 53 19.48 -1.71 -26.42
C VAL C 53 20.31 -2.31 -27.56
N LEU C 54 21.58 -2.64 -27.28
CA LEU C 54 22.49 -3.24 -28.27
C LEU C 54 22.58 -4.76 -28.06
N LEU C 55 22.08 -5.52 -29.02
CA LEU C 55 22.09 -6.97 -28.94
C LEU C 55 23.14 -7.56 -29.89
N GLY C 56 23.56 -8.79 -29.61
CA GLY C 56 24.56 -9.52 -30.40
C GLY C 56 25.95 -8.92 -30.37
N ALA C 57 26.27 -8.14 -29.32
CA ALA C 57 27.55 -7.47 -29.20
C ALA C 57 28.55 -8.16 -28.31
N HIS C 58 29.81 -7.85 -28.58
CA HIS C 58 30.97 -8.24 -27.80
C HIS C 58 31.78 -6.98 -27.62
N SER C 59 32.20 -6.36 -28.76
CA SER C 59 32.84 -5.05 -28.74
C SER C 59 31.75 -4.01 -28.87
N LEU C 60 31.79 -3.01 -28.04
CA LEU C 60 30.78 -1.95 -28.10
C LEU C 60 30.96 -1.06 -29.35
N SER C 61 32.21 -0.87 -29.83
CA SER C 61 32.59 0.05 -30.89
C SER C 61 32.85 -0.56 -32.25
N GLN C 62 33.45 -1.76 -32.29
CA GLN C 62 33.86 -2.42 -33.53
C GLN C 62 32.72 -3.11 -34.28
N PRO C 63 32.82 -3.19 -35.63
CA PRO C 63 31.76 -3.86 -36.40
C PRO C 63 31.69 -5.37 -36.16
N GLU C 64 30.44 -5.87 -36.02
CA GLU C 64 30.13 -7.28 -35.81
C GLU C 64 28.83 -7.63 -36.53
N PRO C 65 28.81 -8.73 -37.31
CA PRO C 65 27.60 -9.10 -38.06
C PRO C 65 26.36 -9.30 -37.16
N SER C 66 26.53 -9.95 -36.00
CA SER C 66 25.49 -10.21 -35.00
C SER C 66 24.93 -8.94 -34.35
N LYS C 67 25.77 -7.87 -34.20
CA LYS C 67 25.39 -6.57 -33.58
C LYS C 67 24.18 -5.92 -34.21
N ARG C 68 23.31 -5.43 -33.36
CA ARG C 68 22.13 -4.73 -33.79
C ARG C 68 21.69 -3.80 -32.68
N LEU C 69 21.37 -2.59 -33.01
CA LEU C 69 20.91 -1.61 -32.05
C LEU C 69 19.41 -1.42 -32.21
N TYR C 70 18.66 -1.61 -31.12
CA TYR C 70 17.18 -1.53 -31.09
C TYR C 70 16.67 -0.34 -30.32
N ASP C 71 15.56 0.24 -30.77
CA ASP C 71 14.95 1.37 -30.11
C ASP C 71 14.05 0.86 -29.01
N VAL C 72 13.92 1.61 -27.93
CA VAL C 72 13.09 1.15 -26.82
C VAL C 72 11.70 1.77 -27.02
N LEU C 73 10.72 0.93 -27.28
CA LEU C 73 9.35 1.36 -27.49
C LEU C 73 8.67 1.70 -26.17
N ARG C 74 9.04 1.00 -25.09
CA ARG C 74 8.38 1.17 -23.79
C ARG C 74 9.35 0.81 -22.69
N ALA C 75 9.42 1.64 -21.63
CA ALA C 75 10.31 1.35 -20.47
C ALA C 75 9.46 1.17 -19.22
N VAL C 76 9.28 -0.07 -18.81
CA VAL C 76 8.45 -0.40 -17.66
C VAL C 76 9.29 -0.65 -16.39
N PRO C 77 9.52 0.37 -15.53
CA PRO C 77 10.18 0.08 -14.24
C PRO C 77 9.19 -0.59 -13.26
N HIS C 78 9.70 -1.27 -12.23
CA HIS C 78 8.82 -1.86 -11.24
C HIS C 78 8.09 -0.73 -10.53
N PRO C 79 6.75 -0.87 -10.36
CA PRO C 79 5.95 0.22 -9.76
C PRO C 79 6.46 0.72 -8.41
N ASP C 80 6.97 -0.19 -7.57
CA ASP C 80 7.42 0.14 -6.22
C ASP C 80 8.94 0.48 -6.13
N SER C 81 9.61 0.77 -7.28
CA SER C 81 11.02 1.14 -7.21
C SER C 81 11.23 2.63 -7.10
N GLN C 82 11.69 3.11 -5.96
CA GLN C 82 12.06 4.52 -5.83
C GLN C 82 13.64 4.64 -5.70
N PRO C 83 14.26 5.79 -6.10
CA PRO C 83 15.73 5.93 -6.08
C PRO C 83 16.39 5.94 -4.71
N ASP C 84 15.63 6.09 -3.64
CA ASP C 84 16.16 6.10 -2.27
C ASP C 84 16.38 4.69 -1.72
N THR C 85 15.69 3.71 -2.30
CA THR C 85 15.75 2.32 -1.85
C THR C 85 16.49 1.45 -2.87
N ILE C 86 16.87 0.24 -2.49
CA ILE C 86 17.51 -0.74 -3.39
C ILE C 86 16.48 -1.85 -3.73
N ASP C 87 15.25 -1.61 -3.29
CA ASP C 87 14.14 -2.55 -3.44
C ASP C 87 13.43 -2.39 -4.77
N HIS C 88 13.00 -3.54 -5.33
CA HIS C 88 12.26 -3.69 -6.59
C HIS C 88 13.00 -2.98 -7.73
N ASP C 89 14.34 -3.04 -7.73
CA ASP C 89 15.21 -2.42 -8.71
C ASP C 89 15.23 -3.19 -10.03
N LEU C 90 14.07 -3.33 -10.65
CA LEU C 90 13.94 -3.99 -11.94
C LEU C 90 13.33 -3.04 -12.96
N LEU C 91 13.65 -3.27 -14.25
CA LEU C 91 13.22 -2.46 -15.39
C LEU C 91 13.03 -3.34 -16.59
N LEU C 92 11.86 -3.26 -17.22
CA LEU C 92 11.56 -4.09 -18.39
C LEU C 92 11.44 -3.20 -19.61
N LEU C 93 12.38 -3.39 -20.55
CA LEU C 93 12.47 -2.59 -21.77
C LEU C 93 11.91 -3.35 -22.95
N GLN C 94 10.87 -2.79 -23.58
CA GLN C 94 10.26 -3.38 -24.75
C GLN C 94 10.94 -2.82 -25.98
N LEU C 95 11.52 -3.70 -26.82
CA LEU C 95 12.19 -3.28 -28.04
C LEU C 95 11.15 -2.84 -29.09
N SER C 96 11.56 -1.93 -30.01
CA SER C 96 10.74 -1.34 -31.08
C SER C 96 10.11 -2.45 -31.94
N GLU C 97 10.85 -3.56 -32.14
CA GLU C 97 10.41 -4.73 -32.87
C GLU C 97 11.05 -5.99 -32.27
N LYS C 98 10.53 -7.19 -32.60
CA LYS C 98 11.12 -8.43 -32.10
C LYS C 98 12.57 -8.57 -32.58
N ALA C 99 13.47 -8.95 -31.67
CA ALA C 99 14.89 -9.11 -31.96
C ALA C 99 15.13 -10.26 -32.93
N THR C 100 16.11 -10.08 -33.85
CA THR C 100 16.48 -11.11 -34.83
C THR C 100 17.32 -12.17 -34.12
N LEU C 101 16.73 -13.33 -33.89
CA LEU C 101 17.39 -14.38 -33.14
C LEU C 101 18.37 -15.19 -34.00
N GLY C 102 19.44 -15.62 -33.35
CA GLY C 102 20.51 -16.40 -33.94
C GLY C 102 21.47 -16.90 -32.88
N PRO C 103 22.65 -17.40 -33.29
CA PRO C 103 23.58 -17.96 -32.28
C PRO C 103 24.16 -16.92 -31.32
N ALA C 104 24.14 -15.64 -31.71
CA ALA C 104 24.70 -14.55 -30.92
C ALA C 104 23.64 -13.73 -30.23
N VAL C 105 22.34 -13.96 -30.56
CA VAL C 105 21.17 -13.29 -29.97
C VAL C 105 20.15 -14.36 -29.59
N ARG C 106 20.01 -14.64 -28.27
CA ARG C 106 19.09 -15.67 -27.77
C ARG C 106 18.59 -15.31 -26.36
N PRO C 107 17.27 -15.36 -26.09
CA PRO C 107 16.79 -15.06 -24.73
C PRO C 107 17.23 -16.08 -23.69
N LEU C 108 17.44 -15.64 -22.44
CA LEU C 108 17.87 -16.49 -21.32
C LEU C 108 16.68 -16.90 -20.44
N PRO C 109 16.56 -18.21 -20.12
CA PRO C 109 15.50 -18.66 -19.19
C PRO C 109 15.80 -18.14 -17.80
N TRP C 110 14.80 -17.48 -17.22
CA TRP C 110 14.92 -16.91 -15.89
C TRP C 110 14.19 -17.79 -14.85
N GLN C 111 14.67 -17.75 -13.59
CA GLN C 111 14.15 -18.55 -12.48
C GLN C 111 12.71 -18.20 -12.11
N ARG C 112 11.82 -19.22 -12.10
CA ARG C 112 10.41 -19.04 -11.70
C ARG C 112 10.14 -19.60 -10.28
N VAL C 113 10.94 -20.61 -9.86
CA VAL C 113 10.86 -21.25 -8.54
C VAL C 113 11.53 -20.32 -7.51
N ASP C 114 10.73 -19.71 -6.60
CA ASP C 114 11.24 -18.82 -5.55
C ASP C 114 11.95 -19.62 -4.43
N ARG C 115 13.22 -19.99 -4.65
CA ARG C 115 14.09 -20.69 -3.70
C ARG C 115 15.51 -20.14 -3.81
N ASP C 116 16.07 -19.73 -2.67
CA ASP C 116 17.42 -19.14 -2.61
C ASP C 116 18.50 -20.08 -3.15
N VAL C 117 19.48 -19.48 -3.84
CA VAL C 117 20.67 -20.18 -4.33
C VAL C 117 21.55 -20.43 -3.06
N ALA C 118 22.00 -21.67 -2.87
CA ALA C 118 22.78 -22.07 -1.72
C ALA C 118 24.07 -21.27 -1.60
N PRO C 119 24.38 -20.66 -0.41
CA PRO C 119 25.63 -19.89 -0.27
C PRO C 119 26.84 -20.72 -0.74
N GLY C 120 27.83 -20.06 -1.31
CA GLY C 120 29.00 -20.75 -1.83
C GLY C 120 28.85 -21.25 -3.25
N THR C 121 27.63 -21.13 -3.86
CA THR C 121 27.43 -21.51 -5.26
C THR C 121 28.11 -20.44 -6.14
N LEU C 122 28.85 -20.90 -7.18
CA LEU C 122 29.47 -19.96 -8.10
C LEU C 122 28.46 -19.49 -9.16
N CYS C 123 28.33 -18.18 -9.29
CA CYS C 123 27.45 -17.61 -10.29
C CYS C 123 28.26 -16.71 -11.20
N ASP C 124 27.79 -16.59 -12.43
CA ASP C 124 28.45 -15.86 -13.49
C ASP C 124 27.82 -14.50 -13.73
N VAL C 125 28.57 -13.41 -13.49
CA VAL C 125 28.06 -12.05 -13.78
C VAL C 125 28.91 -11.46 -14.92
N ALA C 126 28.24 -10.95 -15.98
CA ALA C 126 28.93 -10.33 -17.14
C ALA C 126 28.48 -8.88 -17.39
N GLY C 127 29.35 -8.09 -17.99
CA GLY C 127 29.04 -6.70 -18.29
C GLY C 127 30.16 -5.87 -18.86
N TRP C 128 29.85 -4.62 -19.28
CA TRP C 128 30.77 -3.63 -19.85
C TRP C 128 31.06 -2.50 -18.84
N GLY C 129 30.84 -2.80 -17.56
CA GLY C 129 31.11 -1.90 -16.45
C GLY C 129 32.60 -1.69 -16.22
N ILE C 130 32.98 -0.69 -15.39
CA ILE C 130 34.40 -0.36 -15.15
C ILE C 130 35.18 -1.59 -14.67
N VAL C 131 36.43 -1.74 -15.17
CA VAL C 131 37.28 -2.92 -14.89
C VAL C 131 38.32 -2.66 -13.79
N ASN C 132 38.43 -1.41 -13.31
CA ASN C 132 39.34 -1.05 -12.23
C ASN C 132 38.82 0.20 -11.51
N HIS C 133 39.39 0.54 -10.33
CA HIS C 133 38.97 1.71 -9.60
C HIS C 133 39.35 2.99 -10.31
N ALA C 134 40.38 2.93 -11.19
CA ALA C 134 40.80 4.04 -12.02
C ALA C 134 39.72 4.39 -13.04
N GLY C 135 38.77 3.47 -13.22
CA GLY C 135 37.58 3.64 -14.04
C GLY C 135 37.68 3.30 -15.49
N ARG C 136 38.60 2.37 -15.86
CA ARG C 136 38.76 1.92 -17.24
C ARG C 136 37.43 1.31 -17.76
N ARG C 137 36.87 1.92 -18.80
CA ARG C 137 35.63 1.46 -19.42
C ARG C 137 36.03 0.42 -20.50
N PRO C 138 35.69 -0.90 -20.34
CA PRO C 138 36.10 -1.90 -21.34
C PRO C 138 35.26 -1.80 -22.62
N ASP C 139 35.88 -2.07 -23.77
CA ASP C 139 35.19 -2.10 -25.07
C ASP C 139 34.55 -3.45 -25.26
N SER C 140 35.25 -4.53 -24.85
CA SER C 140 34.72 -5.89 -24.98
C SER C 140 34.09 -6.37 -23.66
N LEU C 141 33.12 -7.29 -23.78
CA LEU C 141 32.42 -7.88 -22.65
C LEU C 141 33.37 -8.60 -21.70
N GLN C 142 33.23 -8.30 -20.41
CA GLN C 142 33.96 -8.89 -19.28
C GLN C 142 33.01 -9.76 -18.48
N HIS C 143 33.58 -10.60 -17.59
CA HIS C 143 32.85 -11.51 -16.70
C HIS C 143 33.74 -12.05 -15.58
N VAL C 144 33.13 -12.32 -14.42
CA VAL C 144 33.72 -12.81 -13.19
C VAL C 144 32.78 -13.85 -12.58
N LEU C 145 33.35 -14.90 -11.98
CA LEU C 145 32.57 -15.94 -11.29
C LEU C 145 32.61 -15.60 -9.83
N LEU C 146 31.44 -15.37 -9.21
CA LEU C 146 31.37 -15.00 -7.80
C LEU C 146 30.55 -15.98 -7.01
N PRO C 147 31.03 -16.34 -5.78
CA PRO C 147 30.23 -17.24 -4.92
C PRO C 147 29.14 -16.47 -4.16
N VAL C 148 27.95 -17.07 -4.11
CA VAL C 148 26.76 -16.52 -3.42
C VAL C 148 27.06 -16.42 -1.92
N LEU C 149 26.77 -15.24 -1.32
CA LEU C 149 27.03 -14.95 0.11
C LEU C 149 25.78 -15.03 0.91
N ASP C 150 25.71 -15.98 1.81
CA ASP C 150 24.61 -16.17 2.76
C ASP C 150 23.99 -14.80 3.29
N ARG C 151 22.66 -14.69 3.18
CA ARG C 151 21.93 -13.48 3.51
C ARG C 151 22.14 -13.02 4.96
N ALA C 152 22.20 -13.98 5.89
CA ALA C 152 22.38 -13.67 7.29
C ALA C 152 23.68 -12.89 7.52
N THR C 153 24.79 -13.35 6.85
CA THR C 153 26.09 -12.67 6.92
C THR C 153 26.02 -11.37 6.18
N CYS C 154 25.31 -11.35 5.02
CA CYS C 154 25.17 -10.17 4.17
C CYS C 154 24.46 -9.03 4.90
N ASN C 155 23.53 -9.35 5.87
CA ASN C 155 22.73 -8.39 6.65
C ASN C 155 23.42 -7.88 7.95
N ARG C 156 24.62 -8.35 8.24
CA ARG C 156 25.37 -7.87 9.40
C ARG C 156 25.53 -6.35 9.37
N ARG C 157 25.64 -5.71 10.54
CA ARG C 157 25.78 -4.27 10.63
C ARG C 157 27.03 -3.78 9.92
N THR C 158 28.11 -4.63 9.91
CA THR C 158 29.39 -4.30 9.25
C THR C 158 29.22 -4.36 7.75
N HIS C 159 28.23 -5.15 7.31
CA HIS C 159 27.90 -5.37 5.91
C HIS C 159 26.73 -4.49 5.49
N HIS C 160 25.62 -5.07 5.02
CA HIS C 160 24.52 -4.25 4.52
C HIS C 160 23.41 -3.95 5.56
N ASP C 161 23.71 -4.20 6.86
CA ASP C 161 22.87 -3.87 8.01
C ASP C 161 21.37 -4.04 7.79
N GLY C 162 20.96 -5.24 7.42
CA GLY C 162 19.54 -5.57 7.28
C GLY C 162 18.86 -5.20 5.99
N ALA C 163 19.53 -4.43 5.13
CA ALA C 163 19.00 -4.00 3.84
C ALA C 163 18.66 -5.15 2.90
N ILE C 164 19.26 -6.33 3.09
CA ILE C 164 19.04 -7.45 2.17
C ILE C 164 17.79 -8.20 2.58
N THR C 165 16.71 -7.96 1.80
CA THR C 165 15.41 -8.58 1.96
C THR C 165 15.42 -10.00 1.36
N GLU C 166 14.29 -10.72 1.43
CA GLU C 166 14.14 -12.06 0.86
C GLU C 166 14.13 -12.01 -0.66
N ARG C 167 13.86 -10.81 -1.21
CA ARG C 167 13.73 -10.54 -2.64
C ARG C 167 15.12 -10.16 -3.25
N LEU C 168 16.15 -10.02 -2.38
CA LEU C 168 17.51 -9.70 -2.79
C LEU C 168 18.45 -10.85 -2.46
N MET C 169 19.64 -10.88 -3.13
CA MET C 169 20.68 -11.89 -2.90
C MET C 169 22.05 -11.25 -2.99
N CYS C 170 23.02 -11.88 -2.35
CA CYS C 170 24.39 -11.38 -2.33
C CYS C 170 25.36 -12.36 -2.93
N ALA C 171 26.46 -11.80 -3.40
CA ALA C 171 27.59 -12.55 -3.88
C ALA C 171 28.83 -11.86 -3.29
N GLU C 172 29.92 -12.63 -3.07
CA GLU C 172 31.17 -12.14 -2.48
C GLU C 172 31.75 -11.01 -3.30
N SER C 173 32.35 -10.05 -2.60
CA SER C 173 32.88 -8.84 -3.21
C SER C 173 34.32 -8.59 -2.81
N ASN C 174 35.14 -9.65 -2.60
CA ASN C 174 36.53 -9.48 -2.17
C ASN C 174 37.41 -9.33 -3.36
N ARG C 175 37.85 -8.06 -3.63
CA ARG C 175 38.68 -7.66 -4.74
C ARG C 175 37.86 -7.84 -6.01
N ARG C 176 37.53 -9.06 -6.44
CA ARG C 176 36.68 -9.35 -7.61
C ARG C 176 35.21 -9.01 -7.29
N ASP C 177 34.54 -8.25 -8.16
CA ASP C 177 33.17 -7.79 -7.93
C ASP C 177 32.49 -7.30 -9.25
N SER C 178 31.22 -6.90 -9.13
CA SER C 178 30.46 -6.20 -10.14
C SER C 178 30.63 -4.63 -9.83
N CYS C 179 30.49 -3.73 -10.80
CA CYS C 179 30.71 -2.34 -10.49
C CYS C 179 29.91 -1.40 -11.40
N LYS C 180 30.16 -0.07 -11.30
CA LYS C 180 29.55 0.97 -12.12
C LYS C 180 29.49 0.50 -13.56
N GLY C 181 28.31 0.49 -14.17
CA GLY C 181 28.13 0.03 -15.54
C GLY C 181 27.74 -1.42 -15.67
N ASP C 182 27.85 -2.21 -14.57
CA ASP C 182 27.44 -3.62 -14.57
C ASP C 182 25.97 -3.76 -14.12
N SER C 183 25.41 -2.67 -13.55
CA SER C 183 24.05 -2.59 -13.06
C SER C 183 23.09 -3.00 -14.15
N GLY C 184 22.04 -3.77 -13.82
CA GLY C 184 21.06 -4.28 -14.77
C GLY C 184 21.51 -5.53 -15.49
N GLY C 185 22.78 -5.88 -15.30
CA GLY C 185 23.39 -7.07 -15.87
C GLY C 185 22.91 -8.36 -15.22
N PRO C 186 23.13 -9.53 -15.88
CA PRO C 186 22.68 -10.80 -15.32
C PRO C 186 23.65 -11.45 -14.34
N LEU C 187 23.11 -12.16 -13.35
CA LEU C 187 23.81 -13.05 -12.42
C LEU C 187 23.20 -14.43 -12.77
N VAL C 188 24.02 -15.28 -13.42
CA VAL C 188 23.56 -16.56 -13.92
C VAL C 188 24.17 -17.73 -13.11
N CYS C 189 23.28 -18.60 -12.56
CA CYS C 189 23.67 -19.79 -11.81
C CYS C 189 23.03 -20.98 -12.46
N GLY C 190 23.85 -21.95 -12.86
CA GLY C 190 23.42 -23.15 -13.55
C GLY C 190 22.71 -22.84 -14.85
N GLY C 191 23.24 -21.90 -15.62
CA GLY C 191 22.69 -21.46 -16.91
C GLY C 191 21.31 -20.83 -16.87
N VAL C 192 20.87 -20.46 -15.67
CA VAL C 192 19.57 -19.85 -15.43
C VAL C 192 19.79 -18.47 -14.80
N LEU C 193 19.01 -17.47 -15.26
CA LEU C 193 19.07 -16.14 -14.69
C LEU C 193 18.51 -16.20 -13.24
N GLU C 194 19.34 -15.81 -12.25
CA GLU C 194 18.94 -15.80 -10.84
C GLU C 194 18.79 -14.37 -10.36
N GLY C 195 19.79 -13.54 -10.64
CA GLY C 195 19.74 -12.15 -10.20
C GLY C 195 19.99 -11.10 -11.25
N VAL C 196 19.73 -9.82 -10.89
CA VAL C 196 19.95 -8.66 -11.75
C VAL C 196 20.73 -7.63 -10.95
N VAL C 197 21.97 -7.32 -11.35
CA VAL C 197 22.88 -6.37 -10.67
C VAL C 197 22.10 -5.05 -10.33
N THR C 198 22.19 -4.58 -9.09
CA THR C 198 21.50 -3.35 -8.66
C THR C 198 22.12 -2.08 -9.34
N SER C 199 21.32 -0.99 -9.47
CA SER C 199 21.72 0.25 -10.12
C SER C 199 22.01 1.34 -9.13
N GLY C 200 21.98 0.99 -7.88
CA GLY C 200 22.28 1.97 -6.87
C GLY C 200 23.76 2.02 -6.65
N SER C 201 24.28 3.25 -6.48
CA SER C 201 25.67 3.56 -6.20
C SER C 201 26.14 2.79 -4.96
N ARG C 202 27.38 2.33 -4.99
CA ARG C 202 27.95 1.51 -3.96
C ARG C 202 29.46 1.46 -4.13
N VAL C 203 30.15 0.81 -3.15
CA VAL C 203 31.59 0.62 -3.18
C VAL C 203 31.86 -0.78 -3.80
N CYS C 204 32.82 -0.85 -4.76
CA CYS C 204 33.17 -2.11 -5.43
C CYS C 204 34.48 -2.71 -4.86
N GLY C 205 34.63 -4.04 -4.93
CA GLY C 205 35.83 -4.73 -4.46
C GLY C 205 36.11 -4.79 -2.97
N ASN C 206 35.27 -4.18 -2.13
CA ASN C 206 35.39 -4.24 -0.68
C ASN C 206 34.59 -5.43 -0.19
N ARG C 207 35.26 -6.42 0.42
CA ARG C 207 34.62 -7.67 0.89
C ARG C 207 33.51 -7.48 1.92
N LYS C 208 33.54 -6.40 2.72
CA LYS C 208 32.56 -6.14 3.78
C LYS C 208 31.29 -5.44 3.24
N LYS C 209 31.28 -5.11 1.94
CA LYS C 209 30.12 -4.51 1.28
C LYS C 209 29.79 -5.39 0.08
N PRO C 210 29.13 -6.57 0.29
CA PRO C 210 28.92 -7.50 -0.82
C PRO C 210 28.11 -6.96 -1.97
N GLY C 211 28.26 -7.56 -3.14
CA GLY C 211 27.47 -7.20 -4.31
C GLY C 211 26.04 -7.59 -4.08
N ILE C 212 25.12 -6.71 -4.43
CA ILE C 212 23.66 -6.91 -4.25
C ILE C 212 23.05 -7.15 -5.64
N TYR C 213 22.22 -8.19 -5.75
CA TYR C 213 21.53 -8.64 -6.96
C TYR C 213 20.06 -8.94 -6.64
N THR C 214 19.15 -8.38 -7.46
CA THR C 214 17.71 -8.57 -7.32
C THR C 214 17.34 -9.99 -7.79
N ARG C 215 16.66 -10.77 -6.93
CA ARG C 215 16.25 -12.14 -7.26
C ARG C 215 15.07 -12.10 -8.23
N VAL C 216 15.24 -12.62 -9.47
CA VAL C 216 14.18 -12.56 -10.49
C VAL C 216 12.98 -13.42 -10.08
N ALA C 217 13.21 -14.62 -9.48
CA ALA C 217 12.14 -15.53 -9.03
C ALA C 217 11.16 -14.82 -8.07
N SER C 218 11.70 -13.87 -7.32
CA SER C 218 10.95 -13.08 -6.37
C SER C 218 9.95 -12.13 -7.06
N TYR C 219 10.16 -11.81 -8.37
CA TYR C 219 9.33 -10.87 -9.17
C TYR C 219 8.72 -11.54 -10.40
N ALA C 220 8.73 -12.89 -10.43
CA ALA C 220 8.25 -13.75 -11.51
C ALA C 220 6.84 -13.36 -11.99
N ALA C 221 5.90 -13.14 -11.06
CA ALA C 221 4.53 -12.75 -11.37
C ALA C 221 4.46 -11.41 -12.09
N TRP C 222 5.23 -10.40 -11.64
CA TRP C 222 5.27 -9.07 -12.27
C TRP C 222 5.82 -9.16 -13.68
N ILE C 223 6.98 -9.85 -13.86
CA ILE C 223 7.65 -10.05 -15.16
C ILE C 223 6.63 -10.66 -16.14
N ASP C 224 5.96 -11.76 -15.73
CA ASP C 224 4.93 -12.44 -16.51
C ASP C 224 3.85 -11.46 -16.94
N SER C 225 3.34 -10.69 -15.98
CA SER C 225 2.30 -9.69 -16.19
C SER C 225 2.66 -8.71 -17.31
N VAL C 226 3.89 -8.13 -17.25
CA VAL C 226 4.39 -7.13 -18.20
C VAL C 226 4.53 -7.77 -19.60
N LEU C 227 5.29 -8.87 -19.69
CA LEU C 227 5.59 -9.59 -20.92
C LEU C 227 4.34 -10.04 -21.67
N ALA C 228 3.26 -10.42 -20.93
CA ALA C 228 2.00 -10.85 -21.53
C ALA C 228 1.20 -9.61 -22.00
N ILE D 1 -23.73 -11.37 11.01
CA ILE D 1 -24.20 -11.22 9.65
C ILE D 1 -25.52 -10.39 9.65
N LEU D 2 -25.46 -9.17 9.06
CA LEU D 2 -26.62 -8.28 8.93
C LEU D 2 -27.43 -8.67 7.68
N GLY D 3 -28.75 -8.76 7.81
CA GLY D 3 -29.63 -9.08 6.70
C GLY D 3 -29.50 -10.47 6.08
N GLY D 4 -29.12 -11.44 6.89
CA GLY D 4 -29.00 -12.80 6.41
C GLY D 4 -30.02 -13.76 6.99
N ARG D 5 -29.80 -15.04 6.77
CA ARG D 5 -30.63 -16.16 7.23
C ARG D 5 -29.85 -17.06 8.17
N GLU D 6 -30.53 -17.94 8.92
CA GLU D 6 -29.84 -18.95 9.67
C GLU D 6 -29.40 -20.00 8.66
N ALA D 7 -28.15 -20.40 8.70
CA ALA D 7 -27.61 -21.39 7.78
C ALA D 7 -28.15 -22.79 8.11
N GLU D 8 -28.15 -23.70 7.11
CA GLU D 8 -28.51 -25.11 7.28
C GLU D 8 -27.41 -25.73 8.12
N ALA D 9 -27.77 -26.33 9.27
CA ALA D 9 -26.81 -26.94 10.20
C ALA D 9 -25.83 -27.87 9.50
N HIS D 10 -24.53 -27.66 9.76
CA HIS D 10 -23.37 -28.44 9.29
C HIS D 10 -23.27 -28.56 7.74
N ALA D 11 -23.85 -27.58 7.00
CA ALA D 11 -23.79 -27.51 5.53
C ALA D 11 -22.46 -26.87 5.09
N ARG D 12 -21.78 -26.18 6.03
CA ARG D 12 -20.47 -25.54 5.83
C ARG D 12 -19.49 -26.18 6.82
N PRO D 13 -19.02 -27.42 6.55
CA PRO D 13 -18.15 -28.11 7.54
C PRO D 13 -16.79 -27.46 7.82
N TYR D 14 -16.42 -26.44 7.03
CA TYR D 14 -15.17 -25.72 7.11
C TYR D 14 -15.23 -24.58 8.16
N MET D 15 -16.47 -24.20 8.52
CA MET D 15 -16.73 -23.11 9.44
C MET D 15 -16.18 -23.42 10.82
N ALA D 16 -15.46 -22.43 11.40
CA ALA D 16 -14.84 -22.52 12.72
C ALA D 16 -15.16 -21.29 13.55
N SER D 17 -15.26 -21.45 14.88
CA SER D 17 -15.53 -20.32 15.77
C SER D 17 -14.29 -20.08 16.62
N VAL D 18 -13.57 -18.97 16.33
CA VAL D 18 -12.39 -18.62 17.09
C VAL D 18 -12.87 -17.99 18.35
N GLN D 19 -12.57 -18.68 19.45
CA GLN D 19 -13.05 -18.28 20.76
C GLN D 19 -11.92 -17.92 21.70
N LEU D 20 -12.24 -17.00 22.62
CA LEU D 20 -11.36 -16.57 23.69
C LEU D 20 -12.14 -16.68 24.99
N ASN D 21 -11.67 -17.53 25.90
CA ASN D 21 -12.27 -17.81 27.21
C ASN D 21 -13.71 -18.31 27.05
N GLY D 22 -13.86 -19.24 26.09
CA GLY D 22 -15.13 -19.87 25.72
C GLY D 22 -16.21 -18.85 25.37
N ALA D 23 -15.85 -17.88 24.53
CA ALA D 23 -16.68 -16.79 24.03
C ALA D 23 -16.26 -16.51 22.63
N HIS D 24 -17.21 -16.56 21.68
CA HIS D 24 -16.96 -16.32 20.26
C HIS D 24 -16.43 -14.90 20.05
N LEU D 25 -15.39 -14.82 19.24
CA LEU D 25 -14.70 -13.58 18.91
C LEU D 25 -14.76 -13.34 17.43
N CYS D 26 -14.42 -14.38 16.66
CA CYS D 26 -14.28 -14.36 15.23
C CYS D 26 -14.65 -15.65 14.62
N GLY D 27 -14.91 -15.62 13.33
CA GLY D 27 -15.13 -16.81 12.53
C GLY D 27 -13.75 -17.24 12.07
N GLY D 28 -13.68 -18.43 11.50
CA GLY D 28 -12.43 -19.01 11.00
C GLY D 28 -12.78 -20.04 9.96
N VAL D 29 -11.77 -20.54 9.21
CA VAL D 29 -12.08 -21.52 8.19
C VAL D 29 -10.99 -22.61 8.19
N LEU D 30 -11.41 -23.89 8.31
CA LEU D 30 -10.52 -25.05 8.28
C LEU D 30 -9.94 -25.20 6.86
N VAL D 31 -8.63 -24.99 6.72
CA VAL D 31 -7.95 -25.02 5.42
C VAL D 31 -7.10 -26.29 5.28
N ALA D 32 -6.78 -26.92 6.42
CA ALA D 32 -6.00 -28.16 6.57
C ALA D 32 -6.49 -28.91 7.80
N GLU D 33 -6.11 -30.20 7.96
CA GLU D 33 -6.50 -31.02 9.13
C GLU D 33 -6.11 -30.37 10.46
N GLN D 34 -5.02 -29.60 10.52
CA GLN D 34 -4.57 -29.01 11.78
C GLN D 34 -4.40 -27.49 11.69
N TRP D 35 -5.00 -26.86 10.67
CA TRP D 35 -4.86 -25.42 10.47
C TRP D 35 -6.19 -24.70 10.17
N VAL D 36 -6.44 -23.62 10.91
CA VAL D 36 -7.61 -22.78 10.74
C VAL D 36 -7.13 -21.39 10.34
N LEU D 37 -7.65 -20.87 9.24
CA LEU D 37 -7.34 -19.54 8.74
C LEU D 37 -8.37 -18.55 9.28
N SER D 38 -7.92 -17.42 9.82
CA SER D 38 -8.76 -16.36 10.37
C SER D 38 -8.08 -14.99 10.13
N ALA D 39 -8.59 -13.92 10.78
CA ALA D 39 -8.07 -12.56 10.63
C ALA D 39 -7.13 -12.27 11.77
N ALA D 40 -6.04 -11.56 11.43
CA ALA D 40 -4.97 -11.22 12.34
C ALA D 40 -5.41 -10.47 13.61
N HIS D 41 -6.27 -9.47 13.51
CA HIS D 41 -6.61 -8.63 14.67
C HIS D 41 -7.74 -9.15 15.54
N CYS D 42 -8.07 -10.44 15.42
CA CYS D 42 -9.05 -11.11 16.25
C CYS D 42 -8.49 -11.27 17.63
N LEU D 43 -7.21 -11.67 17.69
CA LEU D 43 -6.49 -11.94 18.91
C LEU D 43 -5.61 -10.79 19.36
N GLU D 44 -5.91 -9.55 18.93
CA GLU D 44 -5.14 -8.34 19.29
C GLU D 44 -5.09 -8.11 20.79
N ASP D 45 -6.26 -8.01 21.42
CA ASP D 45 -6.35 -7.77 22.87
C ASP D 45 -6.72 -9.08 23.63
N ALA D 46 -6.30 -10.26 23.09
CA ALA D 46 -6.53 -11.56 23.72
C ALA D 46 -5.73 -11.65 25.03
N ALA D 47 -4.41 -11.34 24.96
CA ALA D 47 -3.46 -11.30 26.07
C ALA D 47 -3.66 -12.49 27.04
N ASP D 48 -4.09 -12.20 28.29
CA ASP D 48 -4.41 -13.18 29.33
C ASP D 48 -5.72 -13.82 28.94
N GLY D 49 -5.66 -15.04 28.40
CA GLY D 49 -6.85 -15.76 27.97
C GLY D 49 -6.61 -16.98 27.10
N LYS D 50 -7.51 -17.97 27.23
CA LYS D 50 -7.49 -19.26 26.53
C LYS D 50 -8.09 -19.13 25.10
N VAL D 51 -7.24 -19.24 24.07
CA VAL D 51 -7.68 -19.16 22.69
C VAL D 51 -7.98 -20.59 22.20
N GLN D 52 -9.20 -20.78 21.64
CA GLN D 52 -9.67 -22.08 21.12
C GLN D 52 -10.47 -21.96 19.84
N VAL D 53 -10.52 -23.04 19.09
CA VAL D 53 -11.27 -23.15 17.84
C VAL D 53 -12.34 -24.23 18.01
N LEU D 54 -13.61 -23.88 17.76
CA LEU D 54 -14.73 -24.81 17.85
C LEU D 54 -15.13 -25.28 16.46
N LEU D 55 -14.92 -26.58 16.22
CA LEU D 55 -15.26 -27.19 14.93
C LEU D 55 -16.52 -28.04 15.05
N GLY D 56 -17.17 -28.28 13.90
CA GLY D 56 -18.38 -29.08 13.82
C GLY D 56 -19.61 -28.47 14.48
N ALA D 57 -19.62 -27.14 14.64
CA ALA D 57 -20.69 -26.45 15.32
C ALA D 57 -21.73 -25.80 14.42
N HIS D 58 -22.93 -25.62 14.97
CA HIS D 58 -24.04 -24.88 14.41
C HIS D 58 -24.53 -23.97 15.51
N SER D 59 -24.96 -24.56 16.64
CA SER D 59 -25.28 -23.80 17.85
C SER D 59 -24.02 -23.68 18.66
N LEU D 60 -23.71 -22.48 19.13
CA LEU D 60 -22.52 -22.26 19.94
C LEU D 60 -22.66 -22.87 21.34
N SER D 61 -23.90 -22.91 21.89
CA SER D 61 -24.21 -23.34 23.26
C SER D 61 -24.76 -24.76 23.43
N GLN D 62 -25.58 -25.21 22.47
CA GLN D 62 -26.29 -26.47 22.58
C GLN D 62 -25.45 -27.68 22.23
N PRO D 63 -25.77 -28.88 22.82
CA PRO D 63 -24.94 -30.07 22.52
C PRO D 63 -25.13 -30.56 21.12
N GLU D 64 -24.02 -30.91 20.46
CA GLU D 64 -24.00 -31.47 19.11
C GLU D 64 -22.91 -32.53 19.02
N PRO D 65 -23.21 -33.72 18.49
CA PRO D 65 -22.19 -34.78 18.37
C PRO D 65 -20.95 -34.36 17.61
N SER D 66 -21.12 -33.63 16.49
CA SER D 66 -20.05 -33.12 15.64
C SER D 66 -19.14 -32.07 16.35
N LYS D 67 -19.72 -31.25 17.28
CA LYS D 67 -18.99 -30.23 18.02
C LYS D 67 -17.76 -30.77 18.77
N ARG D 68 -16.57 -30.18 18.48
CA ARG D 68 -15.32 -30.50 19.17
C ARG D 68 -14.51 -29.21 19.34
N LEU D 69 -14.11 -28.89 20.58
CA LEU D 69 -13.33 -27.69 20.91
C LEU D 69 -11.83 -28.03 20.94
N TYR D 70 -11.03 -27.32 20.12
CA TYR D 70 -9.59 -27.58 20.00
C TYR D 70 -8.75 -26.47 20.57
N ASP D 71 -7.63 -26.86 21.16
CA ASP D 71 -6.70 -25.90 21.76
C ASP D 71 -5.77 -25.39 20.67
N VAL D 72 -5.34 -24.15 20.78
CA VAL D 72 -4.47 -23.60 19.72
C VAL D 72 -3.01 -23.79 20.18
N LEU D 73 -2.30 -24.61 19.46
CA LEU D 73 -0.90 -24.89 19.75
C LEU D 73 0.00 -23.73 19.34
N ARG D 74 -0.36 -23.05 18.23
CA ARG D 74 0.48 -22.01 17.63
C ARG D 74 -0.42 -21.00 16.90
N ALA D 75 -0.17 -19.70 17.08
CA ALA D 75 -0.91 -18.65 16.38
C ALA D 75 0.04 -17.82 15.53
N VAL D 76 0.00 -18.08 14.20
CA VAL D 76 0.88 -17.43 13.23
C VAL D 76 0.17 -16.28 12.51
N PRO D 77 0.28 -15.01 13.00
CA PRO D 77 -0.29 -13.88 12.22
C PRO D 77 0.62 -13.54 11.05
N HIS D 78 0.11 -12.87 10.03
CA HIS D 78 0.95 -12.45 8.92
C HIS D 78 1.98 -11.47 9.45
N PRO D 79 3.27 -11.67 9.08
CA PRO D 79 4.34 -10.81 9.60
C PRO D 79 4.10 -9.31 9.43
N ASP D 80 3.49 -8.90 8.32
CA ASP D 80 3.27 -7.50 7.99
C ASP D 80 1.88 -6.96 8.43
N SER D 81 1.21 -7.65 9.36
CA SER D 81 -0.08 -7.16 9.87
C SER D 81 0.16 -6.25 11.11
N GLN D 82 -0.33 -5.01 11.05
CA GLN D 82 -0.27 -4.00 12.11
C GLN D 82 -1.73 -3.61 12.42
N PRO D 83 -2.13 -3.28 13.67
CA PRO D 83 -3.54 -2.96 13.93
C PRO D 83 -4.06 -1.68 13.26
N ASP D 84 -3.16 -0.81 12.77
CA ASP D 84 -3.50 0.46 12.12
C ASP D 84 -3.82 0.28 10.64
N THR D 85 -3.37 -0.81 10.03
CA THR D 85 -3.66 -1.07 8.62
C THR D 85 -4.67 -2.19 8.46
N ILE D 86 -5.39 -2.22 7.32
CA ILE D 86 -6.33 -3.29 7.02
C ILE D 86 -5.62 -4.33 6.14
N ASP D 87 -4.30 -4.12 5.94
CA ASP D 87 -3.47 -4.95 5.09
C ASP D 87 -2.94 -6.18 5.80
N HIS D 88 -2.81 -7.28 5.04
CA HIS D 88 -2.27 -8.57 5.47
C HIS D 88 -2.94 -9.06 6.77
N ASP D 89 -4.25 -8.81 6.89
CA ASP D 89 -5.03 -9.19 8.06
C ASP D 89 -5.39 -10.70 8.01
N LEU D 90 -4.37 -11.55 8.04
CA LEU D 90 -4.53 -12.99 8.07
C LEU D 90 -3.87 -13.55 9.32
N LEU D 91 -4.39 -14.70 9.81
CA LEU D 91 -3.93 -15.39 11.01
C LEU D 91 -4.11 -16.87 10.80
N LEU D 92 -3.03 -17.63 11.01
CA LEU D 92 -3.07 -19.08 10.84
C LEU D 92 -2.93 -19.74 12.20
N LEU D 93 -4.00 -20.42 12.63
CA LEU D 93 -4.06 -21.08 13.93
C LEU D 93 -3.83 -22.56 13.78
N GLN D 94 -2.78 -23.07 14.44
CA GLN D 94 -2.47 -24.49 14.43
C GLN D 94 -3.15 -25.16 15.60
N LEU D 95 -4.00 -26.15 15.32
CA LEU D 95 -4.72 -26.86 16.37
C LEU D 95 -3.76 -27.78 17.12
N SER D 96 -4.08 -28.05 18.41
CA SER D 96 -3.31 -28.89 19.36
C SER D 96 -3.04 -30.27 18.75
N GLU D 97 -4.02 -30.78 17.98
CA GLU D 97 -3.94 -32.05 17.28
C GLU D 97 -4.76 -31.96 15.98
N LYS D 98 -4.56 -32.91 15.03
CA LYS D 98 -5.33 -32.90 13.79
C LYS D 98 -6.82 -33.08 14.11
N ALA D 99 -7.66 -32.32 13.40
CA ALA D 99 -9.10 -32.37 13.59
C ALA D 99 -9.68 -33.72 13.14
N THR D 100 -10.68 -34.19 13.90
CA THR D 100 -11.43 -35.41 13.58
C THR D 100 -12.37 -35.05 12.44
N LEU D 101 -12.04 -35.50 11.24
CA LEU D 101 -12.85 -35.19 10.07
C LEU D 101 -14.07 -36.11 9.95
N GLY D 102 -15.17 -35.53 9.49
CA GLY D 102 -16.43 -36.22 9.26
C GLY D 102 -17.32 -35.39 8.34
N PRO D 103 -18.62 -35.65 8.32
CA PRO D 103 -19.51 -34.88 7.42
C PRO D 103 -19.74 -33.41 7.87
N ALA D 104 -19.48 -33.12 9.16
CA ALA D 104 -19.69 -31.81 9.76
C ALA D 104 -18.38 -31.04 9.99
N VAL D 105 -17.22 -31.72 9.79
CA VAL D 105 -15.88 -31.16 9.90
C VAL D 105 -15.08 -31.57 8.65
N ARG D 106 -14.85 -30.63 7.74
CA ARG D 106 -14.11 -30.87 6.51
C ARG D 106 -13.37 -29.59 6.05
N PRO D 107 -12.07 -29.66 5.70
CA PRO D 107 -11.38 -28.46 5.23
C PRO D 107 -11.92 -27.96 3.89
N LEU D 108 -11.85 -26.63 3.67
CA LEU D 108 -12.30 -25.97 2.45
C LEU D 108 -11.13 -25.66 1.52
N PRO D 109 -11.24 -26.05 0.22
CA PRO D 109 -10.19 -25.69 -0.74
C PRO D 109 -10.20 -24.18 -0.95
N TRP D 110 -9.02 -23.57 -0.80
CA TRP D 110 -8.85 -22.13 -0.94
C TRP D 110 -8.21 -21.83 -2.28
N GLN D 111 -8.49 -20.62 -2.81
CA GLN D 111 -8.01 -20.15 -4.12
C GLN D 111 -6.49 -20.00 -4.18
N ARG D 112 -5.84 -20.69 -5.16
CA ARG D 112 -4.39 -20.60 -5.37
C ARG D 112 -4.03 -19.68 -6.56
N VAL D 113 -4.93 -19.59 -7.57
CA VAL D 113 -4.77 -18.76 -8.75
C VAL D 113 -5.10 -17.28 -8.39
N ASP D 114 -4.09 -16.38 -8.41
CA ASP D 114 -4.26 -14.96 -8.11
C ASP D 114 -4.97 -14.22 -9.27
N ARG D 115 -6.30 -14.35 -9.34
CA ARG D 115 -7.18 -13.66 -10.30
C ARG D 115 -8.42 -13.18 -9.56
N ASP D 116 -8.71 -11.88 -9.70
CA ASP D 116 -9.86 -11.23 -9.06
C ASP D 116 -11.19 -11.90 -9.40
N VAL D 117 -12.08 -12.00 -8.40
CA VAL D 117 -13.43 -12.51 -8.60
C VAL D 117 -14.15 -11.39 -9.35
N ALA D 118 -14.79 -11.75 -10.48
CA ALA D 118 -15.50 -10.79 -11.32
C ALA D 118 -16.59 -10.04 -10.55
N PRO D 119 -16.62 -8.69 -10.60
CA PRO D 119 -17.70 -7.94 -9.92
C PRO D 119 -19.08 -8.48 -10.27
N GLY D 120 -19.99 -8.46 -9.32
CA GLY D 120 -21.32 -8.99 -9.53
C GLY D 120 -21.45 -10.47 -9.27
N THR D 121 -20.33 -11.18 -8.97
CA THR D 121 -20.40 -12.60 -8.62
C THR D 121 -20.99 -12.71 -7.21
N LEU D 122 -21.95 -13.64 -7.01
CA LEU D 122 -22.53 -13.88 -5.69
C LEU D 122 -21.62 -14.79 -4.86
N CYS D 123 -21.24 -14.31 -3.67
CA CYS D 123 -20.43 -15.08 -2.78
C CYS D 123 -21.16 -15.25 -1.46
N ASP D 124 -20.88 -16.37 -0.78
CA ASP D 124 -21.50 -16.72 0.49
C ASP D 124 -20.55 -16.37 1.65
N VAL D 125 -21.00 -15.56 2.62
CA VAL D 125 -20.26 -15.26 3.83
C VAL D 125 -21.09 -15.78 5.03
N ALA D 126 -20.48 -16.57 5.91
CA ALA D 126 -21.15 -17.13 7.10
C ALA D 126 -20.41 -16.76 8.40
N GLY D 127 -21.17 -16.71 9.51
CA GLY D 127 -20.58 -16.40 10.80
C GLY D 127 -21.57 -16.23 11.92
N TRP D 128 -21.03 -16.17 13.15
CA TRP D 128 -21.79 -15.99 14.40
C TRP D 128 -21.68 -14.51 14.88
N GLY D 129 -21.39 -13.62 13.95
CA GLY D 129 -21.28 -12.19 14.23
C GLY D 129 -22.64 -11.57 14.48
N ILE D 130 -22.66 -10.32 14.99
CA ILE D 130 -23.92 -9.63 15.34
C ILE D 130 -24.89 -9.61 14.13
N VAL D 131 -26.19 -9.84 14.43
CA VAL D 131 -27.27 -9.94 13.42
C VAL D 131 -28.07 -8.64 13.26
N ASN D 132 -27.82 -7.64 14.13
CA ASN D 132 -28.48 -6.35 14.03
C ASN D 132 -27.62 -5.28 14.65
N HIS D 133 -27.99 -4.00 14.44
CA HIS D 133 -27.23 -2.90 15.02
C HIS D 133 -27.35 -2.84 16.52
N ALA D 134 -28.43 -3.41 17.07
CA ALA D 134 -28.64 -3.49 18.51
C ALA D 134 -27.62 -4.44 19.13
N GLY D 135 -26.95 -5.24 18.30
CA GLY D 135 -25.87 -6.13 18.71
C GLY D 135 -26.22 -7.53 19.11
N ARG D 136 -27.37 -8.06 18.67
CA ARG D 136 -27.76 -9.44 18.94
C ARG D 136 -26.65 -10.44 18.52
N ARG D 137 -26.20 -11.21 19.49
CA ARG D 137 -25.23 -12.24 19.21
C ARG D 137 -26.01 -13.50 18.86
N PRO D 138 -25.96 -14.03 17.62
CA PRO D 138 -26.73 -15.25 17.32
C PRO D 138 -26.08 -16.51 17.92
N ASP D 139 -26.89 -17.47 18.39
CA ASP D 139 -26.41 -18.75 18.91
C ASP D 139 -26.10 -19.70 17.73
N SER D 140 -26.95 -19.67 16.69
CA SER D 140 -26.75 -20.51 15.52
C SER D 140 -26.08 -19.75 14.38
N LEU D 141 -25.38 -20.48 13.51
CA LEU D 141 -24.68 -19.95 12.36
C LEU D 141 -25.64 -19.27 11.39
N GLN D 142 -25.28 -18.06 10.97
CA GLN D 142 -25.97 -17.21 10.00
C GLN D 142 -25.14 -17.16 8.75
N HIS D 143 -25.73 -16.74 7.64
CA HIS D 143 -25.03 -16.59 6.36
C HIS D 143 -25.80 -15.58 5.48
N VAL D 144 -25.11 -15.01 4.49
CA VAL D 144 -25.67 -14.03 3.56
C VAL D 144 -24.94 -14.18 2.22
N LEU D 145 -25.68 -13.97 1.11
CA LEU D 145 -25.15 -14.00 -0.25
C LEU D 145 -24.93 -12.58 -0.70
N LEU D 146 -23.66 -12.21 -0.96
CA LEU D 146 -23.31 -10.85 -1.34
C LEU D 146 -22.61 -10.81 -2.67
N PRO D 147 -22.97 -9.84 -3.54
CA PRO D 147 -22.28 -9.71 -4.82
C PRO D 147 -20.96 -8.93 -4.64
N VAL D 148 -19.91 -9.41 -5.33
CA VAL D 148 -18.58 -8.80 -5.32
C VAL D 148 -18.65 -7.41 -5.97
N LEU D 149 -18.06 -6.40 -5.34
CA LEU D 149 -18.06 -5.04 -5.85
C LEU D 149 -16.77 -4.74 -6.59
N ASP D 150 -16.87 -3.91 -7.65
CA ASP D 150 -15.75 -3.45 -8.45
C ASP D 150 -14.78 -2.63 -7.58
N ARG D 151 -13.48 -3.04 -7.55
CA ARG D 151 -12.48 -2.36 -6.72
C ARG D 151 -12.43 -0.85 -6.99
N ALA D 152 -12.57 -0.45 -8.28
CA ALA D 152 -12.48 0.95 -8.69
C ALA D 152 -13.49 1.73 -7.93
N THR D 153 -14.74 1.21 -7.89
CA THR D 153 -15.87 1.80 -7.14
C THR D 153 -15.57 1.77 -5.65
N CYS D 154 -15.00 0.66 -5.16
CA CYS D 154 -14.70 0.49 -3.75
C CYS D 154 -13.71 1.54 -3.27
N ASN D 155 -12.80 1.95 -4.16
CA ASN D 155 -11.74 2.91 -3.84
C ASN D 155 -12.17 4.39 -3.97
N ARG D 156 -13.41 4.67 -4.37
CA ARG D 156 -13.89 6.04 -4.45
C ARG D 156 -13.71 6.77 -3.13
N ARG D 157 -13.51 8.09 -3.18
CA ARG D 157 -13.33 8.89 -1.98
C ARG D 157 -14.54 8.79 -1.05
N THR D 158 -15.76 8.66 -1.61
CA THR D 158 -17.00 8.53 -0.85
C THR D 158 -17.07 7.16 -0.17
N HIS D 159 -16.34 6.19 -0.73
CA HIS D 159 -16.27 4.83 -0.27
C HIS D 159 -14.99 4.62 0.56
N HIS D 160 -14.09 3.69 0.16
CA HIS D 160 -12.91 3.41 0.96
C HIS D 160 -11.65 4.19 0.58
N ASP D 161 -11.83 5.25 -0.24
CA ASP D 161 -10.79 6.23 -0.62
C ASP D 161 -9.36 5.62 -0.83
N GLY D 162 -9.26 4.65 -1.73
CA GLY D 162 -7.99 4.08 -2.11
C GLY D 162 -7.43 2.99 -1.24
N ALA D 163 -8.06 2.76 -0.08
CA ALA D 163 -7.62 1.74 0.87
C ALA D 163 -7.61 0.33 0.30
N ILE D 164 -8.43 0.05 -0.73
CA ILE D 164 -8.55 -1.31 -1.26
C ILE D 164 -7.45 -1.58 -2.28
N THR D 165 -6.43 -2.36 -1.82
CA THR D 165 -5.28 -2.80 -2.57
C THR D 165 -5.67 -3.97 -3.45
N GLU D 166 -4.73 -4.48 -4.26
CA GLU D 166 -4.95 -5.62 -5.16
C GLU D 166 -5.06 -6.93 -4.38
N ARG D 167 -4.64 -6.89 -3.09
CA ARG D 167 -4.62 -8.03 -2.17
C ARG D 167 -5.96 -8.10 -1.36
N LEU D 168 -6.82 -7.08 -1.51
CA LEU D 168 -8.13 -6.99 -0.88
C LEU D 168 -9.25 -7.05 -1.92
N MET D 169 -10.48 -7.38 -1.48
CA MET D 169 -11.69 -7.44 -2.32
C MET D 169 -12.90 -6.91 -1.56
N CYS D 170 -13.92 -6.48 -2.30
CA CYS D 170 -15.14 -5.92 -1.73
C CYS D 170 -16.32 -6.67 -2.18
N ALA D 171 -17.36 -6.66 -1.36
CA ALA D 171 -18.68 -7.19 -1.64
C ALA D 171 -19.65 -6.15 -1.14
N GLU D 172 -20.80 -6.01 -1.81
CA GLU D 172 -21.84 -5.01 -1.50
C GLU D 172 -22.29 -5.06 -0.02
N SER D 173 -22.71 -3.92 0.52
CA SER D 173 -23.10 -3.87 1.92
C SER D 173 -24.41 -3.07 2.18
N ASN D 174 -25.29 -3.00 1.18
CA ASN D 174 -26.53 -2.27 1.36
C ASN D 174 -27.48 -3.07 2.24
N ARG D 175 -27.48 -2.76 3.55
CA ARG D 175 -28.28 -3.36 4.61
C ARG D 175 -27.77 -4.79 4.87
N ARG D 176 -27.68 -5.67 3.86
CA ARG D 176 -27.11 -7.02 3.99
C ARG D 176 -25.57 -6.88 3.98
N ASP D 177 -24.89 -7.35 5.05
CA ASP D 177 -23.46 -7.19 5.30
C ASP D 177 -22.88 -8.20 6.33
N SER D 178 -21.54 -8.19 6.50
CA SER D 178 -20.79 -8.88 7.55
C SER D 178 -20.48 -7.82 8.64
N CYS D 179 -20.35 -8.24 9.86
CA CYS D 179 -20.19 -7.26 10.93
C CYS D 179 -19.34 -7.83 12.07
N LYS D 180 -19.27 -7.09 13.19
CA LYS D 180 -18.56 -7.44 14.41
C LYS D 180 -18.80 -8.92 14.70
N GLY D 181 -17.73 -9.70 14.80
CA GLY D 181 -17.81 -11.14 15.04
C GLY D 181 -17.75 -12.01 13.81
N ASP D 182 -17.96 -11.41 12.64
CA ASP D 182 -17.88 -12.14 11.37
C ASP D 182 -16.43 -12.18 10.84
N SER D 183 -15.57 -11.33 11.44
CA SER D 183 -14.14 -11.21 11.24
C SER D 183 -13.46 -12.59 11.15
N GLY D 184 -12.56 -12.76 10.22
CA GLY D 184 -11.86 -14.03 10.09
C GLY D 184 -12.66 -15.13 9.43
N GLY D 185 -13.94 -14.84 9.18
CA GLY D 185 -14.87 -15.75 8.54
C GLY D 185 -14.63 -15.89 7.05
N PRO D 186 -15.20 -16.93 6.43
CA PRO D 186 -14.98 -17.14 5.01
C PRO D 186 -15.94 -16.40 4.07
N LEU D 187 -15.43 -16.02 2.88
CA LEU D 187 -16.17 -15.48 1.75
C LEU D 187 -15.93 -16.53 0.67
N VAL D 188 -16.97 -17.31 0.37
CA VAL D 188 -16.86 -18.45 -0.55
C VAL D 188 -17.59 -18.15 -1.87
N CYS D 189 -16.88 -18.32 -3.00
CA CYS D 189 -17.42 -18.16 -4.36
C CYS D 189 -17.14 -19.43 -5.12
N GLY D 190 -18.21 -20.05 -5.62
CA GLY D 190 -18.15 -21.31 -6.36
C GLY D 190 -17.54 -22.43 -5.54
N GLY D 191 -17.93 -22.51 -4.27
CA GLY D 191 -17.47 -23.54 -3.32
C GLY D 191 -15.99 -23.49 -2.99
N VAL D 192 -15.31 -22.38 -3.36
CA VAL D 192 -13.89 -22.14 -3.11
C VAL D 192 -13.74 -20.90 -2.23
N LEU D 193 -12.84 -20.98 -1.22
CA LEU D 193 -12.55 -19.84 -0.35
C LEU D 193 -11.83 -18.77 -1.18
N GLU D 194 -12.42 -17.56 -1.23
CA GLU D 194 -11.86 -16.43 -1.97
C GLU D 194 -11.35 -15.37 -1.01
N GLY D 195 -12.15 -15.01 -0.04
CA GLY D 195 -11.78 -13.98 0.91
C GLY D 195 -11.92 -14.35 2.38
N VAL D 196 -11.33 -13.53 3.25
CA VAL D 196 -11.40 -13.69 4.69
C VAL D 196 -11.84 -12.34 5.28
N VAL D 197 -13.03 -12.29 5.92
CA VAL D 197 -13.60 -11.07 6.53
C VAL D 197 -12.51 -10.36 7.39
N THR D 198 -12.33 -9.02 7.20
CA THR D 198 -11.34 -8.24 7.95
C THR D 198 -11.74 -8.12 9.45
N SER D 199 -10.71 -7.96 10.31
CA SER D 199 -10.91 -7.87 11.76
C SER D 199 -10.77 -6.45 12.27
N GLY D 200 -10.72 -5.51 11.37
CA GLY D 200 -10.64 -4.13 11.79
C GLY D 200 -12.04 -3.58 11.91
N SER D 201 -12.23 -2.73 12.93
CA SER D 201 -13.47 -2.02 13.21
C SER D 201 -13.94 -1.23 11.99
N ARG D 202 -15.26 -1.22 11.79
CA ARG D 202 -15.89 -0.55 10.67
C ARG D 202 -17.39 -0.26 10.92
N VAL D 203 -18.01 0.34 9.90
CA VAL D 203 -19.44 0.62 9.90
C VAL D 203 -20.14 -0.51 9.09
N CYS D 204 -21.19 -1.12 9.67
CA CYS D 204 -21.92 -2.19 8.98
C CYS D 204 -23.24 -1.67 8.39
N GLY D 205 -23.72 -2.37 7.36
CA GLY D 205 -24.99 -2.12 6.68
C GLY D 205 -25.10 -0.89 5.81
N ASN D 206 -24.04 -0.05 5.76
CA ASN D 206 -23.97 1.19 4.97
C ASN D 206 -23.39 0.86 3.60
N ARG D 207 -24.20 1.09 2.51
CA ARG D 207 -23.83 0.78 1.12
C ARG D 207 -22.59 1.53 0.62
N LYS D 208 -22.28 2.72 1.18
CA LYS D 208 -21.15 3.53 0.73
C LYS D 208 -19.84 3.14 1.40
N LYS D 209 -19.89 2.20 2.34
CA LYS D 209 -18.71 1.68 3.04
C LYS D 209 -18.73 0.16 2.86
N PRO D 210 -18.32 -0.34 1.66
CA PRO D 210 -18.48 -1.80 1.39
C PRO D 210 -17.70 -2.70 2.30
N GLY D 211 -18.12 -3.95 2.36
CA GLY D 211 -17.47 -4.97 3.18
C GLY D 211 -16.12 -5.27 2.58
N ILE D 212 -15.07 -5.35 3.43
CA ILE D 212 -13.69 -5.60 3.00
C ILE D 212 -13.31 -7.03 3.41
N TYR D 213 -12.73 -7.78 2.44
CA TYR D 213 -12.31 -9.17 2.59
C TYR D 213 -10.90 -9.37 2.00
N THR D 214 -10.00 -10.02 2.75
CA THR D 214 -8.62 -10.31 2.33
C THR D 214 -8.63 -11.45 1.31
N ARG D 215 -8.05 -11.23 0.12
CA ARG D 215 -7.98 -12.24 -0.96
C ARG D 215 -6.95 -13.30 -0.60
N VAL D 216 -7.39 -14.56 -0.36
CA VAL D 216 -6.48 -15.64 0.05
C VAL D 216 -5.43 -15.98 -1.05
N ALA D 217 -5.83 -15.96 -2.36
CA ALA D 217 -4.92 -16.22 -3.48
C ALA D 217 -3.72 -15.26 -3.45
N SER D 218 -3.91 -14.04 -2.93
CA SER D 218 -2.89 -13.01 -2.83
C SER D 218 -1.84 -13.33 -1.79
N TYR D 219 -2.10 -14.33 -0.92
CA TYR D 219 -1.22 -14.77 0.19
C TYR D 219 -0.92 -16.26 0.13
N ALA D 220 -1.22 -16.90 -1.02
CA ALA D 220 -1.09 -18.34 -1.27
C ALA D 220 0.28 -18.89 -0.90
N ALA D 221 1.37 -18.17 -1.29
CA ALA D 221 2.76 -18.52 -0.99
C ALA D 221 3.01 -18.59 0.51
N TRP D 222 2.55 -17.54 1.27
CA TRP D 222 2.70 -17.46 2.73
C TRP D 222 1.96 -18.61 3.42
N ILE D 223 0.68 -18.84 3.03
CA ILE D 223 -0.17 -19.90 3.59
C ILE D 223 0.54 -21.24 3.42
N ASP D 224 1.00 -21.55 2.20
CA ASP D 224 1.73 -22.78 1.87
C ASP D 224 2.91 -22.96 2.79
N SER D 225 3.72 -21.88 2.92
CA SER D 225 4.92 -21.81 3.73
C SER D 225 4.63 -22.21 5.18
N VAL D 226 3.57 -21.63 5.80
CA VAL D 226 3.17 -21.85 7.19
C VAL D 226 2.68 -23.29 7.37
N LEU D 227 1.70 -23.72 6.56
CA LEU D 227 1.12 -25.06 6.59
C LEU D 227 2.18 -26.19 6.45
N ALA D 228 3.24 -25.96 5.64
CA ALA D 228 4.32 -26.94 5.47
C ALA D 228 5.26 -26.92 6.70
N ILE E 1 -47.51 -4.21 -20.34
CA ILE E 1 -47.77 -3.22 -21.40
C ILE E 1 -49.28 -2.86 -21.41
N LEU E 2 -49.61 -1.66 -20.93
CA LEU E 2 -50.97 -1.15 -20.94
C LEU E 2 -51.33 -0.68 -22.36
N GLY E 3 -52.51 -1.04 -22.85
CA GLY E 3 -52.95 -0.61 -24.18
C GLY E 3 -52.18 -1.21 -25.34
N GLY E 4 -51.55 -2.34 -25.08
CA GLY E 4 -50.80 -3.04 -26.10
C GLY E 4 -51.63 -4.09 -26.79
N ARG E 5 -50.97 -4.89 -27.60
CA ARG E 5 -51.54 -6.05 -28.29
C ARG E 5 -50.52 -7.17 -28.09
N GLU E 6 -50.92 -8.43 -28.27
CA GLU E 6 -50.00 -9.56 -28.10
C GLU E 6 -49.03 -9.55 -29.28
N ALA E 7 -47.74 -9.69 -29.00
CA ALA E 7 -46.71 -9.69 -30.02
C ALA E 7 -46.75 -10.97 -30.87
N GLU E 8 -46.21 -10.91 -32.11
CA GLU E 8 -46.06 -12.05 -33.00
C GLU E 8 -45.00 -12.95 -32.37
N ALA E 9 -45.34 -14.21 -32.06
CA ALA E 9 -44.41 -15.13 -31.41
C ALA E 9 -43.03 -15.20 -32.09
N HIS E 10 -41.98 -15.05 -31.26
CA HIS E 10 -40.54 -15.11 -31.60
C HIS E 10 -40.11 -14.11 -32.70
N ALA E 11 -40.88 -13.01 -32.88
CA ALA E 11 -40.55 -11.94 -33.83
C ALA E 11 -39.49 -10.98 -33.23
N ARG E 12 -39.29 -11.06 -31.88
CA ARG E 12 -38.30 -10.28 -31.15
C ARG E 12 -37.37 -11.27 -30.47
N PRO E 13 -36.42 -11.90 -31.21
CA PRO E 13 -35.55 -12.94 -30.60
C PRO E 13 -34.60 -12.45 -29.50
N TYR E 14 -34.50 -11.12 -29.31
CA TYR E 14 -33.64 -10.47 -28.30
C TYR E 14 -34.32 -10.38 -26.94
N MET E 15 -35.65 -10.56 -26.92
CA MET E 15 -36.48 -10.49 -25.74
C MET E 15 -36.12 -11.56 -24.75
N ALA E 16 -35.93 -11.17 -23.47
CA ALA E 16 -35.59 -12.05 -22.35
C ALA E 16 -36.49 -11.79 -21.13
N SER E 17 -36.75 -12.83 -20.34
CA SER E 17 -37.59 -12.71 -19.15
C SER E 17 -36.73 -12.96 -17.93
N VAL E 18 -36.43 -11.88 -17.17
CA VAL E 18 -35.64 -11.98 -15.95
C VAL E 18 -36.61 -12.51 -14.89
N GLN E 19 -36.43 -13.79 -14.57
CA GLN E 19 -37.26 -14.57 -13.64
C GLN E 19 -36.60 -14.81 -12.30
N LEU E 20 -37.45 -14.84 -11.25
CA LEU E 20 -37.07 -15.15 -9.87
C LEU E 20 -37.94 -16.28 -9.35
N ASN E 21 -37.30 -17.43 -9.00
CA ASN E 21 -37.96 -18.65 -8.50
C ASN E 21 -39.09 -19.06 -9.46
N GLY E 22 -38.87 -18.88 -10.77
CA GLY E 22 -39.86 -19.23 -11.79
C GLY E 22 -40.74 -18.08 -12.22
N ALA E 23 -41.09 -17.17 -11.30
CA ALA E 23 -41.93 -16.01 -11.62
C ALA E 23 -41.19 -14.90 -12.40
N HIS E 24 -41.85 -14.34 -13.42
CA HIS E 24 -41.34 -13.21 -14.18
C HIS E 24 -41.32 -11.97 -13.29
N LEU E 25 -40.24 -11.20 -13.39
CA LEU E 25 -39.98 -9.99 -12.61
C LEU E 25 -39.82 -8.80 -13.52
N CYS E 26 -38.95 -8.97 -14.52
CA CYS E 26 -38.53 -7.95 -15.46
C CYS E 26 -38.29 -8.52 -16.80
N GLY E 27 -38.30 -7.63 -17.78
CA GLY E 27 -37.90 -7.94 -19.14
C GLY E 27 -36.41 -7.71 -19.19
N GLY E 28 -35.80 -8.16 -20.27
CA GLY E 28 -34.37 -8.03 -20.51
C GLY E 28 -34.13 -8.08 -22.01
N VAL E 29 -32.91 -7.74 -22.43
CA VAL E 29 -32.63 -7.76 -23.86
C VAL E 29 -31.22 -8.37 -24.08
N LEU E 30 -31.14 -9.43 -24.91
CA LEU E 30 -29.91 -10.11 -25.28
C LEU E 30 -29.04 -9.14 -26.14
N VAL E 31 -27.93 -8.71 -25.60
CA VAL E 31 -27.05 -7.73 -26.26
C VAL E 31 -25.76 -8.41 -26.77
N ALA E 32 -25.46 -9.60 -26.24
CA ALA E 32 -24.33 -10.45 -26.57
C ALA E 32 -24.72 -11.91 -26.36
N GLU E 33 -23.92 -12.87 -26.89
CA GLU E 33 -24.18 -14.32 -26.72
C GLU E 33 -24.36 -14.72 -25.25
N GLN E 34 -23.65 -14.07 -24.31
CA GLN E 34 -23.72 -14.45 -22.90
C GLN E 34 -24.11 -13.30 -21.98
N TRP E 35 -24.71 -12.22 -22.55
CA TRP E 35 -25.08 -11.04 -21.76
C TRP E 35 -26.46 -10.52 -22.06
N VAL E 36 -27.22 -10.28 -20.99
CA VAL E 36 -28.58 -9.75 -21.06
C VAL E 36 -28.58 -8.41 -20.30
N LEU E 37 -29.04 -7.35 -20.97
CA LEU E 37 -29.14 -6.03 -20.41
C LEU E 37 -30.52 -5.86 -19.85
N SER E 38 -30.62 -5.36 -18.60
CA SER E 38 -31.89 -5.13 -17.90
C SER E 38 -31.77 -3.88 -16.99
N ALA E 39 -32.74 -3.65 -16.10
CA ALA E 39 -32.77 -2.51 -15.21
C ALA E 39 -32.25 -2.90 -13.84
N ALA E 40 -31.56 -1.94 -13.19
CA ALA E 40 -30.82 -2.06 -11.95
C ALA E 40 -31.63 -2.47 -10.71
N HIS E 41 -32.90 -2.11 -10.64
CA HIS E 41 -33.66 -2.39 -9.43
C HIS E 41 -34.55 -3.62 -9.56
N CYS E 42 -34.27 -4.49 -10.54
CA CYS E 42 -35.09 -5.68 -10.76
C CYS E 42 -34.87 -6.68 -9.67
N LEU E 43 -33.62 -6.78 -9.25
CA LEU E 43 -33.18 -7.77 -8.26
C LEU E 43 -33.15 -7.25 -6.80
N GLU E 44 -33.84 -6.17 -6.46
CA GLU E 44 -33.85 -5.67 -5.08
C GLU E 44 -34.92 -6.35 -4.23
N ASP E 45 -36.01 -6.76 -4.89
CA ASP E 45 -37.14 -7.45 -4.25
C ASP E 45 -36.95 -8.99 -4.45
N ALA E 46 -35.69 -9.38 -4.79
CA ALA E 46 -35.30 -10.77 -5.08
C ALA E 46 -34.66 -11.47 -3.88
N ALA E 47 -33.60 -10.82 -3.34
CA ALA E 47 -32.81 -11.27 -2.21
C ALA E 47 -32.44 -12.76 -2.35
N ASP E 48 -32.91 -13.57 -1.40
CA ASP E 48 -32.71 -15.02 -1.41
C ASP E 48 -33.71 -15.62 -2.40
N GLY E 49 -33.19 -16.04 -3.54
CA GLY E 49 -33.99 -16.62 -4.60
C GLY E 49 -33.18 -16.86 -5.85
N LYS E 50 -33.62 -17.82 -6.68
CA LYS E 50 -32.96 -18.21 -7.93
C LYS E 50 -33.32 -17.26 -9.09
N VAL E 51 -32.34 -16.43 -9.51
CA VAL E 51 -32.49 -15.50 -10.64
C VAL E 51 -32.02 -16.21 -11.92
N GLN E 52 -32.92 -16.20 -12.92
CA GLN E 52 -32.70 -16.82 -14.22
C GLN E 52 -33.23 -15.98 -15.36
N VAL E 53 -32.67 -16.19 -16.54
CA VAL E 53 -33.05 -15.50 -17.77
C VAL E 53 -33.66 -16.53 -18.73
N LEU E 54 -34.90 -16.29 -19.18
CA LEU E 54 -35.60 -17.18 -20.11
C LEU E 54 -35.53 -16.61 -21.53
N LEU E 55 -34.82 -17.34 -22.40
CA LEU E 55 -34.64 -16.93 -23.80
C LEU E 55 -35.51 -17.80 -24.72
N GLY E 56 -35.79 -17.28 -25.91
CA GLY E 56 -36.60 -17.96 -26.91
C GLY E 56 -38.05 -18.16 -26.55
N ALA E 57 -38.58 -17.32 -25.64
CA ALA E 57 -39.96 -17.46 -25.16
C ALA E 57 -40.97 -16.52 -25.79
N HIS E 58 -42.23 -16.95 -25.77
CA HIS E 58 -43.39 -16.18 -26.13
C HIS E 58 -44.40 -16.37 -25.00
N SER E 59 -44.78 -17.63 -24.72
CA SER E 59 -45.64 -18.02 -23.61
C SER E 59 -44.75 -18.41 -22.45
N LEU E 60 -44.92 -17.74 -21.31
CA LEU E 60 -44.10 -17.98 -20.13
C LEU E 60 -44.31 -19.39 -19.56
N SER E 61 -45.53 -19.96 -19.70
CA SER E 61 -45.94 -21.25 -19.14
C SER E 61 -46.00 -22.43 -20.10
N GLN E 62 -46.56 -22.25 -21.32
CA GLN E 62 -46.75 -23.34 -22.30
C GLN E 62 -45.43 -23.74 -22.97
N PRO E 63 -45.26 -25.04 -23.37
CA PRO E 63 -43.97 -25.49 -23.92
C PRO E 63 -43.68 -24.97 -25.32
N GLU E 64 -42.40 -24.62 -25.55
CA GLU E 64 -41.88 -24.08 -26.81
C GLU E 64 -40.48 -24.62 -27.08
N PRO E 65 -40.22 -25.09 -28.31
CA PRO E 65 -38.91 -25.66 -28.61
C PRO E 65 -37.75 -24.70 -28.35
N SER E 66 -37.93 -23.42 -28.77
CA SER E 66 -36.96 -22.32 -28.65
C SER E 66 -36.66 -21.95 -27.19
N LYS E 67 -37.65 -22.09 -26.27
CA LYS E 67 -37.52 -21.75 -24.84
C LYS E 67 -36.34 -22.47 -24.17
N ARG E 68 -35.39 -21.71 -23.60
CA ARG E 68 -34.26 -22.21 -22.82
C ARG E 68 -34.02 -21.27 -21.64
N LEU E 69 -33.99 -21.83 -20.43
CA LEU E 69 -33.80 -21.10 -19.19
C LEU E 69 -32.33 -21.17 -18.77
N TYR E 70 -31.69 -20.00 -18.60
CA TYR E 70 -30.26 -19.88 -18.26
C TYR E 70 -30.03 -19.35 -16.85
N ASP E 71 -28.98 -19.84 -16.18
CA ASP E 71 -28.62 -19.39 -14.85
C ASP E 71 -27.80 -18.12 -14.94
N VAL E 72 -27.89 -17.24 -13.93
CA VAL E 72 -27.13 -15.99 -14.00
C VAL E 72 -25.82 -16.19 -13.24
N LEU E 73 -24.73 -16.19 -13.98
CA LEU E 73 -23.40 -16.38 -13.44
C LEU E 73 -22.89 -15.11 -12.74
N ARG E 74 -23.29 -13.94 -13.23
CA ARG E 74 -22.79 -12.67 -12.71
C ARG E 74 -23.83 -11.57 -12.93
N ALA E 75 -24.09 -10.71 -11.92
CA ALA E 75 -25.02 -9.57 -12.05
C ALA E 75 -24.28 -8.26 -11.79
N VAL E 76 -23.96 -7.53 -12.86
CA VAL E 76 -23.20 -6.29 -12.83
C VAL E 76 -24.11 -5.05 -12.92
N PRO E 77 -24.43 -4.39 -11.78
CA PRO E 77 -25.23 -3.15 -11.86
C PRO E 77 -24.34 -1.96 -12.16
N HIS E 78 -24.96 -0.86 -12.65
CA HIS E 78 -24.20 0.35 -12.93
C HIS E 78 -23.62 0.89 -11.60
N PRO E 79 -22.32 1.28 -11.58
CA PRO E 79 -21.69 1.75 -10.34
C PRO E 79 -22.42 2.88 -9.62
N ASP E 80 -23.04 3.80 -10.39
CA ASP E 80 -23.71 4.96 -9.82
C ASP E 80 -25.23 4.79 -9.62
N SER E 81 -25.71 3.56 -9.54
CA SER E 81 -27.15 3.48 -9.32
C SER E 81 -27.49 3.31 -7.84
N GLN E 82 -28.10 4.35 -7.24
CA GLN E 82 -28.60 4.36 -5.87
C GLN E 82 -29.95 3.63 -5.87
N PRO E 83 -30.50 3.09 -4.76
CA PRO E 83 -31.78 2.37 -4.91
C PRO E 83 -32.99 3.28 -5.09
N ASP E 84 -32.94 4.54 -4.66
CA ASP E 84 -34.08 5.44 -4.78
C ASP E 84 -34.14 6.20 -6.10
N THR E 85 -33.00 6.47 -6.74
CA THR E 85 -32.90 7.29 -7.94
C THR E 85 -33.21 6.53 -9.30
N ILE E 86 -33.79 7.28 -10.31
CA ILE E 86 -34.14 6.71 -11.63
C ILE E 86 -32.94 6.79 -12.59
N ASP E 87 -31.83 7.32 -12.07
CA ASP E 87 -30.59 7.47 -12.79
C ASP E 87 -29.73 6.21 -12.79
N HIS E 88 -29.07 5.98 -13.94
CA HIS E 88 -28.13 4.87 -14.21
C HIS E 88 -28.77 3.53 -13.86
N ASP E 89 -30.07 3.40 -14.19
CA ASP E 89 -30.90 2.23 -13.93
C ASP E 89 -30.64 1.11 -14.94
N LEU E 90 -29.38 0.63 -14.97
CA LEU E 90 -28.96 -0.46 -15.83
C LEU E 90 -28.33 -1.58 -15.01
N LEU E 91 -28.46 -2.81 -15.53
CA LEU E 91 -27.98 -4.04 -14.94
C LEU E 91 -27.56 -4.99 -16.06
N LEU E 92 -26.33 -5.51 -15.95
CA LEU E 92 -25.83 -6.44 -16.96
C LEU E 92 -25.68 -7.82 -16.37
N LEU E 93 -26.51 -8.76 -16.90
CA LEU E 93 -26.57 -10.15 -16.44
C LEU E 93 -25.80 -11.09 -17.34
N GLN E 94 -24.79 -11.75 -16.79
CA GLN E 94 -24.00 -12.71 -17.54
C GLN E 94 -24.60 -14.09 -17.37
N LEU E 95 -24.96 -14.75 -18.47
CA LEU E 95 -25.54 -16.10 -18.46
C LEU E 95 -24.47 -17.13 -18.09
N SER E 96 -24.89 -18.26 -17.50
CA SER E 96 -24.03 -19.37 -17.05
C SER E 96 -23.16 -19.90 -18.19
N GLU E 97 -23.71 -19.91 -19.42
CA GLU E 97 -23.03 -20.30 -20.65
C GLU E 97 -23.58 -19.47 -21.82
N LYS E 98 -22.87 -19.43 -22.97
CA LYS E 98 -23.33 -18.70 -24.16
C LYS E 98 -24.67 -19.25 -24.63
N ALA E 99 -25.59 -18.35 -25.00
CA ALA E 99 -26.92 -18.72 -25.46
C ALA E 99 -26.86 -19.46 -26.78
N THR E 100 -27.76 -20.45 -26.93
CA THR E 100 -27.86 -21.21 -28.18
C THR E 100 -28.66 -20.35 -29.15
N LEU E 101 -27.95 -19.76 -30.13
CA LEU E 101 -28.55 -18.85 -31.08
C LEU E 101 -29.33 -19.57 -32.18
N GLY E 102 -30.40 -18.93 -32.61
CA GLY E 102 -31.30 -19.42 -33.65
C GLY E 102 -32.29 -18.37 -34.09
N PRO E 103 -33.34 -18.77 -34.84
CA PRO E 103 -34.33 -17.76 -35.31
C PRO E 103 -35.13 -17.08 -34.19
N ALA E 104 -35.24 -17.77 -33.03
CA ALA E 104 -36.02 -17.29 -31.90
C ALA E 104 -35.13 -16.72 -30.79
N VAL E 105 -33.78 -16.88 -30.88
CA VAL E 105 -32.80 -16.36 -29.92
C VAL E 105 -31.68 -15.67 -30.71
N ARG E 106 -31.64 -14.33 -30.68
CA ARG E 106 -30.65 -13.54 -31.41
C ARG E 106 -30.38 -12.22 -30.68
N PRO E 107 -29.09 -11.84 -30.46
CA PRO E 107 -28.82 -10.56 -29.78
C PRO E 107 -29.23 -9.36 -30.63
N LEU E 108 -29.64 -8.26 -29.97
CA LEU E 108 -30.04 -7.03 -30.63
C LEU E 108 -28.89 -6.01 -30.66
N PRO E 109 -28.59 -5.42 -31.83
CA PRO E 109 -27.59 -4.34 -31.87
C PRO E 109 -28.09 -3.12 -31.11
N TRP E 110 -27.26 -2.59 -30.19
CA TRP E 110 -27.66 -1.43 -29.41
C TRP E 110 -27.00 -0.17 -29.93
N GLN E 111 -27.57 0.99 -29.58
CA GLN E 111 -27.05 2.26 -30.03
C GLN E 111 -25.76 2.63 -29.29
N ARG E 112 -24.68 2.87 -30.03
CA ARG E 112 -23.38 3.21 -29.44
C ARG E 112 -23.03 4.70 -29.63
N VAL E 113 -23.72 5.41 -30.55
CA VAL E 113 -23.53 6.83 -30.83
C VAL E 113 -24.55 7.65 -30.02
N ASP E 114 -24.05 8.48 -29.09
CA ASP E 114 -24.88 9.28 -28.19
C ASP E 114 -25.57 10.43 -28.91
N ARG E 115 -26.69 10.13 -29.58
CA ARG E 115 -27.55 11.10 -30.27
C ARG E 115 -29.01 10.79 -29.96
N ASP E 116 -29.75 11.78 -29.42
CA ASP E 116 -31.14 11.65 -29.03
C ASP E 116 -32.02 11.15 -30.18
N VAL E 117 -32.97 10.27 -29.84
CA VAL E 117 -33.98 9.80 -30.75
C VAL E 117 -34.90 10.98 -30.93
N ALA E 118 -35.07 11.39 -32.20
CA ALA E 118 -35.87 12.52 -32.59
C ALA E 118 -37.30 12.40 -32.06
N PRO E 119 -37.83 13.43 -31.35
CA PRO E 119 -39.23 13.37 -30.92
C PRO E 119 -40.18 13.01 -32.08
N GLY E 120 -41.21 12.25 -31.77
CA GLY E 120 -42.14 11.80 -32.80
C GLY E 120 -41.72 10.51 -33.48
N THR E 121 -40.54 9.97 -33.15
CA THR E 121 -40.10 8.68 -33.69
C THR E 121 -40.92 7.57 -33.04
N LEU E 122 -41.42 6.63 -33.84
CA LEU E 122 -42.19 5.48 -33.37
C LEU E 122 -41.26 4.37 -32.96
N CYS E 123 -41.34 3.94 -31.69
CA CYS E 123 -40.47 2.93 -31.14
C CYS E 123 -41.27 1.81 -30.50
N ASP E 124 -40.85 0.56 -30.72
CA ASP E 124 -41.49 -0.62 -30.17
C ASP E 124 -41.02 -0.86 -28.73
N VAL E 125 -41.94 -1.25 -27.86
CA VAL E 125 -41.68 -1.58 -26.46
C VAL E 125 -42.37 -2.94 -26.22
N ALA E 126 -41.68 -3.93 -25.66
CA ALA E 126 -42.30 -5.24 -25.43
C ALA E 126 -42.00 -5.77 -24.02
N GLY E 127 -42.90 -6.59 -23.47
CA GLY E 127 -42.72 -7.19 -22.16
C GLY E 127 -43.90 -8.02 -21.67
N TRP E 128 -43.67 -8.74 -20.58
CA TRP E 128 -44.67 -9.59 -19.91
C TRP E 128 -45.21 -8.90 -18.64
N GLY E 129 -45.10 -7.57 -18.62
CA GLY E 129 -45.57 -6.72 -17.54
C GLY E 129 -47.08 -6.64 -17.53
N ILE E 130 -47.65 -6.09 -16.44
CA ILE E 130 -49.11 -6.04 -16.25
C ILE E 130 -49.83 -5.35 -17.43
N VAL E 131 -50.99 -5.89 -17.79
CA VAL E 131 -51.79 -5.43 -18.95
C VAL E 131 -52.99 -4.54 -18.52
N ASN E 132 -53.25 -4.38 -17.22
CA ASN E 132 -54.29 -3.49 -16.69
C ASN E 132 -53.92 -3.04 -15.28
N HIS E 133 -54.62 -2.03 -14.75
CA HIS E 133 -54.31 -1.52 -13.41
C HIS E 133 -54.64 -2.51 -12.32
N ALA E 134 -55.58 -3.44 -12.59
CA ALA E 134 -55.94 -4.52 -11.67
C ALA E 134 -54.74 -5.48 -11.50
N GLY E 135 -53.80 -5.41 -12.43
CA GLY E 135 -52.58 -6.18 -12.36
C GLY E 135 -52.53 -7.50 -13.07
N ARG E 136 -53.35 -7.69 -14.13
CA ARG E 136 -53.33 -8.94 -14.89
C ARG E 136 -51.94 -9.20 -15.51
N ARG E 137 -51.33 -10.31 -15.09
CA ARG E 137 -50.03 -10.77 -15.57
C ARG E 137 -50.24 -11.57 -16.92
N PRO E 138 -49.79 -11.06 -18.10
CA PRO E 138 -50.01 -11.81 -19.34
C PRO E 138 -49.08 -13.01 -19.45
N ASP E 139 -49.57 -14.11 -20.06
CA ASP E 139 -48.76 -15.31 -20.27
C ASP E 139 -47.89 -15.13 -21.53
N SER E 140 -48.46 -14.51 -22.57
CA SER E 140 -47.74 -14.27 -23.80
C SER E 140 -47.19 -12.83 -23.88
N LEU E 141 -46.11 -12.65 -24.67
CA LEU E 141 -45.44 -11.38 -24.86
C LEU E 141 -46.38 -10.37 -25.49
N GLN E 142 -46.40 -9.17 -24.89
CA GLN E 142 -47.17 -8.00 -25.33
C GLN E 142 -46.20 -6.98 -25.88
N HIS E 143 -46.69 -6.00 -26.63
CA HIS E 143 -45.86 -4.93 -27.21
C HIS E 143 -46.73 -3.75 -27.58
N VAL E 144 -46.11 -2.59 -27.91
CA VAL E 144 -46.80 -1.37 -28.31
C VAL E 144 -45.83 -0.49 -29.15
N LEU E 145 -46.37 0.34 -30.04
CA LEU E 145 -45.58 1.27 -30.86
C LEU E 145 -45.93 2.71 -30.43
N LEU E 146 -45.10 3.27 -29.54
CA LEU E 146 -45.24 4.60 -28.92
C LEU E 146 -44.35 5.64 -29.59
N PRO E 147 -44.81 6.92 -29.66
CA PRO E 147 -43.92 7.98 -30.19
C PRO E 147 -43.04 8.61 -29.08
N VAL E 148 -41.79 8.92 -29.43
CA VAL E 148 -40.84 9.53 -28.50
C VAL E 148 -41.28 10.97 -28.22
N LEU E 149 -41.28 11.36 -26.97
CA LEU E 149 -41.61 12.70 -26.52
C LEU E 149 -40.39 13.60 -26.44
N ASP E 150 -40.58 14.89 -26.74
CA ASP E 150 -39.58 15.93 -26.55
C ASP E 150 -39.39 16.15 -25.05
N ARG E 151 -38.13 16.21 -24.57
CA ARG E 151 -37.80 16.35 -23.14
C ARG E 151 -38.45 17.54 -22.49
N ALA E 152 -38.71 18.62 -23.27
CA ALA E 152 -39.36 19.83 -22.76
C ALA E 152 -40.79 19.50 -22.33
N THR E 153 -41.41 18.49 -22.98
CA THR E 153 -42.75 18.03 -22.59
C THR E 153 -42.62 17.25 -21.32
N CYS E 154 -41.68 16.29 -21.29
CA CYS E 154 -41.44 15.38 -20.18
C CYS E 154 -41.16 16.15 -18.93
N ASN E 155 -40.29 17.18 -19.00
CA ASN E 155 -39.84 17.96 -17.86
C ASN E 155 -40.82 19.09 -17.40
N ARG E 156 -42.06 19.15 -17.93
CA ARG E 156 -43.05 20.09 -17.39
C ARG E 156 -43.33 19.74 -15.93
N ARG E 157 -43.72 20.73 -15.09
CA ARG E 157 -43.98 20.46 -13.67
C ARG E 157 -45.13 19.45 -13.50
N THR E 158 -46.12 19.51 -14.43
CA THR E 158 -47.26 18.58 -14.40
C THR E 158 -46.82 17.14 -14.76
N HIS E 159 -45.69 17.06 -15.48
CA HIS E 159 -45.11 15.82 -15.94
C HIS E 159 -43.97 15.39 -14.98
N HIS E 160 -42.76 15.11 -15.48
CA HIS E 160 -41.72 14.65 -14.58
C HIS E 160 -40.90 15.80 -13.92
N ASP E 161 -41.28 17.07 -14.12
CA ASP E 161 -40.66 18.24 -13.52
C ASP E 161 -39.10 18.19 -13.52
N GLY E 162 -38.50 18.07 -14.69
CA GLY E 162 -37.04 18.07 -14.77
C GLY E 162 -36.29 16.78 -14.47
N ALA E 163 -36.99 15.73 -14.00
CA ALA E 163 -36.39 14.43 -13.73
C ALA E 163 -35.71 13.78 -14.95
N ILE E 164 -36.17 14.09 -16.19
CA ILE E 164 -35.64 13.44 -17.41
C ILE E 164 -34.39 14.19 -17.84
N THR E 165 -33.25 13.54 -17.54
CA THR E 165 -31.87 13.95 -17.83
C THR E 165 -31.52 13.69 -19.29
N GLU E 166 -30.32 14.08 -19.70
CA GLU E 166 -29.90 13.85 -21.08
C GLU E 166 -29.55 12.37 -21.29
N ARG E 167 -29.50 11.58 -20.18
CA ARG E 167 -29.20 10.15 -20.17
C ARG E 167 -30.51 9.31 -20.17
N LEU E 168 -31.66 9.99 -19.95
CA LEU E 168 -32.99 9.40 -19.98
C LEU E 168 -33.78 9.90 -21.19
N MET E 169 -34.84 9.15 -21.58
CA MET E 169 -35.75 9.49 -22.68
C MET E 169 -37.20 9.10 -22.34
N CYS E 170 -38.22 9.68 -23.01
CA CYS E 170 -39.58 9.27 -22.73
C CYS E 170 -40.34 9.11 -23.97
N ALA E 171 -41.31 8.21 -23.91
CA ALA E 171 -42.31 7.95 -24.93
C ALA E 171 -43.71 8.36 -24.37
N GLU E 172 -44.70 8.58 -25.24
CA GLU E 172 -46.08 8.88 -24.85
C GLU E 172 -46.67 7.79 -23.92
N SER E 173 -47.62 8.15 -23.06
CA SER E 173 -48.22 7.23 -22.12
C SER E 173 -49.70 7.50 -21.95
N ASN E 174 -50.39 7.87 -23.03
CA ASN E 174 -51.84 8.13 -22.99
C ASN E 174 -52.52 6.79 -23.16
N ARG E 175 -52.88 6.14 -22.04
CA ARG E 175 -53.49 4.81 -21.98
C ARG E 175 -52.42 3.74 -22.37
N ARG E 176 -51.85 3.81 -23.60
CA ARG E 176 -50.78 2.92 -24.07
C ARG E 176 -49.49 3.33 -23.37
N ASP E 177 -48.86 2.39 -22.63
CA ASP E 177 -47.64 2.62 -21.84
C ASP E 177 -47.02 1.30 -21.32
N SER E 178 -45.76 1.40 -20.85
CA SER E 178 -45.04 0.33 -20.22
C SER E 178 -45.43 0.38 -18.73
N CYS E 179 -45.30 -0.75 -18.00
CA CYS E 179 -45.72 -0.77 -16.61
C CYS E 179 -44.96 -1.81 -15.80
N LYS E 180 -45.39 -2.05 -14.54
CA LYS E 180 -44.83 -3.04 -13.60
C LYS E 180 -44.55 -4.34 -14.34
N GLY E 181 -43.32 -4.83 -14.26
CA GLY E 181 -42.90 -6.04 -14.96
C GLY E 181 -42.32 -5.82 -16.36
N ASP E 182 -42.54 -4.63 -16.95
CA ASP E 182 -41.95 -4.29 -18.25
C ASP E 182 -40.54 -3.73 -18.05
N SER E 183 -40.20 -3.35 -16.78
CA SER E 183 -38.91 -2.81 -16.34
C SER E 183 -37.72 -3.69 -16.84
N GLY E 184 -36.68 -3.06 -17.36
CA GLY E 184 -35.56 -3.79 -17.94
C GLY E 184 -35.75 -4.24 -19.38
N GLY E 185 -36.98 -4.07 -19.89
CA GLY E 185 -37.36 -4.41 -21.26
C GLY E 185 -36.84 -3.43 -22.30
N PRO E 186 -36.86 -3.82 -23.60
CA PRO E 186 -36.30 -2.95 -24.63
C PRO E 186 -37.26 -1.93 -25.26
N LEU E 187 -36.71 -0.79 -25.68
CA LEU E 187 -37.37 0.27 -26.46
C LEU E 187 -36.56 0.30 -27.74
N VAL E 188 -37.12 -0.19 -28.83
CA VAL E 188 -36.40 -0.34 -30.09
C VAL E 188 -36.91 0.65 -31.14
N CYS E 189 -35.99 1.42 -31.74
CA CYS E 189 -36.27 2.38 -32.81
C CYS E 189 -35.37 2.05 -33.98
N GLY E 190 -35.99 1.83 -35.13
CA GLY E 190 -35.30 1.48 -36.37
C GLY E 190 -34.49 0.22 -36.23
N GLY E 191 -35.07 -0.79 -35.57
CA GLY E 191 -34.44 -2.09 -35.33
C GLY E 191 -33.21 -2.08 -34.47
N VAL E 192 -32.94 -0.94 -33.79
CA VAL E 192 -31.79 -0.75 -32.90
C VAL E 192 -32.30 -0.46 -31.49
N LEU E 193 -31.65 -1.06 -30.47
CA LEU E 193 -31.99 -0.81 -29.07
C LEU E 193 -31.62 0.64 -28.72
N GLU E 194 -32.61 1.45 -28.29
CA GLU E 194 -32.41 2.85 -27.92
C GLU E 194 -32.57 3.05 -26.41
N GLY E 195 -33.62 2.47 -25.82
CA GLY E 195 -33.87 2.60 -24.40
C GLY E 195 -34.12 1.30 -23.66
N VAL E 196 -34.09 1.38 -22.31
CA VAL E 196 -34.35 0.24 -21.42
C VAL E 196 -35.36 0.72 -20.38
N VAL E 197 -36.54 0.13 -20.36
CA VAL E 197 -37.63 0.48 -19.41
C VAL E 197 -37.07 0.58 -17.96
N THR E 198 -37.40 1.69 -17.24
CA THR E 198 -36.91 1.91 -15.87
C THR E 198 -37.54 0.91 -14.88
N SER E 199 -36.81 0.53 -13.79
CA SER E 199 -37.30 -0.42 -12.80
C SER E 199 -37.74 0.25 -11.52
N GLY E 200 -38.12 1.51 -11.64
CA GLY E 200 -38.60 2.25 -10.49
C GLY E 200 -40.10 2.24 -10.49
N SER E 201 -40.69 2.30 -9.31
CA SER E 201 -42.15 2.38 -9.22
C SER E 201 -42.63 3.69 -9.81
N ARG E 202 -43.68 3.63 -10.61
CA ARG E 202 -44.27 4.80 -11.22
C ARG E 202 -45.76 4.60 -11.54
N VAL E 203 -46.44 5.70 -11.92
CA VAL E 203 -47.84 5.68 -12.33
C VAL E 203 -47.87 5.35 -13.84
N CYS E 204 -48.67 4.34 -14.25
CA CYS E 204 -48.77 3.95 -15.66
C CYS E 204 -50.04 4.49 -16.30
N GLY E 205 -49.97 4.66 -17.62
CA GLY E 205 -51.10 5.05 -18.47
C GLY E 205 -51.60 6.46 -18.33
N ASN E 206 -50.98 7.30 -17.48
CA ASN E 206 -51.39 8.70 -17.40
C ASN E 206 -50.60 9.51 -18.45
N ARG E 207 -51.29 10.22 -19.38
CA ARG E 207 -50.56 10.97 -20.41
C ARG E 207 -49.69 12.08 -19.81
N LYS E 208 -50.06 12.65 -18.65
CA LYS E 208 -49.27 13.72 -18.02
C LYS E 208 -48.09 13.14 -17.21
N LYS E 209 -47.84 11.81 -17.25
CA LYS E 209 -46.71 11.14 -16.58
C LYS E 209 -46.11 10.10 -17.55
N PRO E 210 -45.29 10.61 -18.53
CA PRO E 210 -44.77 9.74 -19.60
C PRO E 210 -43.86 8.60 -19.15
N GLY E 211 -43.73 7.61 -20.01
CA GLY E 211 -42.92 6.44 -19.74
C GLY E 211 -41.48 6.84 -19.77
N ILE E 212 -40.67 6.38 -18.80
CA ILE E 212 -39.25 6.72 -18.68
C ILE E 212 -38.42 5.52 -19.12
N TYR E 213 -37.43 5.76 -20.00
CA TYR E 213 -36.53 4.74 -20.56
C TYR E 213 -35.07 5.25 -20.53
N THR E 214 -34.15 4.41 -20.04
CA THR E 214 -32.73 4.74 -19.95
C THR E 214 -32.12 4.64 -21.34
N ARG E 215 -31.48 5.74 -21.81
CA ARG E 215 -30.82 5.78 -23.11
C ARG E 215 -29.57 4.90 -23.10
N VAL E 216 -29.54 3.80 -23.87
CA VAL E 216 -28.38 2.89 -23.86
C VAL E 216 -27.15 3.59 -24.41
N ALA E 217 -27.28 4.43 -25.47
CA ALA E 217 -26.14 5.17 -26.05
C ALA E 217 -25.40 6.00 -25.00
N SER E 218 -26.15 6.50 -24.02
CA SER E 218 -25.62 7.28 -22.93
C SER E 218 -24.68 6.46 -22.03
N TYR E 219 -24.80 5.12 -22.04
CA TYR E 219 -24.03 4.19 -21.19
C TYR E 219 -23.22 3.19 -22.03
N ALA E 220 -23.08 3.44 -23.35
CA ALA E 220 -22.36 2.62 -24.34
C ALA E 220 -20.96 2.24 -23.88
N ALA E 221 -20.17 3.23 -23.34
CA ALA E 221 -18.83 3.04 -22.83
C ALA E 221 -18.80 2.00 -21.72
N TRP E 222 -19.74 2.13 -20.74
CA TRP E 222 -19.85 1.21 -19.60
C TRP E 222 -20.22 -0.22 -20.05
N ILE E 223 -21.27 -0.33 -20.91
CA ILE E 223 -21.73 -1.61 -21.46
C ILE E 223 -20.56 -2.32 -22.16
N ASP E 224 -19.88 -1.66 -23.12
CA ASP E 224 -18.77 -2.28 -23.84
C ASP E 224 -17.65 -2.70 -22.85
N SER E 225 -17.37 -1.88 -21.79
CA SER E 225 -16.40 -2.19 -20.72
C SER E 225 -16.73 -3.54 -20.06
N VAL E 226 -18.00 -3.73 -19.61
CA VAL E 226 -18.48 -4.95 -18.93
C VAL E 226 -18.46 -6.13 -19.91
N LEU E 227 -19.08 -5.93 -21.10
CA LEU E 227 -19.20 -6.96 -22.16
C LEU E 227 -17.84 -7.48 -22.61
N ALA E 228 -16.82 -6.60 -22.69
CA ALA E 228 -15.46 -6.99 -23.07
C ALA E 228 -14.77 -7.73 -21.94
N ILE F 1 -20.16 4.47 26.55
CA ILE F 1 -19.02 5.34 26.79
C ILE F 1 -17.76 4.45 26.94
N LEU F 2 -16.83 4.56 25.97
CA LEU F 2 -15.55 3.84 26.00
C LEU F 2 -14.53 4.65 26.85
N GLY F 3 -13.78 3.98 27.73
CA GLY F 3 -12.78 4.63 28.57
C GLY F 3 -13.29 5.60 29.62
N GLY F 4 -14.49 5.40 30.10
CA GLY F 4 -15.02 6.28 31.13
C GLY F 4 -15.18 5.63 32.48
N ARG F 5 -15.86 6.35 33.38
CA ARG F 5 -16.18 5.92 34.73
C ARG F 5 -17.69 5.85 34.90
N GLU F 6 -18.14 5.17 35.98
CA GLU F 6 -19.55 5.21 36.31
C GLU F 6 -19.80 6.60 36.92
N ALA F 7 -20.84 7.28 36.47
CA ALA F 7 -21.18 8.61 36.95
C ALA F 7 -21.74 8.56 38.37
N GLU F 8 -21.62 9.65 39.11
CA GLU F 8 -22.21 9.81 40.45
C GLU F 8 -23.73 9.82 40.27
N ALA F 9 -24.44 8.91 40.93
CA ALA F 9 -25.90 8.78 40.80
C ALA F 9 -26.63 10.13 40.94
N HIS F 10 -27.50 10.43 39.99
CA HIS F 10 -28.38 11.61 39.91
C HIS F 10 -27.65 12.97 40.00
N ALA F 11 -26.35 12.99 39.60
CA ALA F 11 -25.52 14.21 39.54
C ALA F 11 -25.79 15.00 38.26
N ARG F 12 -26.41 14.30 37.25
CA ARG F 12 -26.81 14.87 35.96
C ARG F 12 -28.32 14.70 35.84
N PRO F 13 -29.14 15.54 36.51
CA PRO F 13 -30.60 15.33 36.50
C PRO F 13 -31.29 15.50 35.13
N TYR F 14 -30.55 16.01 34.13
CA TYR F 14 -31.03 16.29 32.78
C TYR F 14 -30.97 15.06 31.89
N MET F 15 -30.21 14.06 32.30
CA MET F 15 -29.98 12.81 31.62
C MET F 15 -31.25 11.97 31.46
N ALA F 16 -31.57 11.57 30.22
CA ALA F 16 -32.74 10.77 29.88
C ALA F 16 -32.36 9.53 29.07
N SER F 17 -33.11 8.43 29.23
CA SER F 17 -32.88 7.19 28.48
C SER F 17 -34.03 6.96 27.49
N VAL F 18 -33.76 7.18 26.21
CA VAL F 18 -34.74 6.96 25.17
C VAL F 18 -34.77 5.45 24.92
N GLN F 19 -35.86 4.84 25.29
CA GLN F 19 -35.91 3.41 25.12
C GLN F 19 -37.14 2.99 24.32
N LEU F 20 -37.03 1.85 23.66
CA LEU F 20 -38.03 1.26 22.81
C LEU F 20 -38.26 -0.14 23.29
N ASN F 21 -39.51 -0.47 23.64
CA ASN F 21 -39.95 -1.79 24.13
C ASN F 21 -39.09 -2.24 25.32
N GLY F 22 -38.95 -1.31 26.27
CA GLY F 22 -38.19 -1.49 27.50
C GLY F 22 -36.78 -1.95 27.27
N ALA F 23 -36.07 -1.21 26.42
CA ALA F 23 -34.69 -1.47 26.06
C ALA F 23 -34.08 -0.18 25.63
N HIS F 24 -33.01 0.24 26.31
CA HIS F 24 -32.30 1.48 26.02
C HIS F 24 -31.77 1.50 24.55
N LEU F 25 -32.01 2.65 23.88
CA LEU F 25 -31.60 2.88 22.51
C LEU F 25 -30.62 4.00 22.48
N CYS F 26 -31.01 5.11 23.11
CA CYS F 26 -30.28 6.35 23.10
C CYS F 26 -30.36 7.05 24.38
N GLY F 27 -29.52 8.04 24.48
CA GLY F 27 -29.56 8.98 25.57
C GLY F 27 -30.37 10.16 25.07
N GLY F 28 -30.74 11.01 26.00
CA GLY F 28 -31.51 12.21 25.72
C GLY F 28 -31.21 13.23 26.78
N VAL F 29 -31.70 14.45 26.59
CA VAL F 29 -31.46 15.52 27.56
C VAL F 29 -32.74 16.35 27.75
N LEU F 30 -33.19 16.46 29.01
CA LEU F 30 -34.37 17.23 29.41
C LEU F 30 -34.03 18.74 29.20
N VAL F 31 -34.71 19.39 28.25
CA VAL F 31 -34.45 20.79 27.88
C VAL F 31 -35.59 21.68 28.37
N ALA F 32 -36.75 21.07 28.65
CA ALA F 32 -37.98 21.70 29.13
C ALA F 32 -38.75 20.69 29.97
N GLU F 33 -39.78 21.16 30.71
CA GLU F 33 -40.61 20.33 31.59
C GLU F 33 -41.33 19.20 30.85
N GLN F 34 -41.58 19.34 29.54
CA GLN F 34 -42.28 18.30 28.76
C GLN F 34 -41.54 17.96 27.47
N TRP F 35 -40.25 18.32 27.37
CA TRP F 35 -39.46 18.08 26.16
C TRP F 35 -38.08 17.51 26.42
N VAL F 36 -37.75 16.43 25.71
CA VAL F 36 -36.45 15.77 25.77
C VAL F 36 -35.81 15.87 24.37
N LEU F 37 -34.59 16.42 24.32
CA LEU F 37 -33.83 16.57 23.09
C LEU F 37 -32.95 15.35 22.93
N SER F 38 -32.95 14.76 21.73
CA SER F 38 -32.14 13.57 21.42
C SER F 38 -31.69 13.63 19.94
N ALA F 39 -31.15 12.51 19.38
CA ALA F 39 -30.70 12.43 18.00
C ALA F 39 -31.79 11.83 17.12
N ALA F 40 -31.95 12.42 15.92
CA ALA F 40 -32.93 12.11 14.89
C ALA F 40 -32.96 10.66 14.36
N HIS F 41 -31.92 9.84 14.59
CA HIS F 41 -31.91 8.51 13.99
C HIS F 41 -31.94 7.41 15.02
N CYS F 42 -32.36 7.77 16.24
CA CYS F 42 -32.53 6.84 17.34
C CYS F 42 -33.72 5.95 17.09
N LEU F 43 -34.78 6.55 16.49
CA LEU F 43 -36.04 5.88 16.30
C LEU F 43 -36.23 5.31 14.89
N GLU F 44 -35.11 5.03 14.20
CA GLU F 44 -35.10 4.51 12.83
C GLU F 44 -36.05 3.33 12.56
N ASP F 45 -35.92 2.21 13.28
CA ASP F 45 -36.79 1.07 12.97
C ASP F 45 -37.74 0.78 14.12
N ALA F 46 -38.19 1.82 14.81
CA ALA F 46 -39.14 1.62 15.91
C ALA F 46 -40.44 1.06 15.36
N ALA F 47 -41.11 1.86 14.47
CA ALA F 47 -42.39 1.54 13.83
C ALA F 47 -43.40 1.02 14.90
N ASP F 48 -43.71 -0.29 14.86
CA ASP F 48 -44.54 -0.96 15.84
C ASP F 48 -43.67 -1.17 17.11
N GLY F 49 -43.90 -0.31 18.10
CA GLY F 49 -43.14 -0.35 19.35
C GLY F 49 -43.39 0.83 20.24
N LYS F 50 -43.30 0.58 21.57
CA LYS F 50 -43.51 1.56 22.62
C LYS F 50 -42.25 2.41 22.90
N VAL F 51 -42.27 3.70 22.45
CA VAL F 51 -41.16 4.64 22.65
C VAL F 51 -41.40 5.36 23.96
N GLN F 52 -40.41 5.34 24.89
CA GLN F 52 -40.49 5.97 26.22
C GLN F 52 -39.21 6.62 26.63
N VAL F 53 -39.34 7.59 27.52
CA VAL F 53 -38.23 8.34 28.09
C VAL F 53 -38.19 8.07 29.58
N LEU F 54 -37.05 7.57 30.07
CA LEU F 54 -36.85 7.28 31.49
C LEU F 54 -36.05 8.43 32.15
N LEU F 55 -36.72 9.16 33.07
CA LEU F 55 -36.12 10.27 33.78
C LEU F 55 -35.80 9.87 35.22
N GLY F 56 -34.87 10.59 35.83
CA GLY F 56 -34.44 10.39 37.21
C GLY F 56 -33.71 9.09 37.45
N ALA F 57 -33.11 8.51 36.39
CA ALA F 57 -32.44 7.24 36.49
C ALA F 57 -30.92 7.30 36.63
N HIS F 58 -30.38 6.24 37.20
CA HIS F 58 -28.98 5.95 37.31
C HIS F 58 -28.82 4.49 36.84
N SER F 59 -29.50 3.55 37.52
CA SER F 59 -29.56 2.17 37.08
C SER F 59 -30.74 2.05 36.20
N LEU F 60 -30.59 1.38 35.07
CA LEU F 60 -31.69 1.17 34.14
C LEU F 60 -32.70 0.14 34.68
N SER F 61 -32.23 -0.84 35.48
CA SER F 61 -33.01 -1.97 35.95
C SER F 61 -33.52 -1.91 37.37
N GLN F 62 -32.71 -1.32 38.27
CA GLN F 62 -33.01 -1.30 39.70
C GLN F 62 -34.03 -0.22 40.10
N PRO F 63 -34.91 -0.48 41.12
CA PRO F 63 -35.86 0.56 41.56
C PRO F 63 -35.13 1.74 42.22
N GLU F 64 -35.58 2.95 41.89
CA GLU F 64 -35.05 4.23 42.37
C GLU F 64 -36.20 5.19 42.60
N PRO F 65 -36.19 5.93 43.74
CA PRO F 65 -37.30 6.85 44.05
C PRO F 65 -37.54 7.89 42.96
N SER F 66 -36.46 8.46 42.44
CA SER F 66 -36.46 9.47 41.37
C SER F 66 -36.92 8.94 39.99
N LYS F 67 -36.69 7.66 39.68
CA LYS F 67 -37.04 7.05 38.40
C LYS F 67 -38.53 7.17 38.08
N ARG F 68 -38.83 7.72 36.90
CA ARG F 68 -40.18 7.82 36.35
C ARG F 68 -40.14 7.66 34.83
N LEU F 69 -40.94 6.71 34.30
CA LEU F 69 -41.00 6.40 32.88
C LEU F 69 -42.15 7.14 32.24
N TYR F 70 -41.86 7.94 31.19
CA TYR F 70 -42.82 8.78 30.49
C TYR F 70 -43.09 8.30 29.08
N ASP F 71 -44.35 8.43 28.64
CA ASP F 71 -44.75 8.06 27.29
C ASP F 71 -44.44 9.22 26.36
N VAL F 72 -44.13 8.91 25.11
CA VAL F 72 -43.82 9.98 24.16
C VAL F 72 -45.09 10.30 23.39
N LEU F 73 -45.64 11.48 23.64
CA LEU F 73 -46.86 11.96 23.00
C LEU F 73 -46.61 12.38 21.55
N ARG F 74 -45.43 12.91 21.27
CA ARG F 74 -45.09 13.45 19.95
C ARG F 74 -43.58 13.32 19.71
N ALA F 75 -43.15 12.82 18.54
CA ALA F 75 -41.71 12.70 18.22
C ALA F 75 -41.40 13.56 17.00
N VAL F 76 -40.80 14.72 17.25
CA VAL F 76 -40.51 15.72 16.23
C VAL F 76 -39.04 15.64 15.78
N PRO F 77 -38.70 14.89 14.68
CA PRO F 77 -37.33 14.94 14.18
C PRO F 77 -37.10 16.25 13.40
N HIS F 78 -35.83 16.66 13.21
CA HIS F 78 -35.56 17.84 12.41
C HIS F 78 -36.04 17.58 10.99
N PRO F 79 -36.80 18.53 10.41
CA PRO F 79 -37.35 18.32 9.06
C PRO F 79 -36.33 17.96 8.00
N ASP F 80 -35.09 18.49 8.10
CA ASP F 80 -34.04 18.27 7.10
C ASP F 80 -33.08 17.13 7.46
N SER F 81 -33.37 16.39 8.54
CA SER F 81 -32.54 15.25 8.89
C SER F 81 -32.86 14.09 7.91
N GLN F 82 -31.89 13.23 7.59
CA GLN F 82 -32.11 12.08 6.73
C GLN F 82 -31.04 11.03 7.04
N PRO F 83 -31.36 9.71 6.96
CA PRO F 83 -30.40 8.67 7.39
C PRO F 83 -29.10 8.60 6.61
N ASP F 84 -29.01 9.20 5.43
CA ASP F 84 -27.81 9.20 4.59
C ASP F 84 -26.78 10.25 5.05
N THR F 85 -27.26 11.34 5.72
CA THR F 85 -26.40 12.43 6.18
C THR F 85 -26.33 12.45 7.70
N ILE F 86 -25.26 13.07 8.22
CA ILE F 86 -25.07 13.25 9.67
C ILE F 86 -25.54 14.65 10.05
N ASP F 87 -26.17 15.32 9.09
CA ASP F 87 -26.68 16.68 9.24
C ASP F 87 -28.06 16.73 9.85
N HIS F 88 -28.28 17.77 10.69
CA HIS F 88 -29.53 18.08 11.38
C HIS F 88 -30.05 16.87 12.17
N ASP F 89 -29.11 16.12 12.79
CA ASP F 89 -29.37 14.92 13.57
C ASP F 89 -29.93 15.24 14.97
N LEU F 90 -31.09 15.93 15.01
CA LEU F 90 -31.78 16.26 16.24
C LEU F 90 -33.21 15.71 16.22
N LEU F 91 -33.74 15.42 17.41
CA LEU F 91 -35.06 14.85 17.65
C LEU F 91 -35.62 15.42 18.91
N LEU F 92 -36.86 15.95 18.85
CA LEU F 92 -37.51 16.53 20.01
C LEU F 92 -38.70 15.67 20.41
N LEU F 93 -38.59 15.07 21.60
CA LEU F 93 -39.62 14.18 22.13
C LEU F 93 -40.47 14.89 23.17
N GLN F 94 -41.78 14.98 22.89
CA GLN F 94 -42.73 15.58 23.82
C GLN F 94 -43.28 14.50 24.72
N LEU F 95 -43.09 14.66 26.04
CA LEU F 95 -43.57 13.71 27.02
C LEU F 95 -45.09 13.79 27.13
N SER F 96 -45.74 12.68 27.50
CA SER F 96 -47.20 12.53 27.66
C SER F 96 -47.75 13.61 28.61
N GLU F 97 -46.91 14.05 29.56
CA GLU F 97 -47.22 15.10 30.53
C GLU F 97 -45.94 15.72 31.05
N LYS F 98 -46.06 16.83 31.79
CA LYS F 98 -44.89 17.54 32.31
C LYS F 98 -44.19 16.70 33.36
N ALA F 99 -42.86 16.62 33.28
CA ALA F 99 -42.04 15.83 34.17
C ALA F 99 -42.10 16.37 35.60
N THR F 100 -42.11 15.46 36.58
CA THR F 100 -42.07 15.77 38.01
C THR F 100 -40.64 16.18 38.33
N LEU F 101 -40.44 17.48 38.53
CA LEU F 101 -39.10 18.02 38.78
C LEU F 101 -38.69 17.85 40.24
N GLY F 102 -37.40 17.65 40.43
CA GLY F 102 -36.78 17.44 41.72
C GLY F 102 -35.27 17.45 41.64
N PRO F 103 -34.56 17.04 42.70
CA PRO F 103 -33.09 17.08 42.65
C PRO F 103 -32.46 16.12 41.63
N ALA F 104 -33.22 15.07 41.25
CA ALA F 104 -32.76 14.04 40.32
C ALA F 104 -33.33 14.20 38.91
N VAL F 105 -34.31 15.12 38.74
CA VAL F 105 -34.96 15.43 37.45
C VAL F 105 -35.00 16.94 37.31
N ARG F 106 -34.14 17.48 36.43
CA ARG F 106 -34.06 18.93 36.20
C ARG F 106 -33.62 19.23 34.78
N PRO F 107 -34.33 20.14 34.05
CA PRO F 107 -33.88 20.47 32.68
C PRO F 107 -32.54 21.19 32.64
N LEU F 108 -31.75 20.96 31.59
CA LEU F 108 -30.44 21.58 31.39
C LEU F 108 -30.52 22.80 30.46
N PRO F 109 -29.94 23.96 30.86
CA PRO F 109 -29.91 25.12 29.98
C PRO F 109 -29.01 24.82 28.77
N TRP F 110 -29.56 25.02 27.58
CA TRP F 110 -28.84 24.77 26.35
C TRP F 110 -28.34 26.08 25.73
N GLN F 111 -27.23 26.01 24.99
CA GLN F 111 -26.59 27.16 24.36
C GLN F 111 -27.46 27.81 23.27
N ARG F 112 -27.71 29.13 23.39
CA ARG F 112 -28.49 29.91 22.41
C ARG F 112 -27.59 30.77 21.52
N VAL F 113 -26.41 31.15 22.03
CA VAL F 113 -25.41 31.96 21.33
C VAL F 113 -24.60 31.04 20.39
N ASP F 114 -24.76 31.23 19.06
CA ASP F 114 -24.06 30.43 18.06
C ASP F 114 -22.56 30.81 17.98
N ARG F 115 -21.76 30.27 18.91
CA ARG F 115 -20.30 30.46 18.96
C ARG F 115 -19.63 29.14 19.32
N ASP F 116 -18.68 28.72 18.47
CA ASP F 116 -17.97 27.46 18.61
C ASP F 116 -17.27 27.33 19.95
N VAL F 117 -17.30 26.12 20.54
CA VAL F 117 -16.60 25.84 21.78
C VAL F 117 -15.14 25.78 21.41
N ALA F 118 -14.30 26.57 22.12
CA ALA F 118 -12.86 26.65 21.87
C ALA F 118 -12.19 25.27 21.92
N PRO F 119 -11.42 24.86 20.88
CA PRO F 119 -10.72 23.57 20.93
C PRO F 119 -9.92 23.42 22.22
N GLY F 120 -9.84 22.20 22.72
CA GLY F 120 -9.16 21.91 23.96
C GLY F 120 -10.01 22.08 25.19
N THR F 121 -11.26 22.60 25.05
CA THR F 121 -12.17 22.72 26.19
C THR F 121 -12.63 21.32 26.58
N LEU F 122 -12.62 21.02 27.89
CA LEU F 122 -13.05 19.72 28.41
C LEU F 122 -14.54 19.72 28.56
N CYS F 123 -15.18 18.77 27.90
CA CYS F 123 -16.64 18.64 27.94
C CYS F 123 -17.00 17.26 28.46
N ASP F 124 -18.13 17.19 29.17
CA ASP F 124 -18.64 15.98 29.78
C ASP F 124 -19.73 15.36 28.93
N VAL F 125 -19.53 14.08 28.52
CA VAL F 125 -20.53 13.31 27.77
C VAL F 125 -20.89 12.09 28.62
N ALA F 126 -22.20 11.89 28.85
CA ALA F 126 -22.71 10.79 29.67
C ALA F 126 -23.67 9.92 28.89
N GLY F 127 -23.69 8.62 29.25
CA GLY F 127 -24.57 7.66 28.60
C GLY F 127 -24.50 6.20 28.98
N TRP F 128 -25.62 5.49 28.66
CA TRP F 128 -25.76 4.07 28.90
C TRP F 128 -25.34 3.25 27.66
N GLY F 129 -24.53 3.88 26.79
CA GLY F 129 -24.00 3.25 25.59
C GLY F 129 -22.96 2.21 25.93
N ILE F 130 -22.56 1.39 24.92
CA ILE F 130 -21.58 0.30 25.12
C ILE F 130 -20.27 0.83 25.76
N VAL F 131 -19.73 0.02 26.70
CA VAL F 131 -18.52 0.34 27.47
C VAL F 131 -17.26 -0.35 26.92
N ASN F 132 -17.40 -1.24 25.92
CA ASN F 132 -16.26 -1.88 25.28
C ASN F 132 -16.62 -2.28 23.85
N HIS F 133 -15.61 -2.66 23.03
CA HIS F 133 -15.80 -3.08 21.67
C HIS F 133 -16.57 -4.40 21.59
N ALA F 134 -16.49 -5.24 22.65
CA ALA F 134 -17.27 -6.48 22.74
C ALA F 134 -18.76 -6.18 22.89
N GLY F 135 -19.09 -4.94 23.23
CA GLY F 135 -20.46 -4.46 23.31
C GLY F 135 -21.16 -4.57 24.63
N ARG F 136 -20.42 -4.55 25.75
CA ARG F 136 -21.03 -4.61 27.10
C ARG F 136 -21.96 -3.40 27.31
N ARG F 137 -23.23 -3.71 27.60
CA ARG F 137 -24.24 -2.71 27.85
C ARG F 137 -24.21 -2.39 29.37
N PRO F 138 -23.83 -1.16 29.81
CA PRO F 138 -23.84 -0.86 31.25
C PRO F 138 -25.25 -0.64 31.80
N ASP F 139 -25.49 -1.09 33.06
CA ASP F 139 -26.78 -0.89 33.75
C ASP F 139 -26.81 0.52 34.33
N SER F 140 -25.68 1.00 34.89
CA SER F 140 -25.61 2.33 35.48
C SER F 140 -25.00 3.34 34.50
N LEU F 141 -25.37 4.63 34.69
CA LEU F 141 -24.89 5.74 33.88
C LEU F 141 -23.36 5.88 33.95
N GLN F 142 -22.74 6.00 32.77
CA GLN F 142 -21.31 6.19 32.58
C GLN F 142 -21.10 7.60 32.08
N HIS F 143 -19.86 8.10 32.14
CA HIS F 143 -19.51 9.43 31.64
C HIS F 143 -18.00 9.49 31.36
N VAL F 144 -17.59 10.48 30.56
CA VAL F 144 -16.20 10.69 30.18
C VAL F 144 -15.99 12.20 29.90
N LEU F 145 -14.80 12.72 30.24
CA LEU F 145 -14.41 14.11 29.97
C LEU F 145 -13.52 14.12 28.74
N LEU F 146 -13.99 14.77 27.68
CA LEU F 146 -13.27 14.80 26.42
C LEU F 146 -12.99 16.20 25.98
N PRO F 147 -11.79 16.45 25.42
CA PRO F 147 -11.48 17.79 24.93
C PRO F 147 -12.01 18.00 23.51
N VAL F 148 -12.58 19.18 23.26
CA VAL F 148 -13.11 19.59 21.97
C VAL F 148 -11.97 19.65 20.93
N LEU F 149 -12.19 19.07 19.76
CA LEU F 149 -11.20 19.05 18.69
C LEU F 149 -11.48 20.13 17.66
N ASP F 150 -10.41 20.79 17.13
CA ASP F 150 -10.48 21.84 16.11
C ASP F 150 -11.13 21.27 14.85
N ARG F 151 -12.20 21.95 14.35
CA ARG F 151 -12.93 21.46 13.18
C ARG F 151 -12.02 21.14 11.98
N ALA F 152 -11.01 21.99 11.75
CA ALA F 152 -10.07 21.83 10.64
C ALA F 152 -9.36 20.47 10.72
N THR F 153 -8.98 20.06 11.94
CA THR F 153 -8.34 18.76 12.17
C THR F 153 -9.34 17.66 11.95
N CYS F 154 -10.61 17.88 12.38
CA CYS F 154 -11.69 16.93 12.27
C CYS F 154 -12.02 16.64 10.81
N ASN F 155 -11.89 17.66 9.95
CA ASN F 155 -12.21 17.57 8.53
C ASN F 155 -11.08 17.01 7.67
N ARG F 156 -9.94 16.69 8.23
CA ARG F 156 -8.82 16.12 7.46
C ARG F 156 -9.26 14.86 6.73
N ARG F 157 -8.64 14.56 5.59
CA ARG F 157 -9.00 13.40 4.79
C ARG F 157 -8.80 12.11 5.58
N THR F 158 -7.80 12.08 6.48
CA THR F 158 -7.50 10.91 7.32
C THR F 158 -8.56 10.75 8.39
N HIS F 159 -9.23 11.85 8.70
CA HIS F 159 -10.27 11.93 9.71
C HIS F 159 -11.67 11.91 9.05
N HIS F 160 -12.52 12.93 9.24
CA HIS F 160 -13.87 12.87 8.70
C HIS F 160 -14.04 13.50 7.31
N ASP F 161 -12.93 13.75 6.62
CA ASP F 161 -12.83 14.25 5.25
C ASP F 161 -13.96 15.26 4.86
N GLY F 162 -14.04 16.38 5.58
CA GLY F 162 -14.94 17.46 5.26
C GLY F 162 -16.38 17.35 5.72
N ALA F 163 -16.78 16.18 6.21
CA ALA F 163 -18.14 15.94 6.70
C ALA F 163 -18.56 16.89 7.85
N ILE F 164 -17.60 17.45 8.62
CA ILE F 164 -17.93 18.29 9.78
C ILE F 164 -18.21 19.73 9.34
N THR F 165 -19.52 20.07 9.33
CA THR F 165 -20.04 21.38 8.96
C THR F 165 -19.91 22.34 10.14
N GLU F 166 -20.34 23.60 9.97
CA GLU F 166 -20.32 24.65 11.00
C GLU F 166 -21.36 24.37 12.08
N ARG F 167 -22.33 23.49 11.76
CA ARG F 167 -23.45 23.10 12.63
C ARG F 167 -23.09 21.85 13.48
N LEU F 168 -21.90 21.26 13.22
CA LEU F 168 -21.36 20.11 13.96
C LEU F 168 -20.09 20.49 14.73
N MET F 169 -19.69 19.66 15.73
CA MET F 169 -18.49 19.84 16.55
C MET F 169 -17.87 18.48 16.89
N CYS F 170 -16.61 18.48 17.36
CA CYS F 170 -15.90 17.24 17.68
C CYS F 170 -15.31 17.20 19.11
N ALA F 171 -14.76 16.03 19.46
CA ALA F 171 -14.06 15.72 20.69
C ALA F 171 -13.12 14.56 20.43
N GLU F 172 -12.17 14.30 21.32
CA GLU F 172 -11.16 13.26 21.10
C GLU F 172 -11.64 11.83 21.42
N SER F 173 -11.52 11.02 20.40
CA SER F 173 -11.84 9.60 20.38
C SER F 173 -10.61 8.72 20.71
N ASN F 174 -9.64 9.23 21.50
CA ASN F 174 -8.44 8.45 21.76
C ASN F 174 -8.66 7.43 22.86
N ARG F 175 -9.21 6.26 22.48
CA ARG F 175 -9.64 5.15 23.35
C ARG F 175 -10.85 5.63 24.20
N ARG F 176 -10.72 6.77 24.93
CA ARG F 176 -11.84 7.41 25.61
C ARG F 176 -12.70 8.08 24.54
N ASP F 177 -13.92 7.54 24.31
CA ASP F 177 -14.86 8.08 23.31
C ASP F 177 -16.33 7.79 23.63
N SER F 178 -17.28 8.36 22.83
CA SER F 178 -18.73 8.07 22.88
C SER F 178 -18.97 6.93 21.87
N CYS F 179 -20.04 6.14 22.04
CA CYS F 179 -20.23 5.00 21.14
C CYS F 179 -21.71 4.62 21.01
N LYS F 180 -21.99 3.50 20.33
CA LYS F 180 -23.31 2.92 20.13
C LYS F 180 -24.07 3.03 21.46
N GLY F 181 -25.19 3.73 21.45
CA GLY F 181 -26.03 3.86 22.65
C GLY F 181 -25.92 5.21 23.30
N ASP F 182 -24.82 5.93 23.00
CA ASP F 182 -24.51 7.26 23.56
C ASP F 182 -25.13 8.37 22.74
N SER F 183 -25.61 8.03 21.53
CA SER F 183 -26.30 8.88 20.57
C SER F 183 -27.43 9.60 21.24
N GLY F 184 -27.67 10.84 20.87
CA GLY F 184 -28.75 11.62 21.47
C GLY F 184 -28.44 12.14 22.87
N GLY F 185 -27.32 11.66 23.42
CA GLY F 185 -26.80 12.04 24.72
C GLY F 185 -26.22 13.45 24.72
N PRO F 186 -26.07 14.06 25.93
CA PRO F 186 -25.55 15.43 26.00
C PRO F 186 -24.03 15.52 26.05
N LEU F 187 -23.50 16.61 25.47
CA LEU F 187 -22.10 17.05 25.54
C LEU F 187 -22.18 18.38 26.26
N VAL F 188 -21.76 18.40 27.52
CA VAL F 188 -21.91 19.57 28.38
C VAL F 188 -20.56 20.22 28.65
N CYS F 189 -20.46 21.55 28.38
CA CYS F 189 -19.28 22.37 28.61
C CYS F 189 -19.71 23.55 29.44
N GLY F 190 -19.06 23.70 30.60
CA GLY F 190 -19.32 24.75 31.58
C GLY F 190 -20.75 24.74 32.06
N GLY F 191 -21.27 23.54 32.37
CA GLY F 191 -22.64 23.28 32.84
C GLY F 191 -23.76 23.69 31.88
N VAL F 192 -23.40 23.90 30.60
CA VAL F 192 -24.33 24.28 29.54
C VAL F 192 -24.28 23.21 28.45
N LEU F 193 -25.46 22.84 27.91
CA LEU F 193 -25.55 21.89 26.81
C LEU F 193 -24.97 22.55 25.55
N GLU F 194 -23.92 21.92 24.97
CA GLU F 194 -23.28 22.43 23.77
C GLU F 194 -23.58 21.52 22.57
N GLY F 195 -23.42 20.21 22.75
CA GLY F 195 -23.66 19.25 21.69
C GLY F 195 -24.59 18.11 22.03
N VAL F 196 -25.03 17.38 20.99
CA VAL F 196 -25.89 16.20 21.12
C VAL F 196 -25.24 15.08 20.31
N VAL F 197 -24.87 13.96 20.96
CA VAL F 197 -24.15 12.85 20.29
C VAL F 197 -24.90 12.39 19.01
N THR F 198 -24.17 12.19 17.90
CA THR F 198 -24.81 11.78 16.64
C THR F 198 -25.35 10.35 16.74
N SER F 199 -26.41 10.05 15.98
CA SER F 199 -27.05 8.74 15.95
C SER F 199 -26.70 7.94 14.67
N GLY F 200 -25.71 8.43 13.94
CA GLY F 200 -25.22 7.75 12.77
C GLY F 200 -24.11 6.80 13.19
N SER F 201 -24.10 5.60 12.59
CA SER F 201 -23.10 4.56 12.79
C SER F 201 -21.71 5.11 12.54
N ARG F 202 -20.75 4.69 13.35
CA ARG F 202 -19.36 5.11 13.25
C ARG F 202 -18.43 4.16 13.98
N VAL F 203 -17.11 4.34 13.81
CA VAL F 203 -16.06 3.60 14.48
C VAL F 203 -15.76 4.28 15.84
N CYS F 204 -15.70 3.52 16.92
CA CYS F 204 -15.43 4.13 18.24
C CYS F 204 -14.00 3.86 18.70
N GLY F 205 -13.52 4.71 19.62
CA GLY F 205 -12.20 4.59 20.26
C GLY F 205 -10.96 4.78 19.40
N ASN F 206 -11.13 5.05 18.09
CA ASN F 206 -10.03 5.31 17.15
C ASN F 206 -9.82 6.82 17.10
N ARG F 207 -8.63 7.29 17.47
CA ARG F 207 -8.28 8.73 17.54
C ARG F 207 -8.37 9.46 16.20
N LYS F 208 -8.23 8.75 15.07
CA LYS F 208 -8.26 9.37 13.75
C LYS F 208 -9.71 9.52 13.21
N LYS F 209 -10.69 9.01 13.95
CA LYS F 209 -12.11 9.13 13.61
C LYS F 209 -12.82 9.77 14.82
N PRO F 210 -12.70 11.11 15.00
CA PRO F 210 -13.22 11.75 16.21
C PRO F 210 -14.73 11.60 16.42
N GLY F 211 -15.16 11.80 17.68
CA GLY F 211 -16.57 11.78 18.06
C GLY F 211 -17.25 12.99 17.45
N ILE F 212 -18.44 12.79 16.85
CA ILE F 212 -19.20 13.87 16.20
C ILE F 212 -20.41 14.21 17.07
N TYR F 213 -20.65 15.52 17.32
CA TYR F 213 -21.74 16.05 18.17
C TYR F 213 -22.42 17.24 17.48
N THR F 214 -23.75 17.26 17.43
CA THR F 214 -24.55 18.32 16.82
C THR F 214 -24.58 19.53 17.74
N ARG F 215 -24.19 20.70 17.23
CA ARG F 215 -24.17 21.95 18.00
C ARG F 215 -25.59 22.45 18.20
N VAL F 216 -26.06 22.50 19.47
CA VAL F 216 -27.46 22.91 19.74
C VAL F 216 -27.72 24.37 19.36
N ALA F 217 -26.75 25.27 19.65
CA ALA F 217 -26.85 26.70 19.34
C ALA F 217 -27.12 26.93 17.84
N SER F 218 -26.61 26.01 16.99
CA SER F 218 -26.81 26.06 15.56
C SER F 218 -28.28 25.82 15.17
N TYR F 219 -29.09 25.19 16.05
CA TYR F 219 -30.50 24.84 15.80
C TYR F 219 -31.47 25.46 16.80
N ALA F 220 -30.98 26.49 17.54
CA ALA F 220 -31.69 27.25 18.57
C ALA F 220 -33.07 27.73 18.13
N ALA F 221 -33.17 28.28 16.91
CA ALA F 221 -34.42 28.77 16.30
C ALA F 221 -35.46 27.66 16.16
N TRP F 222 -35.04 26.49 15.63
CA TRP F 222 -35.90 25.33 15.43
C TRP F 222 -36.42 24.81 16.76
N ILE F 223 -35.51 24.60 17.74
CA ILE F 223 -35.82 24.09 19.08
C ILE F 223 -36.90 24.97 19.69
N ASP F 224 -36.68 26.30 19.67
CA ASP F 224 -37.61 27.31 20.19
C ASP F 224 -38.98 27.13 19.56
N SER F 225 -39.00 27.01 18.22
CA SER F 225 -40.20 26.87 17.40
C SER F 225 -41.05 25.67 17.87
N VAL F 226 -40.41 24.50 18.06
CA VAL F 226 -41.06 23.25 18.45
C VAL F 226 -41.60 23.37 19.89
N LEU F 227 -40.72 23.75 20.83
CA LEU F 227 -41.04 23.91 22.25
C LEU F 227 -42.22 24.89 22.51
N ALA F 228 -42.32 25.95 21.68
CA ALA F 228 -43.40 26.94 21.79
C ALA F 228 -44.71 26.36 21.18
N ILE G 1 -35.59 -16.29 41.84
CA ILE G 1 -35.57 -17.74 41.98
C ILE G 1 -34.21 -18.16 42.61
N LEU G 2 -34.28 -18.71 43.84
CA LEU G 2 -33.10 -19.23 44.56
C LEU G 2 -32.81 -20.67 44.10
N GLY G 3 -31.54 -20.99 43.83
CA GLY G 3 -31.13 -22.33 43.40
C GLY G 3 -31.66 -22.80 42.05
N GLY G 4 -31.92 -21.86 41.15
CA GLY G 4 -32.42 -22.21 39.83
C GLY G 4 -31.39 -22.04 38.73
N ARG G 5 -31.84 -22.30 37.51
CA ARG G 5 -31.07 -22.17 36.30
C ARG G 5 -31.63 -21.02 35.48
N GLU G 6 -30.85 -20.51 34.51
CA GLU G 6 -31.41 -19.55 33.58
C GLU G 6 -32.28 -20.35 32.61
N ALA G 7 -33.52 -19.89 32.40
CA ALA G 7 -34.46 -20.58 31.53
C ALA G 7 -34.04 -20.47 30.07
N GLU G 8 -34.48 -21.42 29.21
CA GLU G 8 -34.27 -21.39 27.77
C GLU G 8 -35.09 -20.22 27.25
N ALA G 9 -34.46 -19.27 26.55
CA ALA G 9 -35.12 -18.07 26.04
C ALA G 9 -36.43 -18.38 25.28
N HIS G 10 -37.52 -17.69 25.69
CA HIS G 10 -38.86 -17.74 25.10
C HIS G 10 -39.47 -19.14 25.06
N ALA G 11 -39.03 -20.05 25.97
CA ALA G 11 -39.57 -21.41 26.09
C ALA G 11 -40.86 -21.41 26.89
N ARG G 12 -41.12 -20.30 27.63
CA ARG G 12 -42.31 -20.05 28.44
C ARG G 12 -42.97 -18.80 27.91
N PRO G 13 -43.67 -18.87 26.77
CA PRO G 13 -44.25 -17.65 26.16
C PRO G 13 -45.34 -16.93 26.98
N TYR G 14 -45.78 -17.53 28.08
CA TYR G 14 -46.83 -17.02 28.95
C TYR G 14 -46.28 -16.10 30.00
N MET G 15 -44.95 -16.16 30.21
CA MET G 15 -44.26 -15.39 31.21
C MET G 15 -44.36 -13.88 30.94
N ALA G 16 -44.72 -13.10 31.97
CA ALA G 16 -44.84 -11.65 31.91
C ALA G 16 -44.10 -10.97 33.06
N SER G 17 -43.60 -9.73 32.83
CA SER G 17 -42.88 -8.97 33.85
C SER G 17 -43.69 -7.74 34.22
N VAL G 18 -44.31 -7.75 35.41
CA VAL G 18 -45.08 -6.62 35.89
C VAL G 18 -44.07 -5.60 36.40
N GLN G 19 -44.02 -4.45 35.70
CA GLN G 19 -43.06 -3.41 36.00
C GLN G 19 -43.70 -2.11 36.44
N LEU G 20 -42.95 -1.38 37.24
CA LEU G 20 -43.35 -0.07 37.73
C LEU G 20 -42.16 0.84 37.59
N ASN G 21 -42.33 1.88 36.76
CA ASN G 21 -41.33 2.92 36.42
C ASN G 21 -40.04 2.27 35.89
N GLY G 22 -40.25 1.30 34.99
CA GLY G 22 -39.15 0.55 34.37
C GLY G 22 -38.18 -0.07 35.36
N ALA G 23 -38.73 -0.94 36.19
CA ALA G 23 -38.08 -1.79 37.17
C ALA G 23 -39.05 -2.91 37.45
N HIS G 24 -38.58 -4.10 37.25
CA HIS G 24 -39.35 -5.29 37.49
C HIS G 24 -39.76 -5.33 38.96
N LEU G 25 -41.02 -5.69 39.19
CA LEU G 25 -41.64 -5.78 40.51
C LEU G 25 -42.07 -7.21 40.80
N CYS G 26 -42.81 -7.78 39.84
CA CYS G 26 -43.43 -9.07 39.92
C CYS G 26 -43.46 -9.75 38.61
N GLY G 27 -43.67 -11.05 38.68
CA GLY G 27 -43.90 -11.88 37.51
C GLY G 27 -45.38 -11.85 37.28
N GLY G 28 -45.82 -12.36 36.13
CA GLY G 28 -47.21 -12.44 35.74
C GLY G 28 -47.37 -13.56 34.73
N VAL G 29 -48.61 -13.92 34.42
CA VAL G 29 -48.82 -15.00 33.46
C VAL G 29 -49.99 -14.63 32.50
N LEU G 30 -49.72 -14.66 31.19
CA LEU G 30 -50.70 -14.37 30.16
C LEU G 30 -51.75 -15.49 30.14
N VAL G 31 -52.98 -15.18 30.52
CA VAL G 31 -54.08 -16.15 30.64
C VAL G 31 -55.10 -15.97 29.51
N ALA G 32 -55.09 -14.79 28.90
CA ALA G 32 -55.93 -14.39 27.76
C ALA G 32 -55.15 -13.41 26.88
N GLU G 33 -55.60 -13.15 25.63
CA GLU G 33 -54.94 -12.19 24.74
C GLU G 33 -54.75 -10.81 25.37
N GLN G 34 -55.65 -10.36 26.25
CA GLN G 34 -55.56 -9.03 26.84
C GLN G 34 -55.58 -9.05 28.37
N TRP G 35 -55.27 -10.21 28.98
CA TRP G 35 -55.27 -10.34 30.43
C TRP G 35 -54.07 -11.09 30.98
N VAL G 36 -53.43 -10.49 31.99
CA VAL G 36 -52.27 -11.06 32.67
C VAL G 36 -52.65 -11.25 34.14
N LEU G 37 -52.53 -12.48 34.63
CA LEU G 37 -52.82 -12.85 36.01
C LEU G 37 -51.54 -12.73 36.82
N SER G 38 -51.61 -12.07 37.98
CA SER G 38 -50.48 -11.83 38.88
C SER G 38 -50.97 -11.83 40.34
N ALA G 39 -50.13 -11.36 41.30
CA ALA G 39 -50.48 -11.30 42.72
C ALA G 39 -50.95 -9.92 43.10
N ALA G 40 -51.98 -9.86 43.94
CA ALA G 40 -52.61 -8.63 44.38
C ALA G 40 -51.67 -7.56 45.00
N HIS G 41 -50.72 -7.94 45.87
CA HIS G 41 -49.91 -6.94 46.59
C HIS G 41 -48.67 -6.47 45.83
N CYS G 42 -48.63 -6.71 44.52
CA CYS G 42 -47.52 -6.29 43.68
C CYS G 42 -47.56 -4.80 43.52
N LEU G 43 -48.79 -4.26 43.34
CA LEU G 43 -49.06 -2.86 43.10
C LEU G 43 -49.38 -2.07 44.38
N GLU G 44 -49.01 -2.65 45.55
CA GLU G 44 -49.17 -2.00 46.84
C GLU G 44 -48.06 -0.98 46.98
N ASP G 45 -48.47 0.32 46.94
CA ASP G 45 -47.67 1.56 47.03
C ASP G 45 -47.13 1.98 45.61
N ALA G 46 -47.71 1.41 44.51
CA ALA G 46 -47.38 1.78 43.12
C ALA G 46 -47.80 3.25 42.87
N ALA G 47 -49.11 3.55 43.13
CA ALA G 47 -49.82 4.84 43.04
C ALA G 47 -49.36 5.65 41.84
N ASP G 48 -48.61 6.74 42.07
CA ASP G 48 -48.05 7.60 41.03
C ASP G 48 -46.86 6.85 40.39
N GLY G 49 -47.12 6.27 39.22
CA GLY G 49 -46.13 5.49 38.48
C GLY G 49 -46.74 4.73 37.31
N LYS G 50 -46.10 4.81 36.15
CA LYS G 50 -46.52 4.12 34.93
C LYS G 50 -46.35 2.57 35.11
N VAL G 51 -47.46 1.85 35.49
CA VAL G 51 -47.42 0.38 35.62
C VAL G 51 -47.49 -0.26 34.21
N GLN G 52 -46.70 -1.32 33.93
CA GLN G 52 -46.68 -1.97 32.63
C GLN G 52 -46.32 -3.42 32.68
N VAL G 53 -46.74 -4.15 31.65
CA VAL G 53 -46.50 -5.58 31.48
C VAL G 53 -45.60 -5.79 30.27
N LEU G 54 -44.45 -6.46 30.47
CA LEU G 54 -43.50 -6.77 29.41
C LEU G 54 -43.67 -8.23 28.95
N LEU G 55 -44.10 -8.40 27.71
CA LEU G 55 -44.32 -9.72 27.12
C LEU G 55 -43.24 -10.05 26.11
N GLY G 56 -43.08 -11.35 25.84
CA GLY G 56 -42.09 -11.87 24.90
C GLY G 56 -40.65 -11.64 25.31
N ALA G 57 -40.39 -11.47 26.62
CA ALA G 57 -39.05 -11.20 27.12
C ALA G 57 -38.32 -12.40 27.68
N HIS G 58 -37.01 -12.30 27.65
CA HIS G 58 -36.07 -13.19 28.28
C HIS G 58 -35.11 -12.30 29.08
N SER G 59 -34.41 -11.39 28.38
CA SER G 59 -33.58 -10.38 29.03
C SER G 59 -34.46 -9.20 29.27
N LEU G 60 -34.38 -8.64 30.47
CA LEU G 60 -35.17 -7.49 30.81
C LEU G 60 -34.66 -6.20 30.11
N SER G 61 -33.33 -6.12 29.85
CA SER G 61 -32.65 -4.93 29.34
C SER G 61 -32.32 -4.96 27.84
N GLN G 62 -31.92 -6.12 27.32
CA GLN G 62 -31.46 -6.27 25.95
C GLN G 62 -32.58 -6.29 24.92
N PRO G 63 -32.35 -5.76 23.69
CA PRO G 63 -33.42 -5.78 22.68
C PRO G 63 -33.66 -7.22 22.16
N GLU G 64 -34.95 -7.54 21.98
CA GLU G 64 -35.44 -8.83 21.49
C GLU G 64 -36.63 -8.59 20.55
N PRO G 65 -36.70 -9.33 19.41
CA PRO G 65 -37.80 -9.12 18.45
C PRO G 65 -39.18 -9.26 19.09
N SER G 66 -39.36 -10.33 19.89
CA SER G 66 -40.57 -10.73 20.61
C SER G 66 -40.99 -9.73 21.71
N LYS G 67 -40.01 -9.03 22.35
CA LYS G 67 -40.26 -8.09 23.44
C LYS G 67 -41.21 -6.96 23.04
N ARG G 68 -42.33 -6.83 23.77
CA ARG G 68 -43.29 -5.75 23.59
C ARG G 68 -43.86 -5.34 24.97
N LEU G 69 -43.79 -4.04 25.23
CA LEU G 69 -44.24 -3.44 26.46
C LEU G 69 -45.70 -2.94 26.31
N TYR G 70 -46.57 -3.30 27.27
CA TYR G 70 -48.01 -2.97 27.24
C TYR G 70 -48.44 -2.17 28.45
N ASP G 71 -49.35 -1.21 28.23
CA ASP G 71 -49.88 -0.37 29.29
C ASP G 71 -51.02 -1.11 29.96
N VAL G 72 -51.22 -0.87 31.25
CA VAL G 72 -52.30 -1.56 31.95
C VAL G 72 -53.53 -0.66 31.95
N LEU G 73 -54.54 -1.06 31.20
CA LEU G 73 -55.79 -0.32 31.06
C LEU G 73 -56.66 -0.43 32.32
N ARG G 74 -56.62 -1.58 32.99
CA ARG G 74 -57.46 -1.85 34.15
C ARG G 74 -56.75 -2.84 35.09
N ALA G 75 -56.70 -2.56 36.41
CA ALA G 75 -56.06 -3.47 37.38
C ALA G 75 -57.09 -3.96 38.37
N VAL G 76 -57.54 -5.19 38.19
CA VAL G 76 -58.60 -5.79 39.00
C VAL G 76 -58.03 -6.72 40.08
N PRO G 77 -57.83 -6.24 41.32
CA PRO G 77 -57.40 -7.16 42.40
C PRO G 77 -58.59 -7.97 42.90
N HIS G 78 -58.33 -9.09 43.59
CA HIS G 78 -59.45 -9.87 44.15
C HIS G 78 -60.14 -9.03 45.21
N PRO G 79 -61.48 -8.95 45.18
CA PRO G 79 -62.21 -8.10 46.13
C PRO G 79 -61.85 -8.34 47.61
N ASP G 80 -61.61 -9.60 47.99
CA ASP G 80 -61.33 -9.96 49.38
C ASP G 80 -59.83 -10.00 49.73
N SER G 81 -58.98 -9.43 48.85
CA SER G 81 -57.54 -9.35 49.10
C SER G 81 -57.30 -8.25 50.14
N GLN G 82 -56.34 -8.47 51.02
CA GLN G 82 -55.95 -7.63 52.14
C GLN G 82 -54.47 -7.71 52.32
N PRO G 83 -53.76 -6.60 52.58
CA PRO G 83 -52.30 -6.69 52.76
C PRO G 83 -51.86 -7.51 53.98
N ASP G 84 -52.76 -7.74 54.96
CA ASP G 84 -52.45 -8.48 56.19
C ASP G 84 -52.51 -9.99 55.98
N THR G 85 -53.30 -10.43 54.97
CA THR G 85 -53.48 -11.85 54.71
C THR G 85 -52.82 -12.26 53.42
N ILE G 86 -52.52 -13.55 53.32
CA ILE G 86 -51.97 -14.19 52.16
C ILE G 86 -53.13 -14.80 51.32
N ASP G 87 -54.36 -14.51 51.74
CA ASP G 87 -55.57 -14.99 51.11
C ASP G 87 -56.03 -14.12 49.97
N HIS G 88 -56.53 -14.78 48.91
CA HIS G 88 -57.09 -14.20 47.69
C HIS G 88 -56.09 -13.25 47.05
N ASP G 89 -54.81 -13.63 47.08
CA ASP G 89 -53.68 -12.84 46.57
C ASP G 89 -53.56 -12.94 45.05
N LEU G 90 -54.62 -12.52 44.36
CA LEU G 90 -54.67 -12.52 42.90
C LEU G 90 -54.96 -11.12 42.39
N LEU G 91 -54.47 -10.84 41.16
CA LEU G 91 -54.59 -9.55 40.47
C LEU G 91 -54.71 -9.79 39.00
N LEU G 92 -55.74 -9.22 38.38
CA LEU G 92 -55.99 -9.38 36.94
C LEU G 92 -55.77 -8.07 36.24
N LEU G 93 -54.73 -8.03 35.39
CA LEU G 93 -54.31 -6.84 34.66
C LEU G 93 -54.77 -6.91 33.24
N GLN G 94 -55.60 -5.93 32.85
CA GLN G 94 -56.08 -5.83 31.46
C GLN G 94 -55.13 -4.96 30.67
N LEU G 95 -54.54 -5.51 29.60
CA LEU G 95 -53.61 -4.77 28.75
C LEU G 95 -54.35 -3.72 27.93
N SER G 96 -53.67 -2.63 27.56
CA SER G 96 -54.21 -1.48 26.79
C SER G 96 -54.83 -1.96 25.47
N GLU G 97 -54.23 -3.01 24.87
CA GLU G 97 -54.68 -3.65 23.65
C GLU G 97 -54.33 -5.15 23.70
N LYS G 98 -54.96 -5.98 22.82
CA LYS G 98 -54.66 -7.41 22.79
C LYS G 98 -53.21 -7.63 22.44
N ALA G 99 -52.56 -8.58 23.13
CA ALA G 99 -51.16 -8.92 22.90
C ALA G 99 -50.95 -9.53 21.52
N THR G 100 -49.82 -9.17 20.88
CA THR G 100 -49.45 -9.73 19.58
C THR G 100 -48.93 -11.13 19.85
N LEU G 101 -49.72 -12.14 19.46
CA LEU G 101 -49.35 -13.53 19.71
C LEU G 101 -48.37 -14.06 18.69
N GLY G 102 -47.53 -14.96 19.15
CA GLY G 102 -46.50 -15.62 18.35
C GLY G 102 -45.80 -16.72 19.12
N PRO G 103 -44.66 -17.24 18.62
CA PRO G 103 -43.99 -18.34 19.34
C PRO G 103 -43.42 -17.94 20.70
N ALA G 104 -43.19 -16.63 20.92
CA ALA G 104 -42.61 -16.13 22.16
C ALA G 104 -43.64 -15.48 23.07
N VAL G 105 -44.87 -15.27 22.57
CA VAL G 105 -46.01 -14.69 23.30
C VAL G 105 -47.23 -15.58 23.07
N ARG G 106 -47.62 -16.36 24.10
CA ARG G 106 -48.76 -17.27 24.02
C ARG G 106 -49.41 -17.42 25.39
N PRO G 107 -50.75 -17.29 25.50
CA PRO G 107 -51.39 -17.49 26.80
C PRO G 107 -51.29 -18.93 27.29
N LEU G 108 -51.21 -19.11 28.62
CA LEU G 108 -51.14 -20.43 29.25
C LEU G 108 -52.53 -20.90 29.73
N PRO G 109 -52.94 -22.15 29.36
CA PRO G 109 -54.19 -22.69 29.91
C PRO G 109 -54.08 -22.89 31.42
N TRP G 110 -55.02 -22.30 32.16
CA TRP G 110 -55.04 -22.39 33.61
C TRP G 110 -56.08 -23.45 34.06
N GLN G 111 -55.83 -24.07 35.22
CA GLN G 111 -56.66 -25.11 35.78
C GLN G 111 -58.07 -24.60 36.18
N ARG G 112 -59.12 -25.25 35.60
CA ARG G 112 -60.52 -24.93 35.92
C ARG G 112 -61.16 -25.94 36.89
N VAL G 113 -60.66 -27.21 36.86
CA VAL G 113 -61.09 -28.29 37.74
C VAL G 113 -60.46 -28.09 39.14
N ASP G 114 -61.28 -27.78 40.19
CA ASP G 114 -60.78 -27.59 41.56
C ASP G 114 -60.34 -28.95 42.18
N ARG G 115 -59.11 -29.37 41.91
CA ARG G 115 -58.49 -30.60 42.39
C ARG G 115 -57.04 -30.29 42.80
N ASP G 116 -56.68 -30.67 44.05
CA ASP G 116 -55.33 -30.45 44.60
C ASP G 116 -54.29 -31.20 43.79
N VAL G 117 -53.14 -30.55 43.56
CA VAL G 117 -52.02 -31.20 42.85
C VAL G 117 -51.43 -32.19 43.85
N ALA G 118 -51.32 -33.45 43.40
CA ALA G 118 -50.77 -34.54 44.19
C ALA G 118 -49.37 -34.20 44.79
N PRO G 119 -49.16 -34.29 46.12
CA PRO G 119 -47.81 -34.01 46.67
C PRO G 119 -46.75 -34.82 45.94
N GLY G 120 -45.56 -34.25 45.84
CA GLY G 120 -44.48 -34.90 45.12
C GLY G 120 -44.48 -34.63 43.62
N THR G 121 -45.52 -33.94 43.09
CA THR G 121 -45.57 -33.57 41.67
C THR G 121 -44.54 -32.48 41.45
N LEU G 122 -43.75 -32.62 40.37
CA LEU G 122 -42.74 -31.61 40.03
C LEU G 122 -43.38 -30.50 39.23
N CYS G 123 -43.29 -29.29 39.76
CA CYS G 123 -43.87 -28.12 39.10
C CYS G 123 -42.77 -27.11 38.80
N ASP G 124 -42.96 -26.39 37.69
CA ASP G 124 -42.01 -25.40 37.22
C ASP G 124 -42.45 -23.97 37.63
N VAL G 125 -41.58 -23.26 38.34
CA VAL G 125 -41.81 -21.87 38.73
C VAL G 125 -40.69 -21.03 38.09
N ALA G 126 -41.08 -19.95 37.38
CA ALA G 126 -40.13 -19.07 36.69
C ALA G 126 -40.32 -17.62 37.07
N GLY G 127 -39.25 -16.83 36.96
CA GLY G 127 -39.29 -15.41 37.28
C GLY G 127 -37.97 -14.68 37.28
N TRP G 128 -38.03 -13.35 37.35
CA TRP G 128 -36.89 -12.43 37.40
C TRP G 128 -36.63 -11.94 38.84
N GLY G 129 -37.11 -12.73 39.81
CA GLY G 129 -36.93 -12.45 41.23
C GLY G 129 -35.50 -12.68 41.67
N ILE G 130 -35.14 -12.22 42.88
CA ILE G 130 -33.76 -12.31 43.40
C ILE G 130 -33.23 -13.76 43.34
N VAL G 131 -31.94 -13.88 42.97
CA VAL G 131 -31.27 -15.17 42.77
C VAL G 131 -30.38 -15.57 43.96
N ASN G 132 -30.22 -14.68 44.94
CA ASN G 132 -29.48 -14.98 46.17
C ASN G 132 -29.97 -14.12 47.32
N HIS G 133 -29.57 -14.46 48.55
CA HIS G 133 -30.01 -13.74 49.74
C HIS G 133 -29.45 -12.32 49.78
N ALA G 134 -28.31 -12.10 49.07
CA ALA G 134 -27.70 -10.77 48.93
C ALA G 134 -28.62 -9.86 48.08
N GLY G 135 -29.53 -10.47 47.34
CA GLY G 135 -30.52 -9.74 46.57
C GLY G 135 -30.20 -9.47 45.12
N ARG G 136 -29.32 -10.29 44.48
CA ARG G 136 -28.94 -10.13 43.08
C ARG G 136 -30.20 -10.22 42.20
N ARG G 137 -30.45 -9.14 41.45
CA ARG G 137 -31.57 -9.04 40.52
C ARG G 137 -31.12 -9.64 39.14
N PRO G 138 -31.66 -10.79 38.67
CA PRO G 138 -31.21 -11.34 37.37
C PRO G 138 -31.76 -10.57 36.17
N ASP G 139 -30.97 -10.45 35.07
CA ASP G 139 -31.41 -9.80 33.82
C ASP G 139 -32.25 -10.76 33.01
N SER G 140 -31.83 -12.03 32.96
CA SER G 140 -32.54 -13.05 32.20
C SER G 140 -33.43 -13.90 33.11
N LEU G 141 -34.51 -14.48 32.49
CA LEU G 141 -35.47 -15.32 33.16
C LEU G 141 -34.80 -16.56 33.74
N GLN G 142 -35.11 -16.83 35.02
CA GLN G 142 -34.68 -17.98 35.82
C GLN G 142 -35.87 -18.89 36.02
N HIS G 143 -35.62 -20.14 36.37
CA HIS G 143 -36.68 -21.12 36.66
C HIS G 143 -36.12 -22.22 37.58
N VAL G 144 -37.02 -22.97 38.23
CA VAL G 144 -36.65 -24.06 39.13
C VAL G 144 -37.80 -25.08 39.12
N LEU G 145 -37.47 -26.38 39.25
CA LEU G 145 -38.45 -27.47 39.34
C LEU G 145 -38.60 -27.85 40.80
N LEU G 146 -39.81 -27.62 41.36
CA LEU G 146 -40.04 -27.90 42.77
C LEU G 146 -41.15 -28.92 42.94
N PRO G 147 -40.98 -29.87 43.89
CA PRO G 147 -42.07 -30.82 44.16
C PRO G 147 -43.09 -30.20 45.14
N VAL G 148 -44.37 -30.45 44.83
CA VAL G 148 -45.51 -29.99 45.63
C VAL G 148 -45.47 -30.67 47.00
N LEU G 149 -45.61 -29.88 48.05
CA LEU G 149 -45.60 -30.36 49.42
C LEU G 149 -47.04 -30.52 49.95
N ASP G 150 -47.31 -31.62 50.67
CA ASP G 150 -48.65 -31.85 51.24
C ASP G 150 -49.05 -30.69 52.18
N ARG G 151 -50.35 -30.41 52.21
CA ARG G 151 -50.86 -29.26 52.95
C ARG G 151 -50.65 -29.41 54.43
N ALA G 152 -50.96 -30.61 55.00
CA ALA G 152 -50.86 -30.93 56.42
C ALA G 152 -49.46 -30.63 56.98
N THR G 153 -48.36 -31.07 56.25
CA THR G 153 -47.00 -30.81 56.66
C THR G 153 -46.79 -29.34 56.72
N CYS G 154 -47.12 -28.67 55.64
CA CYS G 154 -46.99 -27.26 55.44
C CYS G 154 -47.64 -26.44 56.53
N ASN G 155 -48.69 -27.00 57.11
CA ASN G 155 -49.47 -26.40 58.17
C ASN G 155 -48.85 -26.61 59.58
N ARG G 156 -47.81 -27.48 59.74
CA ARG G 156 -47.17 -27.72 61.04
C ARG G 156 -46.81 -26.44 61.74
N ARG G 157 -46.56 -26.49 63.06
CA ARG G 157 -46.23 -25.25 63.77
C ARG G 157 -44.82 -24.87 63.44
N THR G 158 -44.01 -25.89 63.13
CA THR G 158 -42.61 -25.78 62.70
C THR G 158 -42.56 -25.07 61.30
N HIS G 159 -43.70 -25.11 60.57
CA HIS G 159 -43.89 -24.58 59.22
C HIS G 159 -44.79 -23.33 59.16
N HIS G 160 -45.95 -23.39 58.47
CA HIS G 160 -46.77 -22.18 58.30
C HIS G 160 -47.95 -22.05 59.33
N ASP G 161 -47.97 -22.92 60.39
CA ASP G 161 -48.92 -22.84 61.51
C ASP G 161 -50.42 -22.71 61.03
N GLY G 162 -50.82 -23.58 60.12
CA GLY G 162 -52.18 -23.61 59.62
C GLY G 162 -52.61 -22.53 58.66
N ALA G 163 -51.70 -21.57 58.33
CA ALA G 163 -51.96 -20.48 57.37
C ALA G 163 -52.33 -20.99 55.97
N ILE G 164 -51.96 -22.23 55.60
CA ILE G 164 -52.26 -22.75 54.27
C ILE G 164 -53.72 -23.30 54.20
N THR G 165 -54.60 -22.49 53.58
CA THR G 165 -56.00 -22.78 53.40
C THR G 165 -56.19 -23.75 52.24
N GLU G 166 -57.45 -24.11 52.00
CA GLU G 166 -57.91 -25.05 50.99
C GLU G 166 -57.72 -24.44 49.58
N ARG G 167 -57.49 -23.10 49.51
CA ARG G 167 -57.34 -22.23 48.33
C ARG G 167 -55.83 -21.93 48.02
N LEU G 168 -54.94 -22.36 48.90
CA LEU G 168 -53.49 -22.23 48.76
C LEU G 168 -52.81 -23.61 48.59
N MET G 169 -51.57 -23.60 48.10
CA MET G 169 -50.76 -24.80 47.89
C MET G 169 -49.30 -24.48 48.21
N CYS G 170 -48.49 -25.46 48.56
CA CYS G 170 -47.12 -25.06 48.85
C CYS G 170 -46.11 -26.06 48.32
N ALA G 171 -44.94 -25.58 47.86
CA ALA G 171 -43.92 -26.48 47.32
C ALA G 171 -42.65 -26.44 48.20
N GLU G 172 -41.75 -27.49 48.02
CA GLU G 172 -40.49 -27.64 48.76
C GLU G 172 -39.60 -26.41 48.62
N SER G 173 -38.96 -25.98 49.72
CA SER G 173 -38.16 -24.76 49.69
C SER G 173 -36.76 -24.94 50.28
N ASN G 174 -36.13 -26.09 50.03
CA ASN G 174 -34.79 -26.36 50.56
C ASN G 174 -33.77 -25.89 49.56
N ARG G 175 -33.16 -24.69 49.83
CA ARG G 175 -32.17 -23.99 48.98
C ARG G 175 -32.86 -23.52 47.65
N ARG G 176 -33.43 -24.44 46.86
CA ARG G 176 -34.17 -24.14 45.64
C ARG G 176 -35.58 -23.64 46.01
N ASP G 177 -35.92 -22.37 45.69
CA ASP G 177 -37.19 -21.73 46.05
C ASP G 177 -37.59 -20.51 45.15
N SER G 178 -38.76 -19.94 45.42
CA SER G 178 -39.26 -18.71 44.82
C SER G 178 -38.96 -17.60 45.83
N CYS G 179 -38.82 -16.34 45.39
CA CYS G 179 -38.46 -15.27 46.33
C CYS G 179 -38.95 -13.91 45.87
N LYS G 180 -38.53 -12.85 46.56
CA LYS G 180 -38.83 -11.45 46.27
C LYS G 180 -38.71 -11.23 44.78
N GLY G 181 -39.76 -10.76 44.14
CA GLY G 181 -39.72 -10.49 42.72
C GLY G 181 -40.38 -11.57 41.90
N ASP G 182 -40.45 -12.80 42.44
CA ASP G 182 -41.08 -13.97 41.77
C ASP G 182 -42.61 -13.96 41.95
N SER G 183 -43.11 -13.08 42.83
CA SER G 183 -44.49 -12.85 43.22
C SER G 183 -45.38 -12.61 42.01
N GLY G 184 -46.52 -13.28 41.97
CA GLY G 184 -47.45 -13.19 40.84
C GLY G 184 -47.10 -14.12 39.70
N GLY G 185 -45.87 -14.69 39.75
CA GLY G 185 -45.33 -15.61 38.76
C GLY G 185 -46.04 -16.94 38.72
N PRO G 186 -45.88 -17.71 37.63
CA PRO G 186 -46.60 -18.97 37.51
C PRO G 186 -45.93 -20.18 38.16
N LEU G 187 -46.76 -21.13 38.65
CA LEU G 187 -46.39 -22.44 39.13
C LEU G 187 -47.11 -23.36 38.14
N VAL G 188 -46.35 -23.99 37.24
CA VAL G 188 -46.92 -24.80 36.18
C VAL G 188 -46.63 -26.28 36.41
N CYS G 189 -47.69 -27.13 36.38
CA CYS G 189 -47.63 -28.58 36.54
C CYS G 189 -48.31 -29.21 35.36
N GLY G 190 -47.55 -30.03 34.63
CA GLY G 190 -48.03 -30.71 33.43
C GLY G 190 -48.50 -29.75 32.35
N GLY G 191 -47.72 -28.67 32.15
CA GLY G 191 -47.99 -27.62 31.17
C GLY G 191 -49.25 -26.82 31.41
N VAL G 192 -49.84 -26.93 32.63
CA VAL G 192 -51.05 -26.22 33.02
C VAL G 192 -50.74 -25.34 34.23
N LEU G 193 -51.26 -24.08 34.23
CA LEU G 193 -51.09 -23.19 35.35
C LEU G 193 -51.87 -23.73 36.56
N GLU G 194 -51.18 -24.00 37.68
CA GLU G 194 -51.80 -24.50 38.91
C GLU G 194 -51.79 -23.43 40.01
N GLY G 195 -50.65 -22.78 40.21
CA GLY G 195 -50.54 -21.75 41.23
C GLY G 195 -49.98 -20.41 40.77
N VAL G 196 -50.10 -19.40 41.62
CA VAL G 196 -49.54 -18.06 41.39
C VAL G 196 -48.76 -17.63 42.63
N VAL G 197 -47.44 -17.44 42.52
CA VAL G 197 -46.53 -17.09 43.65
C VAL G 197 -47.15 -15.92 44.45
N THR G 198 -47.18 -16.03 45.80
CA THR G 198 -47.76 -15.01 46.67
C THR G 198 -46.90 -13.72 46.68
N SER G 199 -47.54 -12.57 46.98
CA SER G 199 -46.86 -11.26 46.99
C SER G 199 -46.62 -10.75 48.39
N GLY G 200 -46.83 -11.63 49.36
CA GLY G 200 -46.60 -11.28 50.75
C GLY G 200 -45.19 -11.65 51.12
N SER G 201 -44.52 -10.73 51.87
CA SER G 201 -43.17 -10.86 52.39
C SER G 201 -42.98 -12.20 53.12
N ARG G 202 -41.84 -12.88 52.89
CA ARG G 202 -41.56 -14.20 53.46
C ARG G 202 -40.06 -14.63 53.42
N VAL G 203 -39.71 -15.66 54.22
CA VAL G 203 -38.37 -16.21 54.28
C VAL G 203 -38.16 -17.18 53.10
N CYS G 204 -37.08 -16.95 52.31
CA CYS G 204 -36.80 -17.82 51.16
C CYS G 204 -35.71 -18.84 51.46
N GLY G 205 -35.79 -19.96 50.76
CA GLY G 205 -34.78 -21.02 50.78
C GLY G 205 -34.71 -21.94 51.97
N ASN G 206 -35.43 -21.59 53.06
CA ASN G 206 -35.52 -22.35 54.32
C ASN G 206 -36.54 -23.47 54.13
N ARG G 207 -36.11 -24.73 54.28
CA ARG G 207 -36.95 -25.92 54.02
C ARG G 207 -38.17 -26.04 54.95
N LYS G 208 -38.10 -25.45 56.15
CA LYS G 208 -39.19 -25.53 57.12
C LYS G 208 -40.24 -24.44 56.91
N LYS G 209 -40.01 -23.53 55.94
CA LYS G 209 -40.96 -22.47 55.58
C LYS G 209 -41.21 -22.61 54.09
N PRO G 210 -42.08 -23.57 53.67
CA PRO G 210 -42.26 -23.83 52.24
C PRO G 210 -42.81 -22.64 51.43
N GLY G 211 -42.66 -22.77 50.11
CA GLY G 211 -43.13 -21.76 49.18
C GLY G 211 -44.63 -21.77 49.26
N ILE G 212 -45.29 -20.60 49.14
CA ILE G 212 -46.75 -20.47 49.16
C ILE G 212 -47.21 -19.96 47.78
N TYR G 213 -48.20 -20.65 47.16
CA TYR G 213 -48.76 -20.37 45.82
C TYR G 213 -50.29 -20.44 45.87
N THR G 214 -50.97 -19.44 45.31
CA THR G 214 -52.43 -19.37 45.26
C THR G 214 -52.95 -20.31 44.18
N ARG G 215 -53.84 -21.23 44.53
CA ARG G 215 -54.42 -22.21 43.60
C ARG G 215 -55.39 -21.51 42.65
N VAL G 216 -55.10 -21.48 41.35
CA VAL G 216 -55.95 -20.76 40.38
C VAL G 216 -57.34 -21.41 40.26
N ALA G 217 -57.42 -22.77 40.24
CA ALA G 217 -58.69 -23.51 40.14
C ALA G 217 -59.65 -23.09 41.27
N SER G 218 -59.10 -22.73 42.43
CA SER G 218 -59.86 -22.26 43.58
C SER G 218 -60.56 -20.91 43.33
N TYR G 219 -60.09 -20.12 42.33
CA TYR G 219 -60.62 -18.79 41.98
C TYR G 219 -61.13 -18.71 40.54
N ALA G 220 -61.30 -19.88 39.89
CA ALA G 220 -61.75 -20.06 38.50
C ALA G 220 -62.98 -19.23 38.15
N ALA G 221 -64.00 -19.26 39.03
CA ALA G 221 -65.25 -18.51 38.85
C ALA G 221 -65.01 -17.00 38.78
N TRP G 222 -64.17 -16.45 39.71
CA TRP G 222 -63.83 -15.03 39.73
C TRP G 222 -63.07 -14.61 38.47
N ILE G 223 -62.02 -15.39 38.08
CA ILE G 223 -61.19 -15.14 36.89
C ILE G 223 -62.11 -15.06 35.69
N ASP G 224 -63.01 -16.06 35.51
CA ASP G 224 -63.98 -16.10 34.41
C ASP G 224 -64.82 -14.83 34.39
N SER G 225 -65.34 -14.45 35.56
CA SER G 225 -66.18 -13.28 35.76
C SER G 225 -65.48 -12.00 35.23
N VAL G 226 -64.20 -11.80 35.62
CA VAL G 226 -63.42 -10.62 35.24
C VAL G 226 -63.11 -10.65 33.72
N LEU G 227 -62.54 -11.78 33.21
CA LEU G 227 -62.18 -11.96 31.81
C LEU G 227 -63.38 -11.75 30.85
N ALA G 228 -64.61 -12.12 31.28
CA ALA G 228 -65.82 -11.93 30.49
C ALA G 228 -66.28 -10.47 30.54
#